data_9L0N
#
_entry.id   9L0N
#
_cell.length_a   92.037
_cell.length_b   112.936
_cell.length_c   99.389
_cell.angle_alpha   90.000
_cell.angle_beta   101.227
_cell.angle_gamma   90.000
#
_symmetry.space_group_name_H-M   'P 1 21 1'
#
loop_
_entity.id
_entity.type
_entity.pdbx_description
1 polymer 'Beta-glucosidase Ks5A7'
2 non-polymer 'CALCIUM ION'
3 water water
#
_entity_poly.entity_id   1
_entity_poly.type   'polypeptide(L)'
_entity_poly.pdbx_seq_one_letter_code
;MKFNENFVWGVATSSYQIEGAYNEDGRGKDIWGDYCSIPGIIFDNHNGDKACEHYYRYKEDVAIMKEMGIKAYRFSIAWA
RIFPEGIGKINQKGVDFYHNLIDELIKNDIVPYVTLFHWDLPLELAEKGGWLNDDSVEWFKDYAEFFGKEYGHKIKYIMT
FNEPQCTIGLGLQQGIHAPGVKLSPKAVLKSTHNLLKAHGAAVKVLRKVAPNTQLGINPTCGVALPISENKKDIEIARKR
YFDILDLNDAYVWSVSLFLDPIVLGDYPTKYYELYKEHLPKITQEDLKLISQPLDFLAQNIYNGYRVSEDENGNYVYPKR
KAGYDHTDMGWPITPSALYWGPRFICERYNLPFYITENGLACHDVVSLDNKVHDPNRIDFLNKYLLDYSRASCEGYDIRG
YFQWSLMDNFEWREGYSKRFGMVYVDFETQKRTIKDSGYWYKKVIEENGENLLEHHHHHH
;
_entity_poly.pdbx_strand_id   A,B,C,D
#
loop_
_chem_comp.id
_chem_comp.type
_chem_comp.name
_chem_comp.formula
CA non-polymer 'CALCIUM ION' 'Ca 2'
#
# COMPACT_ATOMS: atom_id res chain seq x y z
N MET A 1 23.02 38.03 -30.90
CA MET A 1 23.78 36.79 -30.74
C MET A 1 23.28 36.00 -29.53
N LYS A 2 22.12 35.36 -29.68
CA LYS A 2 21.60 34.53 -28.61
C LYS A 2 22.51 33.33 -28.36
N PHE A 3 22.98 32.71 -29.42
CA PHE A 3 23.90 31.59 -29.35
C PHE A 3 25.06 31.81 -30.31
N ASN A 4 26.10 31.02 -30.14
CA ASN A 4 27.27 31.14 -31.02
C ASN A 4 26.98 30.50 -32.38
N GLU A 5 27.81 30.84 -33.37
CA GLU A 5 27.58 30.36 -34.72
C GLU A 5 27.83 28.86 -34.83
N ASN A 6 28.70 28.31 -33.99
CA ASN A 6 29.01 26.89 -34.01
C ASN A 6 28.02 26.06 -33.21
N PHE A 7 26.98 26.69 -32.65
CA PHE A 7 26.03 25.97 -31.80
C PHE A 7 25.41 24.79 -32.55
N VAL A 8 25.18 23.70 -31.83
CA VAL A 8 24.73 22.44 -32.41
C VAL A 8 23.29 22.21 -32.01
N TRP A 9 22.41 22.12 -33.00
CA TRP A 9 20.99 21.85 -32.78
C TRP A 9 20.72 20.39 -33.14
N GLY A 10 20.16 19.63 -32.20
CA GLY A 10 19.95 18.22 -32.42
C GLY A 10 18.67 17.72 -31.79
N VAL A 11 18.34 16.47 -32.13
CA VAL A 11 17.29 15.71 -31.49
C VAL A 11 17.91 14.42 -30.97
N ALA A 12 17.19 13.75 -30.08
CA ALA A 12 17.76 12.59 -29.41
C ALA A 12 16.73 11.47 -29.32
N THR A 13 17.23 10.24 -29.46
CA THR A 13 16.45 9.02 -29.25
C THR A 13 17.30 8.03 -28.47
N SER A 14 16.77 6.83 -28.26
CA SER A 14 17.54 5.74 -27.68
C SER A 14 17.07 4.44 -28.29
N SER A 15 17.94 3.42 -28.21
CA SER A 15 17.75 2.19 -28.98
C SER A 15 16.47 1.46 -28.58
N TYR A 16 16.36 1.08 -27.30
CA TYR A 16 15.21 0.29 -26.88
C TYR A 16 13.90 1.03 -27.06
N GLN A 17 13.93 2.37 -27.00
CA GLN A 17 12.70 3.14 -27.06
C GLN A 17 12.14 3.25 -28.48
N ILE A 18 12.96 3.13 -29.52
CA ILE A 18 12.49 3.36 -30.88
C ILE A 18 12.73 2.17 -31.81
N GLU A 19 13.78 1.40 -31.55
CA GLU A 19 14.27 0.46 -32.57
C GLU A 19 13.28 -0.67 -32.83
N GLY A 20 12.75 -1.28 -31.78
CA GLY A 20 12.00 -2.48 -32.02
C GLY A 20 12.96 -3.60 -32.43
N ALA A 21 12.37 -4.62 -33.08
CA ALA A 21 13.13 -5.80 -33.50
C ALA A 21 13.90 -6.40 -32.33
N TYR A 22 13.21 -6.54 -31.19
CA TYR A 22 13.84 -7.03 -29.98
C TYR A 22 14.26 -8.49 -30.10
N ASN A 23 13.49 -9.28 -30.86
CA ASN A 23 13.76 -10.71 -31.01
C ASN A 23 13.93 -11.04 -32.49
N GLU A 24 14.71 -10.23 -33.20
CA GLU A 24 14.91 -10.44 -34.62
C GLU A 24 16.35 -10.12 -34.98
N ASP A 25 16.84 -10.76 -36.04
CA ASP A 25 18.21 -10.57 -36.53
C ASP A 25 19.24 -10.76 -35.42
N GLY A 26 19.01 -11.78 -34.58
CA GLY A 26 20.00 -12.18 -33.60
C GLY A 26 20.20 -11.25 -32.43
N ARG A 27 19.33 -10.27 -32.21
CA ARG A 27 19.47 -9.40 -31.05
C ARG A 27 19.22 -10.18 -29.78
N GLY A 28 20.12 -10.03 -28.80
CA GLY A 28 19.93 -10.68 -27.52
C GLY A 28 18.97 -9.92 -26.62
N LYS A 29 18.49 -10.61 -25.60
CA LYS A 29 17.61 -9.98 -24.62
C LYS A 29 18.39 -8.99 -23.77
N ASP A 30 17.68 -8.00 -23.24
CA ASP A 30 18.26 -7.03 -22.31
C ASP A 30 17.38 -6.93 -21.07
N ILE A 31 17.78 -6.07 -20.13
CA ILE A 31 17.10 -6.02 -18.85
C ILE A 31 15.72 -5.40 -18.97
N TRP A 32 15.53 -4.47 -19.91
CA TRP A 32 14.24 -3.81 -20.01
C TRP A 32 13.20 -4.69 -20.69
N GLY A 33 13.59 -5.43 -21.74
CA GLY A 33 12.70 -6.44 -22.28
C GLY A 33 12.34 -7.48 -21.24
N ASP A 34 13.30 -7.87 -20.40
CA ASP A 34 13.02 -8.79 -19.31
C ASP A 34 12.14 -8.15 -18.25
N TYR A 35 12.42 -6.87 -17.92
CA TYR A 35 11.61 -6.15 -16.95
C TYR A 35 10.16 -6.05 -17.41
N CYS A 36 9.94 -5.82 -18.70
CA CYS A 36 8.58 -5.70 -19.22
C CYS A 36 7.80 -7.00 -19.17
N SER A 37 8.48 -8.15 -19.16
CA SER A 37 7.76 -9.42 -19.13
C SER A 37 7.08 -9.68 -17.79
N ILE A 38 7.38 -8.90 -16.76
CA ILE A 38 6.69 -9.02 -15.48
C ILE A 38 5.36 -8.27 -15.58
N PRO A 39 4.23 -8.95 -15.42
CA PRO A 39 2.94 -8.28 -15.57
C PRO A 39 2.76 -7.15 -14.56
N GLY A 40 2.13 -6.08 -15.02
CA GLY A 40 1.82 -4.94 -14.18
C GLY A 40 2.97 -3.98 -13.95
N ILE A 41 4.13 -4.21 -14.57
CA ILE A 41 5.27 -3.33 -14.38
C ILE A 41 5.19 -2.12 -15.29
N ILE A 42 4.84 -2.33 -16.56
CA ILE A 42 4.71 -1.26 -17.54
C ILE A 42 3.24 -0.93 -17.71
N PHE A 43 2.95 0.35 -17.97
CA PHE A 43 1.60 0.80 -18.28
C PHE A 43 0.97 -0.07 -19.36
N ASP A 44 -0.16 -0.70 -19.01
CA ASP A 44 -0.91 -1.58 -19.91
C ASP A 44 -0.05 -2.69 -20.49
N ASN A 45 1.01 -3.07 -19.76
CA ASN A 45 1.94 -4.13 -20.17
C ASN A 45 2.52 -3.88 -21.55
N HIS A 46 2.85 -2.62 -21.83
CA HIS A 46 3.60 -2.31 -23.04
C HIS A 46 5.03 -2.82 -22.93
N ASN A 47 5.67 -2.97 -24.08
CA ASN A 47 7.07 -3.35 -24.14
C ASN A 47 7.71 -2.70 -25.36
N GLY A 48 8.97 -3.04 -25.59
CA GLY A 48 9.70 -2.49 -26.71
C GLY A 48 9.96 -3.48 -27.82
N ASP A 49 9.09 -4.50 -27.93
CA ASP A 49 9.24 -5.47 -29.01
C ASP A 49 9.18 -4.79 -30.37
N LYS A 50 8.18 -3.95 -30.58
CA LYS A 50 7.98 -3.24 -31.84
C LYS A 50 8.42 -1.79 -31.75
N ALA A 51 8.00 -1.08 -30.71
CA ALA A 51 8.36 0.32 -30.45
C ALA A 51 7.99 1.14 -31.70
N CYS A 52 8.93 1.90 -32.27
CA CYS A 52 8.68 2.66 -33.50
C CYS A 52 9.21 1.95 -34.73
N GLU A 53 9.69 0.71 -34.58
CA GLU A 53 10.26 -0.07 -35.68
C GLU A 53 11.33 0.72 -36.42
N HIS A 54 12.08 1.55 -35.69
CA HIS A 54 13.15 2.35 -36.29
C HIS A 54 14.22 1.47 -36.93
N TYR A 55 14.39 0.25 -36.41
CA TYR A 55 15.32 -0.71 -37.01
C TYR A 55 15.03 -0.92 -38.50
N TYR A 56 13.76 -0.99 -38.86
CA TYR A 56 13.38 -1.18 -40.26
C TYR A 56 13.09 0.12 -40.99
N ARG A 57 12.71 1.18 -40.28
CA ARG A 57 12.25 2.42 -40.90
C ARG A 57 13.24 3.57 -40.70
N TYR A 58 14.52 3.26 -40.48
CA TYR A 58 15.50 4.29 -40.15
C TYR A 58 15.68 5.29 -41.29
N LYS A 59 15.54 4.84 -42.54
CA LYS A 59 15.71 5.76 -43.66
C LYS A 59 14.62 6.84 -43.65
N GLU A 60 13.36 6.44 -43.43
CA GLU A 60 12.30 7.42 -43.30
C GLU A 60 12.58 8.41 -42.17
N ASP A 61 13.06 7.91 -41.02
CA ASP A 61 13.34 8.79 -39.90
C ASP A 61 14.48 9.75 -40.22
N VAL A 62 15.45 9.32 -41.03
CA VAL A 62 16.51 10.23 -41.44
C VAL A 62 15.98 11.23 -42.46
N ALA A 63 15.08 10.78 -43.34
CA ALA A 63 14.47 11.70 -44.30
C ALA A 63 13.61 12.73 -43.58
N ILE A 64 12.90 12.32 -42.53
CA ILE A 64 12.14 13.26 -41.73
C ILE A 64 13.08 14.25 -41.03
N MET A 65 14.24 13.77 -40.58
CA MET A 65 15.18 14.66 -39.91
C MET A 65 15.79 15.66 -40.89
N LYS A 66 16.00 15.24 -42.13
CA LYS A 66 16.47 16.17 -43.15
C LYS A 66 15.38 17.18 -43.47
N GLU A 67 14.12 16.73 -43.49
CA GLU A 67 13.01 17.65 -43.78
C GLU A 67 12.94 18.79 -42.77
N MET A 68 13.22 18.52 -41.50
CA MET A 68 13.29 19.58 -40.50
C MET A 68 14.65 20.26 -40.42
N GLY A 69 15.58 19.90 -41.30
CA GLY A 69 16.89 20.54 -41.31
C GLY A 69 17.71 20.32 -40.04
N ILE A 70 17.67 19.11 -39.50
CA ILE A 70 18.38 18.80 -38.26
C ILE A 70 19.80 18.39 -38.61
N LYS A 71 20.78 19.05 -37.98
CA LYS A 71 22.19 18.86 -38.30
C LYS A 71 22.89 17.85 -37.40
N ALA A 72 22.29 17.47 -36.28
CA ALA A 72 22.91 16.53 -35.36
C ALA A 72 21.86 15.60 -34.77
N TYR A 73 22.22 14.34 -34.60
CA TYR A 73 21.30 13.31 -34.14
C TYR A 73 21.97 12.51 -33.04
N ARG A 74 21.42 12.59 -31.84
CA ARG A 74 21.90 11.78 -30.72
C ARG A 74 21.08 10.50 -30.65
N PHE A 75 21.77 9.37 -30.59
CA PHE A 75 21.13 8.06 -30.52
C PHE A 75 22.01 7.13 -29.72
N SER A 76 21.45 5.97 -29.38
CA SER A 76 22.16 5.00 -28.55
C SER A 76 22.33 3.68 -29.29
N ILE A 77 23.37 2.95 -28.92
CA ILE A 77 23.68 1.65 -29.50
C ILE A 77 23.14 0.58 -28.57
N ALA A 78 22.40 -0.38 -29.13
CA ALA A 78 21.91 -1.53 -28.37
C ALA A 78 23.08 -2.50 -28.18
N TRP A 79 23.63 -2.51 -26.97
CA TRP A 79 24.74 -3.42 -26.65
C TRP A 79 24.39 -4.85 -27.00
N ALA A 80 23.15 -5.27 -26.73
CA ALA A 80 22.73 -6.64 -27.03
C ALA A 80 22.49 -6.87 -28.52
N ARG A 81 22.41 -5.82 -29.34
CA ARG A 81 22.27 -6.02 -30.77
C ARG A 81 23.61 -6.32 -31.45
N ILE A 82 24.72 -5.87 -30.85
CA ILE A 82 26.05 -6.18 -31.36
C ILE A 82 26.64 -7.41 -30.68
N PHE A 83 26.56 -7.44 -29.35
CA PHE A 83 26.97 -8.61 -28.56
C PHE A 83 25.71 -9.22 -27.97
N PRO A 84 25.10 -10.22 -28.62
CA PRO A 84 23.87 -10.82 -28.09
C PRO A 84 24.02 -11.38 -26.70
N GLU A 85 25.23 -11.76 -26.30
CA GLU A 85 25.47 -12.26 -24.95
C GLU A 85 26.34 -11.32 -24.14
N GLY A 86 26.39 -10.05 -24.52
CA GLY A 86 27.20 -9.06 -23.80
C GLY A 86 28.67 -9.11 -24.17
N ILE A 87 29.25 -10.32 -24.23
CA ILE A 87 30.64 -10.52 -24.60
C ILE A 87 30.74 -11.69 -25.56
N GLY A 88 31.82 -11.73 -26.31
CA GLY A 88 32.13 -12.86 -27.17
C GLY A 88 31.62 -12.67 -28.60
N LYS A 89 30.69 -13.52 -29.01
CA LYS A 89 30.28 -13.59 -30.41
C LYS A 89 29.62 -12.28 -30.87
N ILE A 90 30.00 -11.84 -32.06
CA ILE A 90 29.52 -10.59 -32.64
C ILE A 90 28.36 -10.89 -33.58
N ASN A 91 27.27 -10.14 -33.43
CA ASN A 91 26.10 -10.27 -34.30
C ASN A 91 26.27 -9.32 -35.49
N GLN A 92 26.52 -9.88 -36.67
CA GLN A 92 26.88 -9.06 -37.82
C GLN A 92 25.71 -8.21 -38.30
N LYS A 93 24.49 -8.76 -38.29
CA LYS A 93 23.34 -7.99 -38.73
C LYS A 93 23.10 -6.77 -37.84
N GLY A 94 23.55 -6.82 -36.59
CA GLY A 94 23.45 -5.65 -35.74
C GLY A 94 24.55 -4.66 -36.06
N VAL A 95 25.75 -5.18 -36.36
CA VAL A 95 26.84 -4.33 -36.82
C VAL A 95 26.47 -3.67 -38.15
N ASP A 96 25.87 -4.43 -39.06
CA ASP A 96 25.47 -3.87 -40.35
C ASP A 96 24.40 -2.80 -40.18
N PHE A 97 23.49 -2.99 -39.23
CA PHE A 97 22.41 -2.03 -39.03
C PHE A 97 22.95 -0.65 -38.65
N TYR A 98 23.83 -0.60 -37.66
CA TYR A 98 24.39 0.68 -37.24
C TYR A 98 25.29 1.28 -38.31
N HIS A 99 25.94 0.43 -39.12
CA HIS A 99 26.60 0.93 -40.32
C HIS A 99 25.60 1.61 -41.26
N ASN A 100 24.49 0.91 -41.56
CA ASN A 100 23.48 1.49 -42.45
C ASN A 100 22.87 2.75 -41.85
N LEU A 101 22.66 2.77 -40.53
CA LEU A 101 22.12 3.97 -39.89
C LEU A 101 23.10 5.12 -39.95
N ILE A 102 24.37 4.87 -39.60
CA ILE A 102 25.37 5.93 -39.60
C ILE A 102 25.59 6.46 -41.02
N ASP A 103 25.70 5.56 -41.99
CA ASP A 103 25.91 6.00 -43.38
C ASP A 103 24.76 6.86 -43.87
N GLU A 104 23.53 6.48 -43.51
CA GLU A 104 22.38 7.29 -43.89
C GLU A 104 22.45 8.68 -43.24
N LEU A 105 22.95 8.74 -42.01
CA LEU A 105 23.10 10.02 -41.34
C LEU A 105 24.14 10.90 -42.04
N ILE A 106 25.32 10.34 -42.31
CA ILE A 106 26.37 11.11 -42.99
C ILE A 106 25.92 11.50 -44.39
N LYS A 107 25.25 10.58 -45.09
CA LYS A 107 24.78 10.87 -46.45
C LYS A 107 23.85 12.08 -46.47
N ASN A 108 23.19 12.36 -45.35
CA ASN A 108 22.24 13.47 -45.30
C ASN A 108 22.75 14.62 -44.44
N ASP A 109 24.08 14.72 -44.27
CA ASP A 109 24.70 15.86 -43.60
C ASP A 109 24.19 16.02 -42.17
N ILE A 110 24.04 14.90 -41.46
CA ILE A 110 23.66 14.89 -40.06
C ILE A 110 24.81 14.28 -39.26
N VAL A 111 25.23 14.97 -38.21
CA VAL A 111 26.39 14.56 -37.41
C VAL A 111 25.91 13.60 -36.34
N PRO A 112 26.41 12.36 -36.30
CA PRO A 112 25.98 11.41 -35.27
C PRO A 112 26.60 11.71 -33.91
N TYR A 113 25.77 11.61 -32.87
CA TYR A 113 26.22 11.66 -31.48
C TYR A 113 25.79 10.36 -30.82
N VAL A 114 26.76 9.56 -30.40
CA VAL A 114 26.52 8.17 -30.02
C VAL A 114 26.58 8.05 -28.50
N THR A 115 25.54 7.43 -27.94
CA THR A 115 25.50 7.01 -26.55
C THR A 115 25.77 5.52 -26.52
N LEU A 116 26.82 5.11 -25.79
CA LEU A 116 27.17 3.69 -25.78
C LEU A 116 26.15 2.89 -25.00
N PHE A 117 25.76 3.36 -23.83
CA PHE A 117 24.87 2.62 -22.93
C PHE A 117 23.67 3.49 -22.56
N HIS A 118 22.50 3.12 -23.06
CA HIS A 118 21.27 3.81 -22.69
C HIS A 118 20.32 2.83 -22.00
N TRP A 119 20.81 2.18 -20.94
CA TRP A 119 20.03 1.40 -19.98
C TRP A 119 19.80 -0.03 -20.41
N ASP A 120 19.94 -0.32 -21.71
CA ASP A 120 19.65 -1.66 -22.23
C ASP A 120 20.86 -2.58 -22.04
N LEU A 121 21.06 -2.96 -20.78
CA LEU A 121 22.15 -3.87 -20.44
C LEU A 121 21.82 -5.28 -20.92
N PRO A 122 22.73 -5.94 -21.64
CA PRO A 122 22.45 -7.31 -22.10
C PRO A 122 22.09 -8.22 -20.95
N LEU A 123 20.99 -8.96 -21.13
CA LEU A 123 20.44 -9.77 -20.04
C LEU A 123 21.43 -10.82 -19.55
N GLU A 124 22.28 -11.33 -20.43
CA GLU A 124 23.26 -12.33 -20.02
C GLU A 124 24.23 -11.77 -18.98
N LEU A 125 24.60 -10.50 -19.10
CA LEU A 125 25.49 -9.88 -18.12
C LEU A 125 24.74 -9.51 -16.84
N ALA A 126 23.44 -9.18 -16.96
CA ALA A 126 22.64 -8.93 -15.76
C ALA A 126 22.53 -10.19 -14.93
N GLU A 127 22.34 -11.34 -15.59
CA GLU A 127 22.31 -12.62 -14.89
C GLU A 127 23.66 -13.02 -14.34
N LYS A 128 24.73 -12.29 -14.69
CA LYS A 128 26.03 -12.43 -14.07
C LYS A 128 26.28 -11.35 -13.02
N GLY A 129 25.23 -10.72 -12.53
CA GLY A 129 25.35 -9.72 -11.48
C GLY A 129 25.28 -8.28 -11.95
N GLY A 130 25.38 -8.03 -13.25
CA GLY A 130 25.35 -6.67 -13.75
C GLY A 130 26.52 -5.86 -13.22
N TRP A 131 26.24 -4.62 -12.82
CA TRP A 131 27.29 -3.75 -12.32
C TRP A 131 27.79 -4.15 -10.94
N LEU A 132 27.14 -5.12 -10.30
CA LEU A 132 27.71 -5.68 -9.07
C LEU A 132 28.95 -6.50 -9.36
N ASN A 133 29.07 -7.03 -10.57
CA ASN A 133 30.20 -7.85 -10.95
C ASN A 133 31.38 -6.96 -11.34
N ASP A 134 32.52 -7.15 -10.67
CA ASP A 134 33.71 -6.37 -10.98
C ASP A 134 34.15 -6.57 -12.43
N ASP A 135 33.74 -7.67 -13.06
CA ASP A 135 34.03 -7.89 -14.48
C ASP A 135 33.24 -6.98 -15.40
N SER A 136 32.22 -6.28 -14.88
CA SER A 136 31.44 -5.38 -15.72
C SER A 136 32.29 -4.25 -16.27
N VAL A 137 33.35 -3.87 -15.57
CA VAL A 137 34.27 -2.85 -16.08
C VAL A 137 34.92 -3.34 -17.37
N GLU A 138 35.25 -4.63 -17.43
CA GLU A 138 35.87 -5.19 -18.64
C GLU A 138 34.83 -5.43 -19.73
N TRP A 139 33.64 -5.91 -19.37
CA TRP A 139 32.58 -6.12 -20.36
C TRP A 139 32.30 -4.85 -21.15
N PHE A 140 32.20 -3.71 -20.45
CA PHE A 140 31.91 -2.45 -21.12
C PHE A 140 33.12 -1.93 -21.89
N LYS A 141 34.33 -2.19 -21.39
CA LYS A 141 35.53 -1.79 -22.11
C LYS A 141 35.62 -2.50 -23.46
N ASP A 142 35.45 -3.82 -23.46
CA ASP A 142 35.47 -4.57 -24.71
C ASP A 142 34.34 -4.13 -25.63
N TYR A 143 33.17 -3.83 -25.06
CA TYR A 143 32.07 -3.29 -25.85
C TYR A 143 32.47 -1.96 -26.47
N ALA A 144 33.04 -1.06 -25.67
CA ALA A 144 33.49 0.22 -26.19
C ALA A 144 34.62 0.03 -27.20
N GLU A 145 35.53 -0.92 -26.92
CA GLU A 145 36.67 -1.12 -27.80
C GLU A 145 36.23 -1.55 -29.20
N PHE A 146 35.30 -2.50 -29.28
CA PHE A 146 34.82 -2.95 -30.59
C PHE A 146 34.15 -1.81 -31.34
N PHE A 147 33.29 -1.05 -30.65
CA PHE A 147 32.59 0.05 -31.31
C PHE A 147 33.57 1.10 -31.81
N GLY A 148 34.62 1.38 -31.04
CA GLY A 148 35.59 2.36 -31.48
C GLY A 148 36.37 1.89 -32.69
N LYS A 149 36.73 0.61 -32.71
CA LYS A 149 37.47 0.05 -33.84
C LYS A 149 36.60 0.01 -35.10
N GLU A 150 35.32 -0.30 -34.93
CA GLU A 150 34.44 -0.52 -36.06
C GLU A 150 33.86 0.78 -36.62
N TYR A 151 33.61 1.77 -35.77
CA TYR A 151 32.93 2.98 -36.21
C TYR A 151 33.68 4.27 -35.90
N GLY A 152 34.84 4.20 -35.22
CA GLY A 152 35.51 5.42 -34.80
C GLY A 152 35.91 6.33 -35.94
N HIS A 153 36.14 5.76 -37.13
CA HIS A 153 36.56 6.55 -38.27
C HIS A 153 35.44 7.43 -38.84
N LYS A 154 34.21 7.24 -38.37
CA LYS A 154 33.10 8.08 -38.85
C LYS A 154 32.15 8.51 -37.72
N ILE A 155 32.61 8.50 -36.46
CA ILE A 155 31.84 9.00 -35.33
C ILE A 155 32.75 9.96 -34.56
N LYS A 156 32.34 11.23 -34.49
CA LYS A 156 33.13 12.27 -33.86
C LYS A 156 32.79 12.50 -32.39
N TYR A 157 31.66 11.97 -31.91
CA TYR A 157 31.19 12.24 -30.56
C TYR A 157 30.63 10.95 -29.97
N ILE A 158 31.14 10.56 -28.81
CA ILE A 158 30.65 9.38 -28.11
C ILE A 158 30.52 9.71 -26.63
N MET A 159 29.35 9.43 -26.07
CA MET A 159 29.14 9.52 -24.63
C MET A 159 28.88 8.12 -24.08
N THR A 160 29.42 7.84 -22.91
CA THR A 160 29.39 6.49 -22.37
C THR A 160 28.00 6.14 -21.84
N PHE A 161 27.65 6.67 -20.66
CA PHE A 161 26.45 6.29 -19.94
C PHE A 161 25.43 7.42 -19.94
N ASN A 162 24.23 7.13 -20.40
CA ASN A 162 23.10 8.05 -20.29
C ASN A 162 22.43 7.89 -18.93
N GLU A 163 22.40 8.97 -18.15
CA GLU A 163 21.67 9.07 -16.88
C GLU A 163 21.96 7.89 -15.96
N PRO A 164 23.16 7.78 -15.40
CA PRO A 164 23.42 6.71 -14.43
C PRO A 164 22.57 6.80 -13.17
N GLN A 165 22.03 7.98 -12.87
CA GLN A 165 21.12 8.13 -11.75
C GLN A 165 19.91 7.21 -11.88
N CYS A 166 19.45 6.96 -13.11
CA CYS A 166 18.33 6.05 -13.33
C CYS A 166 18.78 4.59 -13.28
N THR A 167 19.86 4.27 -14.01
CA THR A 167 20.37 2.90 -14.01
C THR A 167 20.68 2.42 -12.59
N ILE A 168 21.32 3.26 -11.80
CA ILE A 168 21.72 2.86 -10.45
C ILE A 168 20.61 3.13 -9.44
N GLY A 169 20.10 4.35 -9.41
CA GLY A 169 19.10 4.73 -8.43
C GLY A 169 17.76 4.09 -8.63
N LEU A 170 17.16 4.31 -9.80
CA LEU A 170 15.85 3.73 -10.07
C LEU A 170 15.93 2.23 -10.28
N GLY A 171 17.04 1.74 -10.80
CA GLY A 171 17.17 0.33 -11.11
C GLY A 171 17.49 -0.56 -9.94
N LEU A 172 18.39 -0.10 -9.05
CA LEU A 172 18.91 -0.93 -7.99
C LEU A 172 18.66 -0.41 -6.58
N GLN A 173 18.36 0.87 -6.41
CA GLN A 173 18.13 1.45 -5.09
C GLN A 173 16.67 1.75 -4.81
N GLN A 174 15.90 2.13 -5.82
CA GLN A 174 14.50 2.51 -5.63
C GLN A 174 13.50 1.55 -6.27
N GLY A 175 13.97 0.59 -7.08
CA GLY A 175 13.07 -0.37 -7.68
C GLY A 175 12.08 0.20 -8.67
N ILE A 176 12.44 1.28 -9.35
CA ILE A 176 11.53 1.95 -10.27
C ILE A 176 11.87 1.64 -11.73
N HIS A 177 13.14 1.51 -12.05
CA HIS A 177 13.58 1.10 -13.38
C HIS A 177 14.16 -0.31 -13.32
N ALA A 178 14.36 -0.88 -14.51
CA ALA A 178 14.89 -2.23 -14.61
C ALA A 178 16.22 -2.35 -13.87
N PRO A 179 16.47 -3.46 -13.16
CA PRO A 179 15.63 -4.66 -13.02
C PRO A 179 14.49 -4.51 -12.00
N GLY A 180 14.35 -3.34 -11.37
CA GLY A 180 13.24 -3.09 -10.47
C GLY A 180 13.48 -3.50 -9.03
N VAL A 181 14.72 -3.43 -8.56
CA VAL A 181 15.08 -3.97 -7.25
C VAL A 181 15.53 -2.84 -6.35
N LYS A 182 15.50 -3.11 -5.05
CA LYS A 182 15.94 -2.16 -4.02
C LYS A 182 16.99 -2.85 -3.17
N LEU A 183 18.25 -2.63 -3.51
CA LEU A 183 19.35 -3.35 -2.88
C LEU A 183 19.96 -2.52 -1.76
N SER A 184 20.94 -3.10 -1.09
CA SER A 184 21.57 -2.48 0.05
C SER A 184 22.50 -1.36 -0.38
N PRO A 185 22.83 -0.43 0.52
CA PRO A 185 23.81 0.61 0.17
C PRO A 185 25.14 0.06 -0.31
N LYS A 186 25.59 -1.09 0.21
CA LYS A 186 26.82 -1.69 -0.29
C LYS A 186 26.69 -2.07 -1.76
N ALA A 187 25.59 -2.76 -2.09
CA ALA A 187 25.35 -3.14 -3.49
C ALA A 187 25.24 -1.91 -4.38
N VAL A 188 24.53 -0.89 -3.93
CA VAL A 188 24.31 0.29 -4.77
C VAL A 188 25.61 1.05 -5.01
N LEU A 189 26.42 1.23 -3.96
CA LEU A 189 27.68 1.94 -4.12
C LEU A 189 28.73 1.09 -4.85
N LYS A 190 28.70 -0.23 -4.66
CA LYS A 190 29.57 -1.08 -5.45
C LYS A 190 29.18 -1.04 -6.92
N SER A 191 27.87 -1.06 -7.19
CA SER A 191 27.39 -0.93 -8.56
C SER A 191 27.74 0.44 -9.13
N THR A 192 27.62 1.49 -8.31
CA THR A 192 28.04 2.82 -8.75
C THR A 192 29.52 2.86 -9.08
N HIS A 193 30.34 2.22 -8.24
CA HIS A 193 31.78 2.26 -8.45
C HIS A 193 32.18 1.54 -9.73
N ASN A 194 31.57 0.39 -10.01
CA ASN A 194 31.91 -0.34 -11.22
C ASN A 194 31.42 0.37 -12.48
N LEU A 195 30.29 1.06 -12.41
CA LEU A 195 29.83 1.83 -13.57
C LEU A 195 30.81 2.97 -13.87
N LEU A 196 31.24 3.70 -12.84
CA LEU A 196 32.23 4.76 -13.05
C LEU A 196 33.54 4.18 -13.59
N LYS A 197 34.00 3.05 -13.03
CA LYS A 197 35.19 2.40 -13.56
C LYS A 197 35.01 1.97 -15.00
N ALA A 198 33.84 1.41 -15.32
CA ALA A 198 33.55 1.04 -16.71
C ALA A 198 33.60 2.26 -17.62
N HIS A 199 33.10 3.40 -17.15
CA HIS A 199 33.18 4.63 -17.92
C HIS A 199 34.63 4.98 -18.25
N GLY A 200 35.49 5.00 -17.22
CA GLY A 200 36.88 5.36 -17.45
C GLY A 200 37.60 4.38 -18.36
N ALA A 201 37.41 3.08 -18.14
CA ALA A 201 38.01 2.09 -19.01
C ALA A 201 37.53 2.27 -20.45
N ALA A 202 36.26 2.65 -20.62
CA ALA A 202 35.76 2.92 -21.96
C ALA A 202 36.44 4.13 -22.58
N VAL A 203 36.67 5.17 -21.78
CA VAL A 203 37.33 6.37 -22.28
C VAL A 203 38.77 6.06 -22.68
N LYS A 204 39.49 5.33 -21.83
CA LYS A 204 40.90 5.08 -22.10
C LYS A 204 41.10 4.22 -23.34
N VAL A 205 40.25 3.21 -23.54
CA VAL A 205 40.40 2.37 -24.71
C VAL A 205 39.92 3.08 -25.97
N LEU A 206 38.97 4.00 -25.85
CA LEU A 206 38.51 4.74 -27.02
C LEU A 206 39.54 5.77 -27.47
N ARG A 207 40.37 6.28 -26.56
CA ARG A 207 41.46 7.15 -26.97
C ARG A 207 42.49 6.42 -27.81
N LYS A 208 42.53 5.09 -27.73
CA LYS A 208 43.51 4.30 -28.47
C LYS A 208 42.95 3.78 -29.79
N VAL A 209 41.69 3.35 -29.82
CA VAL A 209 41.11 2.74 -31.02
C VAL A 209 40.25 3.72 -31.81
N ALA A 210 39.90 4.87 -31.25
CA ALA A 210 39.15 5.91 -31.95
C ALA A 210 39.67 7.26 -31.48
N PRO A 211 40.91 7.61 -31.86
CA PRO A 211 41.55 8.82 -31.31
C PRO A 211 41.00 10.12 -31.87
N ASN A 212 40.23 10.09 -32.95
CA ASN A 212 39.63 11.30 -33.50
C ASN A 212 38.18 11.47 -33.07
N THR A 213 37.78 10.84 -31.98
CA THR A 213 36.42 10.87 -31.47
C THR A 213 36.40 11.59 -30.12
N GLN A 214 35.57 12.62 -30.00
CA GLN A 214 35.44 13.35 -28.75
C GLN A 214 34.53 12.60 -27.79
N LEU A 215 34.93 12.54 -26.52
CA LEU A 215 34.29 11.68 -25.54
C LEU A 215 33.68 12.48 -24.41
N GLY A 216 32.56 11.97 -23.88
CA GLY A 216 31.89 12.64 -22.79
C GLY A 216 30.94 11.72 -22.06
N ILE A 217 30.10 12.32 -21.22
CA ILE A 217 29.09 11.58 -20.47
C ILE A 217 27.96 12.55 -20.14
N ASN A 218 26.74 12.03 -20.06
CA ASN A 218 25.55 12.85 -19.82
C ASN A 218 24.74 12.31 -18.65
N PRO A 219 25.07 12.70 -17.42
CA PRO A 219 24.20 12.35 -16.30
C PRO A 219 22.96 13.23 -16.23
N THR A 220 22.19 13.11 -15.14
CA THR A 220 21.00 13.92 -14.95
C THR A 220 20.71 14.06 -13.47
N CYS A 221 19.88 15.06 -13.14
CA CYS A 221 19.40 15.35 -11.80
C CYS A 221 18.43 16.52 -11.88
N GLY A 222 17.55 16.61 -10.89
CA GLY A 222 16.81 17.83 -10.71
C GLY A 222 17.75 18.98 -10.40
N VAL A 223 17.45 20.14 -10.97
CA VAL A 223 18.31 21.31 -10.83
C VAL A 223 17.85 22.13 -9.63
N ALA A 224 18.73 22.26 -8.64
CA ALA A 224 18.44 23.11 -7.49
C ALA A 224 18.39 24.57 -7.96
N LEU A 225 17.26 25.24 -7.73
CA LEU A 225 17.06 26.60 -8.18
C LEU A 225 17.12 27.55 -6.99
N PRO A 226 17.89 28.64 -7.07
CA PRO A 226 17.91 29.60 -5.97
C PRO A 226 16.62 30.42 -5.93
N ILE A 227 16.19 30.74 -4.71
CA ILE A 227 14.95 31.48 -4.55
C ILE A 227 15.07 32.91 -5.07
N SER A 228 16.28 33.44 -5.18
CA SER A 228 16.54 34.74 -5.79
C SER A 228 17.95 34.73 -6.37
N GLU A 229 18.39 35.87 -6.87
CA GLU A 229 19.70 36.00 -7.49
C GLU A 229 20.70 36.68 -6.56
N ASN A 230 20.49 36.54 -5.26
CA ASN A 230 21.42 37.04 -4.26
C ASN A 230 22.50 35.99 -4.02
N LYS A 231 23.75 36.44 -3.90
CA LYS A 231 24.87 35.50 -3.78
C LYS A 231 24.64 34.53 -2.66
N LYS A 232 23.94 34.96 -1.61
CA LYS A 232 23.69 34.11 -0.46
C LYS A 232 22.71 33.00 -0.83
N ASP A 233 21.68 33.33 -1.64
CA ASP A 233 20.72 32.33 -2.09
C ASP A 233 21.27 31.45 -3.21
N ILE A 234 22.15 31.98 -4.07
CA ILE A 234 22.76 31.16 -5.11
C ILE A 234 23.66 30.10 -4.50
N GLU A 235 24.29 30.40 -3.37
CA GLU A 235 25.19 29.42 -2.76
C GLU A 235 24.42 28.27 -2.12
N ILE A 236 23.21 28.55 -1.60
CA ILE A 236 22.38 27.47 -1.07
C ILE A 236 22.00 26.49 -2.18
N ALA A 237 21.59 27.01 -3.33
CA ALA A 237 21.20 26.15 -4.44
C ALA A 237 22.40 25.40 -5.01
N ARG A 238 23.57 26.05 -5.07
CA ARG A 238 24.76 25.39 -5.57
C ARG A 238 25.19 24.25 -4.64
N LYS A 239 25.12 24.47 -3.34
CA LYS A 239 25.48 23.42 -2.38
C LYS A 239 24.55 22.23 -2.48
N ARG A 240 23.24 22.49 -2.53
CA ARG A 240 22.27 21.41 -2.68
C ARG A 240 22.47 20.67 -3.99
N TYR A 241 22.76 21.41 -5.07
CA TYR A 241 22.87 20.79 -6.39
C TYR A 241 24.00 19.76 -6.45
N PHE A 242 25.09 20.00 -5.71
CA PHE A 242 26.23 19.08 -5.70
C PHE A 242 26.38 18.35 -4.36
N ASP A 243 25.30 18.26 -3.58
CA ASP A 243 25.37 17.62 -2.28
C ASP A 243 25.33 16.10 -2.40
N ILE A 244 25.79 15.43 -1.35
CA ILE A 244 25.69 13.98 -1.21
C ILE A 244 24.63 13.71 -0.16
N LEU A 245 23.62 12.93 -0.53
CA LEU A 245 22.40 12.81 0.25
C LEU A 245 22.49 11.67 1.25
N ASP A 246 21.63 11.72 2.26
CA ASP A 246 21.58 10.69 3.29
C ASP A 246 21.16 9.35 2.72
N LEU A 247 21.58 8.27 3.39
CA LEU A 247 21.27 6.93 2.94
C LEU A 247 19.79 6.60 3.01
N ASN A 248 19.02 7.33 3.83
CA ASN A 248 17.59 7.09 3.92
C ASN A 248 16.80 7.85 2.85
N ASP A 249 17.46 8.72 2.08
CA ASP A 249 16.85 9.38 0.94
C ASP A 249 17.16 8.58 -0.33
N ALA A 250 16.74 9.12 -1.48
CA ALA A 250 17.13 8.56 -2.78
C ALA A 250 18.51 9.13 -3.13
N TYR A 251 19.53 8.59 -2.45
CA TYR A 251 20.86 9.19 -2.44
C TYR A 251 21.61 9.07 -3.76
N VAL A 252 21.15 8.22 -4.69
CA VAL A 252 21.84 8.12 -5.97
C VAL A 252 21.59 9.35 -6.83
N TRP A 253 20.49 10.07 -6.60
CA TRP A 253 20.19 11.28 -7.37
C TRP A 253 21.05 12.44 -6.85
N SER A 254 22.33 12.34 -7.17
CA SER A 254 23.33 13.33 -6.82
C SER A 254 24.21 13.60 -8.03
N VAL A 255 24.52 14.87 -8.26
CA VAL A 255 25.40 15.22 -9.37
C VAL A 255 26.84 14.88 -9.05
N SER A 256 27.28 15.20 -7.83
CA SER A 256 28.68 15.02 -7.46
C SER A 256 29.05 13.54 -7.29
N LEU A 257 28.07 12.67 -6.99
CA LEU A 257 28.37 11.26 -6.77
C LEU A 257 29.05 10.65 -7.99
N PHE A 258 28.67 11.06 -9.19
CA PHE A 258 29.26 10.51 -10.40
C PHE A 258 30.29 11.43 -11.03
N LEU A 259 30.05 12.74 -11.07
CA LEU A 259 30.87 13.64 -11.86
C LEU A 259 32.09 14.17 -11.11
N ASP A 260 32.03 14.24 -9.77
CA ASP A 260 33.24 14.58 -9.02
C ASP A 260 34.33 13.52 -9.18
N PRO A 261 34.06 12.22 -9.07
CA PRO A 261 35.10 11.24 -9.39
C PRO A 261 35.59 11.35 -10.82
N ILE A 262 34.68 11.63 -11.76
CA ILE A 262 35.05 11.65 -13.17
C ILE A 262 35.91 12.86 -13.50
N VAL A 263 35.51 14.04 -13.04
CA VAL A 263 36.15 15.29 -13.44
C VAL A 263 37.17 15.75 -12.40
N LEU A 264 36.87 15.59 -11.11
CA LEU A 264 37.76 16.06 -10.05
C LEU A 264 38.67 14.98 -9.51
N GLY A 265 38.46 13.71 -9.87
CA GLY A 265 39.38 12.65 -9.51
C GLY A 265 39.07 11.90 -8.24
N ASP A 266 38.00 12.26 -7.53
CA ASP A 266 37.65 11.56 -6.30
C ASP A 266 36.20 11.87 -5.94
N TYR A 267 35.59 10.95 -5.19
CA TYR A 267 34.30 11.20 -4.59
C TYR A 267 34.38 12.42 -3.67
N PRO A 268 33.25 13.10 -3.45
CA PRO A 268 33.24 14.21 -2.49
C PRO A 268 33.62 13.75 -1.09
N THR A 269 34.07 14.70 -0.27
CA THR A 269 34.44 14.38 1.11
C THR A 269 33.26 13.79 1.87
N LYS A 270 32.05 14.31 1.64
CA LYS A 270 30.87 13.83 2.34
C LYS A 270 30.59 12.36 2.02
N TYR A 271 30.96 11.91 0.82
CA TYR A 271 30.74 10.52 0.42
C TYR A 271 31.45 9.55 1.36
N TYR A 272 32.72 9.83 1.67
CA TYR A 272 33.48 8.91 2.52
C TYR A 272 33.00 8.95 3.96
N GLU A 273 32.41 10.07 4.40
CA GLU A 273 31.95 10.18 5.78
C GLU A 273 30.58 9.53 5.97
N LEU A 274 29.61 9.90 5.13
CA LEU A 274 28.25 9.40 5.32
C LEU A 274 28.14 7.92 5.03
N TYR A 275 28.86 7.43 4.03
CA TYR A 275 28.73 6.05 3.57
C TYR A 275 29.85 5.15 4.09
N LYS A 276 30.48 5.52 5.21
CA LYS A 276 31.67 4.81 5.68
C LYS A 276 31.42 3.31 5.84
N GLU A 277 30.28 2.92 6.42
CA GLU A 277 30.04 1.50 6.65
C GLU A 277 29.58 0.75 5.41
N HIS A 278 29.35 1.44 4.29
CA HIS A 278 28.90 0.79 3.07
C HIS A 278 29.85 1.05 1.90
N LEU A 279 31.05 1.55 2.19
CA LEU A 279 31.99 1.90 1.15
C LEU A 279 32.44 0.66 0.39
N PRO A 280 32.64 0.75 -0.92
CA PRO A 280 33.24 -0.34 -1.68
C PRO A 280 34.76 -0.20 -1.70
N LYS A 281 35.42 -1.25 -2.18
CA LYS A 281 36.87 -1.21 -2.34
C LYS A 281 37.24 -0.14 -3.35
N ILE A 282 37.96 0.89 -2.90
CA ILE A 282 38.33 2.01 -3.76
C ILE A 282 39.84 2.13 -3.72
N THR A 283 40.49 1.78 -4.83
CA THR A 283 41.92 1.95 -4.97
C THR A 283 42.19 3.23 -5.76
N GLN A 284 43.43 3.69 -5.67
CA GLN A 284 43.81 4.89 -6.39
C GLN A 284 43.86 4.66 -7.89
N GLU A 285 44.16 3.44 -8.32
CA GLU A 285 44.07 3.13 -9.75
C GLU A 285 42.61 3.18 -10.21
N ASP A 286 41.68 2.82 -9.33
CA ASP A 286 40.26 3.02 -9.63
C ASP A 286 39.98 4.48 -9.95
N LEU A 287 40.35 5.38 -9.04
CA LEU A 287 40.09 6.80 -9.24
C LEU A 287 40.84 7.34 -10.45
N LYS A 288 42.06 6.85 -10.67
CA LYS A 288 42.80 7.28 -11.86
C LYS A 288 42.12 6.79 -13.14
N LEU A 289 41.62 5.55 -13.11
CA LEU A 289 40.91 5.03 -14.27
C LEU A 289 39.63 5.81 -14.53
N ILE A 290 38.91 6.17 -13.47
CA ILE A 290 37.64 6.89 -13.62
C ILE A 290 37.88 8.30 -14.13
N SER A 291 38.95 8.94 -13.67
CA SER A 291 39.17 10.37 -13.92
C SER A 291 39.95 10.63 -15.21
N GLN A 292 39.66 9.92 -16.29
CA GLN A 292 40.26 10.24 -17.57
C GLN A 292 39.80 11.61 -18.04
N PRO A 293 40.66 12.40 -18.67
CA PRO A 293 40.22 13.69 -19.22
C PRO A 293 39.15 13.51 -20.27
N LEU A 294 38.11 14.33 -20.19
CA LEU A 294 37.01 14.32 -21.13
C LEU A 294 37.12 15.52 -22.07
N ASP A 295 36.47 15.38 -23.23
CA ASP A 295 36.42 16.46 -24.21
C ASP A 295 35.21 17.35 -24.03
N PHE A 296 34.13 16.81 -23.48
CA PHE A 296 32.93 17.60 -23.20
C PHE A 296 32.18 16.95 -22.05
N LEU A 297 31.35 17.76 -21.39
CA LEU A 297 30.45 17.31 -20.35
C LEU A 297 29.02 17.63 -20.75
N ALA A 298 28.12 16.70 -20.52
CA ALA A 298 26.73 16.87 -20.94
C ALA A 298 25.80 16.62 -19.77
N GLN A 299 24.53 16.92 -19.99
CA GLN A 299 23.55 16.78 -18.93
C GLN A 299 22.15 16.77 -19.54
N ASN A 300 21.31 15.86 -19.05
CA ASN A 300 19.89 15.87 -19.37
C ASN A 300 19.17 16.68 -18.30
N ILE A 301 18.50 17.75 -18.72
CA ILE A 301 17.84 18.67 -17.79
C ILE A 301 16.41 18.88 -18.23
N TYR A 302 15.47 18.56 -17.35
CA TYR A 302 14.04 18.70 -17.64
C TYR A 302 13.34 19.71 -16.75
N ASN A 303 13.68 19.76 -15.48
CA ASN A 303 13.01 20.67 -14.55
C ASN A 303 13.92 20.95 -13.37
N GLY A 304 13.46 21.83 -12.49
CA GLY A 304 14.22 22.20 -11.32
C GLY A 304 13.28 22.50 -10.17
N TYR A 305 13.87 22.70 -8.99
CA TYR A 305 13.12 22.92 -7.76
C TYR A 305 13.74 24.07 -6.98
N ARG A 306 12.89 24.91 -6.41
CA ARG A 306 13.37 25.96 -5.52
C ARG A 306 13.85 25.35 -4.21
N VAL A 307 14.95 25.89 -3.69
CA VAL A 307 15.55 25.35 -2.47
C VAL A 307 16.05 26.52 -1.62
N SER A 308 15.90 26.38 -0.31
CA SER A 308 16.36 27.39 0.63
C SER A 308 16.74 26.70 1.94
N GLU A 309 16.95 27.49 2.98
CA GLU A 309 17.32 26.96 4.28
C GLU A 309 16.54 27.70 5.37
N ASP A 310 16.34 27.04 6.49
CA ASP A 310 15.70 27.65 7.63
C ASP A 310 16.79 28.16 8.59
N GLU A 311 16.40 28.46 9.84
CA GLU A 311 17.37 29.00 10.79
C GLU A 311 18.46 27.99 11.11
N ASN A 312 18.09 26.71 11.27
CA ASN A 312 19.04 25.68 11.65
C ASN A 312 19.91 25.19 10.49
N GLY A 313 19.76 25.76 9.29
CA GLY A 313 20.55 25.33 8.16
C GLY A 313 20.03 24.12 7.43
N ASN A 314 18.81 23.67 7.70
CA ASN A 314 18.22 22.55 6.99
C ASN A 314 17.55 23.02 5.72
N TYR A 315 17.53 22.14 4.72
CA TYR A 315 16.95 22.50 3.43
C TYR A 315 15.45 22.70 3.55
N VAL A 316 14.96 23.76 2.91
CA VAL A 316 13.53 24.06 2.81
C VAL A 316 13.15 24.04 1.34
N TYR A 317 12.05 23.37 1.02
CA TYR A 317 11.57 23.25 -0.36
C TYR A 317 10.20 23.91 -0.47
N PRO A 318 10.12 25.14 -0.97
CA PRO A 318 8.84 25.84 -1.02
C PRO A 318 7.86 25.20 -1.99
N LYS A 319 6.58 25.38 -1.70
CA LYS A 319 5.52 24.85 -2.55
C LYS A 319 5.51 25.56 -3.90
N ARG A 320 4.97 24.86 -4.90
CA ARG A 320 4.71 25.44 -6.20
C ARG A 320 3.35 26.10 -6.23
N LYS A 321 3.26 27.24 -6.90
CA LYS A 321 1.99 27.98 -6.96
C LYS A 321 0.89 27.10 -7.54
N ALA A 322 -0.33 27.28 -7.02
CA ALA A 322 -1.46 26.48 -7.47
C ALA A 322 -1.71 26.70 -8.96
N GLY A 323 -1.89 25.61 -9.69
CA GLY A 323 -2.11 25.69 -11.12
C GLY A 323 -0.87 25.92 -11.94
N TYR A 324 0.30 25.59 -11.41
CA TYR A 324 1.57 25.89 -12.09
C TYR A 324 1.67 25.14 -13.40
N ASP A 325 2.42 25.73 -14.33
CA ASP A 325 2.64 25.13 -15.64
C ASP A 325 3.26 23.74 -15.50
N HIS A 326 2.68 22.76 -16.17
CA HIS A 326 3.12 21.38 -16.05
C HIS A 326 2.98 20.68 -17.39
N THR A 327 3.57 19.48 -17.46
CA THR A 327 3.55 18.65 -18.65
C THR A 327 2.57 17.50 -18.48
N ASP A 328 2.49 16.65 -19.50
CA ASP A 328 1.66 15.45 -19.43
C ASP A 328 2.22 14.40 -18.46
N MET A 329 3.45 14.59 -17.98
CA MET A 329 3.99 13.77 -16.91
C MET A 329 3.62 14.27 -15.52
N GLY A 330 2.96 15.42 -15.42
CA GLY A 330 2.85 16.11 -14.15
C GLY A 330 4.11 16.84 -13.73
N TRP A 331 5.15 16.83 -14.56
CA TRP A 331 6.38 17.52 -14.23
C TRP A 331 6.18 19.02 -14.34
N PRO A 332 6.86 19.80 -13.49
CA PRO A 332 6.76 21.25 -13.59
C PRO A 332 7.54 21.77 -14.80
N ILE A 333 7.11 22.94 -15.27
CA ILE A 333 7.79 23.65 -16.35
C ILE A 333 8.60 24.75 -15.68
N THR A 334 9.92 24.54 -15.61
CA THR A 334 10.84 25.48 -14.96
C THR A 334 11.96 25.80 -15.93
N PRO A 335 11.80 26.81 -16.78
CA PRO A 335 12.83 27.08 -17.80
C PRO A 335 14.15 27.54 -17.20
N SER A 336 14.14 28.16 -16.02
CA SER A 336 15.38 28.62 -15.41
C SER A 336 16.34 27.47 -15.09
N ALA A 337 15.85 26.22 -15.11
CA ALA A 337 16.74 25.08 -14.89
C ALA A 337 17.77 24.96 -15.99
N LEU A 338 17.46 25.44 -17.20
CA LEU A 338 18.42 25.42 -18.30
C LEU A 338 19.41 26.58 -18.23
N TYR A 339 19.33 27.41 -17.19
CA TYR A 339 20.37 28.40 -16.92
C TYR A 339 21.23 27.97 -15.73
N TRP A 340 20.60 27.73 -14.57
CA TRP A 340 21.35 27.41 -13.36
C TRP A 340 22.08 26.09 -13.48
N GLY A 341 21.47 25.09 -14.12
CA GLY A 341 22.08 23.81 -14.34
C GLY A 341 23.41 23.93 -15.09
N PRO A 342 23.35 24.43 -16.32
CA PRO A 342 24.59 24.64 -17.07
C PRO A 342 25.56 25.59 -16.40
N ARG A 343 25.05 26.60 -15.69
CA ARG A 343 25.94 27.53 -15.00
C ARG A 343 26.69 26.82 -13.87
N PHE A 344 25.96 26.08 -13.03
CA PHE A 344 26.60 25.38 -11.92
C PHE A 344 27.58 24.32 -12.43
N ILE A 345 27.18 23.56 -13.45
CA ILE A 345 28.04 22.50 -13.97
C ILE A 345 29.30 23.09 -14.60
N CYS A 346 29.16 24.18 -15.37
CA CYS A 346 30.33 24.78 -15.99
C CYS A 346 31.29 25.35 -14.96
N GLU A 347 30.76 26.05 -13.94
CA GLU A 347 31.61 26.66 -12.94
C GLU A 347 32.39 25.60 -12.15
N ARG A 348 31.77 24.45 -11.89
CA ARG A 348 32.43 23.43 -11.09
C ARG A 348 33.35 22.53 -11.90
N TYR A 349 33.04 22.30 -13.18
CA TYR A 349 33.77 21.32 -13.98
C TYR A 349 34.52 21.88 -15.18
N ASN A 350 34.11 23.03 -15.71
CA ASN A 350 34.85 23.77 -16.75
C ASN A 350 35.18 22.90 -17.97
N LEU A 351 34.16 22.26 -18.51
CA LEU A 351 34.29 21.50 -19.74
C LEU A 351 33.25 22.01 -20.72
N PRO A 352 33.50 21.87 -22.03
CA PRO A 352 32.47 22.20 -23.00
C PRO A 352 31.18 21.45 -22.70
N PHE A 353 30.06 22.15 -22.76
CA PHE A 353 28.81 21.69 -22.20
C PHE A 353 27.77 21.52 -23.30
N TYR A 354 27.13 20.35 -23.30
CA TYR A 354 25.99 20.07 -24.16
C TYR A 354 24.79 19.75 -23.30
N ILE A 355 23.60 20.17 -23.73
CA ILE A 355 22.36 19.64 -23.20
C ILE A 355 21.94 18.49 -24.13
N THR A 356 22.01 17.27 -23.61
CA THR A 356 21.72 16.08 -24.40
C THR A 356 20.25 15.71 -24.41
N GLU A 357 19.48 16.18 -23.44
CA GLU A 357 18.05 15.92 -23.43
C GLU A 357 17.32 17.10 -22.81
N ASN A 358 16.27 17.57 -23.47
CA ASN A 358 15.35 18.53 -22.91
C ASN A 358 14.07 18.47 -23.72
N GLY A 359 12.94 18.52 -23.02
CA GLY A 359 11.65 18.38 -23.67
C GLY A 359 10.59 18.11 -22.63
N LEU A 360 9.42 17.68 -23.12
CA LEU A 360 8.27 17.49 -22.26
C LEU A 360 7.31 16.51 -22.94
N ALA A 361 6.49 15.87 -22.13
CA ALA A 361 5.40 15.05 -22.64
C ALA A 361 4.16 15.91 -22.83
N CYS A 362 3.49 15.72 -23.96
CA CYS A 362 2.24 16.43 -24.26
C CYS A 362 1.19 15.42 -24.67
N HIS A 363 -0.04 15.62 -24.20
CA HIS A 363 -1.13 14.76 -24.64
C HIS A 363 -1.49 15.12 -26.08
N ASP A 364 -0.60 14.78 -27.01
CA ASP A 364 -0.78 15.13 -28.41
C ASP A 364 -1.74 14.15 -29.09
N VAL A 365 -2.52 14.69 -30.04
CA VAL A 365 -3.43 13.90 -30.84
C VAL A 365 -3.31 14.36 -32.28
N VAL A 366 -3.66 13.47 -33.20
CA VAL A 366 -3.85 13.83 -34.60
C VAL A 366 -5.25 14.43 -34.71
N SER A 367 -5.31 15.75 -34.91
CA SER A 367 -6.59 16.44 -34.94
C SER A 367 -7.31 16.14 -36.26
N LEU A 368 -8.51 16.71 -36.40
CA LEU A 368 -9.33 16.42 -37.57
C LEU A 368 -8.65 16.82 -38.87
N ASP A 369 -7.75 17.80 -38.82
CA ASP A 369 -7.02 18.23 -40.01
C ASP A 369 -5.79 17.36 -40.29
N ASN A 370 -5.69 16.19 -39.65
CA ASN A 370 -4.59 15.25 -39.81
C ASN A 370 -3.23 15.87 -39.48
N LYS A 371 -3.21 16.95 -38.70
CA LYS A 371 -1.99 17.54 -38.17
C LYS A 371 -1.95 17.33 -36.67
N VAL A 372 -0.78 17.59 -36.09
CA VAL A 372 -0.55 17.45 -34.65
C VAL A 372 -0.11 18.80 -34.12
N HIS A 373 -1.01 19.49 -33.44
CA HIS A 373 -0.72 20.82 -32.91
C HIS A 373 -0.27 20.71 -31.46
N ASP A 374 0.98 21.10 -31.19
CA ASP A 374 1.54 21.06 -29.84
C ASP A 374 2.17 22.41 -29.50
N PRO A 375 1.37 23.48 -29.44
CA PRO A 375 1.95 24.78 -29.07
C PRO A 375 2.53 24.79 -27.67
N ASN A 376 2.01 23.95 -26.76
CA ASN A 376 2.59 23.86 -25.42
C ASN A 376 4.05 23.41 -25.48
N ARG A 377 4.38 22.52 -26.42
CA ARG A 377 5.77 22.13 -26.62
C ARG A 377 6.58 23.30 -27.15
N ILE A 378 6.01 24.07 -28.08
CA ILE A 378 6.68 25.25 -28.61
C ILE A 378 6.99 26.24 -27.49
N ASP A 379 6.01 26.48 -26.61
CA ASP A 379 6.21 27.41 -25.51
C ASP A 379 7.24 26.87 -24.52
N PHE A 380 7.13 25.59 -24.17
CA PHE A 380 8.12 24.96 -23.28
C PHE A 380 9.53 25.10 -23.84
N LEU A 381 9.73 24.72 -25.10
CA LEU A 381 11.06 24.78 -25.70
C LEU A 381 11.55 26.21 -25.82
N ASN A 382 10.67 27.12 -26.24
CA ASN A 382 11.07 28.52 -26.40
C ASN A 382 11.53 29.12 -25.07
N LYS A 383 10.79 28.84 -23.99
CA LYS A 383 11.14 29.41 -22.69
C LYS A 383 12.44 28.81 -22.15
N TYR A 384 12.67 27.52 -22.40
CA TYR A 384 13.89 26.89 -21.91
C TYR A 384 15.11 27.38 -22.69
N LEU A 385 14.98 27.59 -24.00
CA LEU A 385 16.11 28.07 -24.78
C LEU A 385 16.47 29.51 -24.42
N LEU A 386 15.49 30.30 -23.98
CA LEU A 386 15.77 31.67 -23.57
C LEU A 386 16.72 31.70 -22.37
N ASP A 387 16.44 30.87 -21.37
CA ASP A 387 17.34 30.80 -20.21
C ASP A 387 18.65 30.11 -20.56
N TYR A 388 18.62 29.16 -21.50
CA TYR A 388 19.87 28.56 -21.97
C TYR A 388 20.70 29.57 -22.75
N SER A 389 20.04 30.46 -23.49
CA SER A 389 20.75 31.52 -24.21
C SER A 389 21.41 32.49 -23.25
N ARG A 390 20.73 32.81 -22.14
CA ARG A 390 21.33 33.69 -21.13
C ARG A 390 22.66 33.15 -20.64
N ALA A 391 22.74 31.82 -20.44
CA ALA A 391 24.00 31.23 -20.02
C ALA A 391 25.06 31.32 -21.11
N SER A 392 24.66 31.20 -22.38
CA SER A 392 25.61 31.36 -23.47
C SER A 392 26.06 32.80 -23.60
N CYS A 393 25.12 33.74 -23.46
CA CYS A 393 25.47 35.16 -23.57
C CYS A 393 26.34 35.62 -22.41
N GLU A 394 26.27 34.94 -21.28
CA GLU A 394 27.08 35.28 -20.11
C GLU A 394 28.48 34.70 -20.17
N GLY A 395 28.85 34.06 -21.28
CA GLY A 395 30.19 33.57 -21.50
C GLY A 395 30.47 32.12 -21.16
N TYR A 396 29.45 31.36 -20.77
CA TYR A 396 29.68 29.96 -20.44
C TYR A 396 29.89 29.14 -21.72
N ASP A 397 30.75 28.12 -21.61
CA ASP A 397 31.19 27.33 -22.76
C ASP A 397 30.11 26.32 -23.13
N ILE A 398 29.04 26.84 -23.69
CA ILE A 398 27.92 26.03 -24.16
C ILE A 398 28.10 25.73 -25.64
N ARG A 399 27.82 24.49 -26.03
CA ARG A 399 28.07 24.01 -27.38
C ARG A 399 26.84 23.56 -28.16
N GLY A 400 25.77 23.14 -27.50
CA GLY A 400 24.64 22.63 -28.25
C GLY A 400 23.47 22.26 -27.38
N TYR A 401 22.43 21.74 -28.03
CA TYR A 401 21.17 21.41 -27.40
C TYR A 401 20.49 20.31 -28.21
N PHE A 402 20.11 19.22 -27.54
CA PHE A 402 19.43 18.10 -28.17
C PHE A 402 18.04 17.96 -27.55
N GLN A 403 17.00 18.19 -28.34
CA GLN A 403 15.64 18.13 -27.83
C GLN A 403 15.13 16.69 -27.78
N TRP A 404 14.74 16.23 -26.60
CA TRP A 404 14.11 14.93 -26.47
C TRP A 404 12.61 15.07 -26.67
N SER A 405 12.01 14.16 -27.45
CA SER A 405 12.74 13.29 -28.35
C SER A 405 12.45 13.71 -29.79
N LEU A 406 13.03 12.99 -30.75
CA LEU A 406 12.67 13.24 -32.15
C LEU A 406 11.25 12.78 -32.42
N MET A 407 10.88 11.62 -31.88
CA MET A 407 9.58 11.04 -32.10
C MET A 407 9.07 10.42 -30.81
N ASP A 408 7.75 10.29 -30.70
CA ASP A 408 7.15 9.61 -29.56
C ASP A 408 7.63 8.16 -29.53
N ASN A 409 7.88 7.66 -28.33
CA ASN A 409 8.51 6.34 -28.21
C ASN A 409 8.10 5.72 -26.88
N PHE A 410 8.78 4.62 -26.53
CA PHE A 410 8.50 3.87 -25.31
C PHE A 410 9.07 4.64 -24.12
N GLU A 411 8.20 5.17 -23.28
CA GLU A 411 8.63 5.96 -22.12
C GLU A 411 8.69 5.08 -20.87
N TRP A 412 9.40 3.96 -21.00
CA TRP A 412 9.76 3.09 -19.89
C TRP A 412 8.54 2.65 -19.09
N ARG A 413 8.51 2.98 -17.79
CA ARG A 413 7.40 2.54 -16.94
C ARG A 413 6.06 3.02 -17.45
N GLU A 414 6.02 4.15 -18.15
CA GLU A 414 4.79 4.73 -18.65
C GLU A 414 4.36 4.18 -20.01
N GLY A 415 5.16 3.30 -20.61
CA GLY A 415 4.82 2.76 -21.91
C GLY A 415 4.68 3.85 -22.95
N TYR A 416 3.65 3.73 -23.80
CA TYR A 416 3.37 4.72 -24.82
C TYR A 416 2.27 5.69 -24.40
N SER A 417 2.05 5.84 -23.09
CA SER A 417 1.07 6.80 -22.60
C SER A 417 1.62 8.22 -22.53
N LYS A 418 2.92 8.40 -22.79
CA LYS A 418 3.55 9.71 -22.73
C LYS A 418 4.31 9.95 -24.03
N ARG A 419 4.04 11.09 -24.67
CA ARG A 419 4.61 11.41 -25.98
C ARG A 419 5.57 12.57 -25.84
N PHE A 420 6.85 12.33 -26.11
CA PHE A 420 7.90 13.32 -25.96
C PHE A 420 8.44 13.88 -27.28
N GLY A 421 8.07 13.31 -28.43
CA GLY A 421 8.72 13.67 -29.67
C GLY A 421 8.16 14.92 -30.32
N MET A 422 8.94 15.47 -31.25
CA MET A 422 8.46 16.47 -32.19
C MET A 422 7.87 15.83 -33.45
N VAL A 423 7.91 14.51 -33.55
CA VAL A 423 7.25 13.75 -34.61
C VAL A 423 6.28 12.78 -33.96
N TYR A 424 5.03 12.82 -34.42
CA TYR A 424 4.01 11.92 -33.90
C TYR A 424 4.17 10.55 -34.55
N VAL A 425 3.96 9.50 -33.74
CA VAL A 425 4.09 8.12 -34.20
C VAL A 425 2.83 7.37 -33.79
N ASP A 426 2.04 6.94 -34.78
CA ASP A 426 0.93 6.02 -34.53
C ASP A 426 1.51 4.62 -34.45
N PHE A 427 1.45 4.01 -33.27
CA PHE A 427 2.17 2.76 -33.02
C PHE A 427 1.52 1.55 -33.65
N GLU A 428 0.40 1.71 -34.36
CA GLU A 428 -0.16 0.63 -35.16
C GLU A 428 0.26 0.73 -36.62
N THR A 429 0.00 1.88 -37.25
CA THR A 429 0.35 2.08 -38.64
C THR A 429 1.82 2.46 -38.83
N GLN A 430 2.49 2.86 -37.75
CA GLN A 430 3.87 3.39 -37.81
C GLN A 430 3.95 4.64 -38.67
N LYS A 431 2.81 5.28 -38.93
CA LYS A 431 2.78 6.52 -39.68
C LYS A 431 3.40 7.64 -38.87
N ARG A 432 4.31 8.37 -39.49
CA ARG A 432 4.98 9.49 -38.85
C ARG A 432 4.28 10.79 -39.25
N THR A 433 4.15 11.71 -38.30
CA THR A 433 3.59 13.02 -38.57
C THR A 433 4.40 14.06 -37.82
N ILE A 434 5.01 15.00 -38.54
CA ILE A 434 5.77 16.06 -37.90
C ILE A 434 4.83 17.00 -37.17
N LYS A 435 5.12 17.28 -35.90
CA LYS A 435 4.30 18.19 -35.14
C LYS A 435 4.67 19.64 -35.46
N ASP A 436 3.79 20.57 -35.06
CA ASP A 436 4.08 21.99 -35.26
C ASP A 436 5.40 22.39 -34.60
N SER A 437 5.76 21.73 -33.50
CA SER A 437 7.04 22.02 -32.86
C SER A 437 8.21 21.62 -33.75
N GLY A 438 8.03 20.62 -34.60
CA GLY A 438 9.11 20.24 -35.51
C GLY A 438 9.41 21.32 -36.54
N TYR A 439 8.38 21.85 -37.18
CA TYR A 439 8.59 22.93 -38.14
C TYR A 439 9.04 24.21 -37.46
N TRP A 440 8.58 24.47 -36.24
CA TRP A 440 9.09 25.61 -35.48
C TRP A 440 10.55 25.41 -35.13
N TYR A 441 10.94 24.19 -34.77
CA TYR A 441 12.33 23.92 -34.45
C TYR A 441 13.23 24.05 -35.68
N LYS A 442 12.68 23.79 -36.87
CA LYS A 442 13.44 23.98 -38.10
C LYS A 442 13.84 25.44 -38.28
N LYS A 443 12.93 26.36 -38.01
CA LYS A 443 13.26 27.78 -38.12
C LYS A 443 14.27 28.21 -37.06
N VAL A 444 14.21 27.62 -35.86
CA VAL A 444 15.16 27.95 -34.81
C VAL A 444 16.57 27.60 -35.25
N ILE A 445 16.74 26.44 -35.88
CA ILE A 445 18.06 26.04 -36.37
C ILE A 445 18.53 26.99 -37.46
N GLU A 446 17.63 27.33 -38.39
CA GLU A 446 18.00 28.20 -39.50
C GLU A 446 18.31 29.62 -39.05
N GLU A 447 17.70 30.08 -37.97
CA GLU A 447 17.98 31.41 -37.44
C GLU A 447 18.99 31.39 -36.29
N ASN A 448 19.47 30.21 -35.90
CA ASN A 448 20.39 30.06 -34.76
C ASN A 448 19.80 30.69 -33.51
N GLY A 449 18.50 30.50 -33.31
CA GLY A 449 17.83 30.98 -32.11
C GLY A 449 17.51 32.46 -32.06
N GLU A 450 17.59 33.19 -33.17
CA GLU A 450 17.24 34.60 -33.16
C GLU A 450 15.74 34.85 -33.35
N ASN A 451 14.94 33.80 -33.48
CA ASN A 451 13.49 33.94 -33.61
C ASN A 451 12.77 33.64 -32.31
N LEU A 452 13.51 33.40 -31.22
CA LEU A 452 12.88 33.00 -29.97
C LEU A 452 12.13 34.19 -29.37
N LEU A 453 10.83 34.00 -29.12
CA LEU A 453 10.01 35.07 -28.56
C LEU A 453 10.48 35.37 -27.15
N GLU A 454 10.54 36.67 -26.82
CA GLU A 454 11.13 37.10 -25.57
C GLU A 454 10.09 37.18 -24.45
N HIS A 455 10.57 37.53 -23.26
CA HIS A 455 9.73 37.76 -22.07
C HIS A 455 9.09 36.47 -21.58
N MET B 1 -27.44 21.29 -41.44
CA MET B 1 -28.31 21.06 -40.30
C MET B 1 -27.75 19.98 -39.38
N LYS B 2 -26.67 20.31 -38.68
CA LYS B 2 -26.10 19.38 -37.71
C LYS B 2 -27.02 19.19 -36.50
N PHE B 3 -27.60 20.27 -36.00
CA PHE B 3 -28.47 20.26 -34.83
C PHE B 3 -29.78 20.98 -35.13
N ASN B 4 -30.73 20.83 -34.22
CA ASN B 4 -32.02 21.50 -34.35
C ASN B 4 -31.88 22.98 -34.01
N GLU B 5 -32.88 23.75 -34.45
CA GLU B 5 -32.83 25.20 -34.27
C GLU B 5 -32.96 25.62 -32.81
N ASN B 6 -33.60 24.79 -31.98
CA ASN B 6 -33.78 25.11 -30.56
C ASN B 6 -32.58 24.73 -29.72
N PHE B 7 -31.51 24.22 -30.33
CA PHE B 7 -30.39 23.68 -29.57
C PHE B 7 -29.80 24.73 -28.64
N VAL B 8 -29.39 24.27 -27.46
CA VAL B 8 -28.91 25.13 -26.38
C VAL B 8 -27.42 24.91 -26.23
N TRP B 9 -26.65 25.98 -26.41
CA TRP B 9 -25.20 25.95 -26.22
C TRP B 9 -24.87 26.62 -24.89
N GLY B 10 -24.17 25.91 -24.01
CA GLY B 10 -23.90 26.42 -22.69
C GLY B 10 -22.53 26.03 -22.18
N VAL B 11 -22.19 26.63 -21.03
CA VAL B 11 -21.02 26.26 -20.24
C VAL B 11 -21.50 25.94 -18.83
N ALA B 12 -20.63 25.27 -18.06
CA ALA B 12 -21.02 24.78 -16.75
C ALA B 12 -19.94 25.05 -15.73
N THR B 13 -20.35 25.40 -14.51
CA THR B 13 -19.47 25.53 -13.35
C THR B 13 -20.16 24.89 -12.16
N SER B 14 -19.52 24.97 -10.99
CA SER B 14 -20.16 24.54 -9.76
C SER B 14 -19.70 25.45 -8.62
N SER B 15 -20.50 25.47 -7.55
CA SER B 15 -20.36 26.48 -6.52
C SER B 15 -19.00 26.37 -5.81
N TYR B 16 -18.70 25.21 -5.24
CA TYR B 16 -17.46 25.09 -4.46
C TYR B 16 -16.23 25.27 -5.34
N GLN B 17 -16.33 24.94 -6.63
CA GLN B 17 -15.17 24.98 -7.50
C GLN B 17 -14.79 26.40 -7.95
N ILE B 18 -15.72 27.35 -7.97
CA ILE B 18 -15.41 28.66 -8.53
C ILE B 18 -15.66 29.80 -7.55
N GLU B 19 -16.62 29.63 -6.64
CA GLU B 19 -17.15 30.78 -5.90
C GLU B 19 -16.10 31.39 -4.98
N GLY B 20 -15.39 30.57 -4.22
CA GLY B 20 -14.58 31.15 -3.18
C GLY B 20 -15.47 31.68 -2.07
N ALA B 21 -14.90 32.59 -1.28
CA ALA B 21 -15.61 33.20 -0.15
C ALA B 21 -16.24 32.11 0.71
N TYR B 22 -15.43 31.09 1.03
CA TYR B 22 -15.93 29.93 1.74
C TYR B 22 -16.37 30.26 3.15
N ASN B 23 -15.70 31.22 3.81
CA ASN B 23 -16.02 31.52 5.19
C ASN B 23 -16.30 33.02 5.34
N GLU B 24 -17.12 33.56 4.44
CA GLU B 24 -17.49 34.97 4.40
C GLU B 24 -18.97 35.11 4.08
N ASP B 25 -19.54 36.23 4.52
CA ASP B 25 -20.96 36.55 4.32
C ASP B 25 -21.85 35.42 4.81
N GLY B 26 -21.49 34.85 5.95
CA GLY B 26 -22.33 33.87 6.62
C GLY B 26 -22.41 32.52 5.95
N ARG B 27 -21.53 32.21 5.00
CA ARG B 27 -21.56 30.89 4.38
C ARG B 27 -21.14 29.84 5.40
N GLY B 28 -21.94 28.77 5.50
CA GLY B 28 -21.59 27.68 6.38
C GLY B 28 -20.58 26.74 5.75
N LYS B 29 -19.96 25.94 6.59
CA LYS B 29 -19.02 24.94 6.11
C LYS B 29 -19.78 23.84 5.37
N ASP B 30 -19.07 23.15 4.49
CA ASP B 30 -19.59 22.00 3.76
C ASP B 30 -18.63 20.83 3.90
N ILE B 31 -18.98 19.70 3.29
CA ILE B 31 -18.18 18.50 3.47
C ILE B 31 -16.86 18.60 2.72
N TRP B 32 -16.81 19.33 1.60
CA TRP B 32 -15.58 19.39 0.83
C TRP B 32 -14.56 20.33 1.47
N GLY B 33 -15.00 21.48 1.99
CA GLY B 33 -14.10 22.29 2.80
C GLY B 33 -13.58 21.53 4.01
N ASP B 34 -14.43 20.72 4.62
CA ASP B 34 -14.00 19.86 5.73
C ASP B 34 -13.07 18.75 5.25
N TYR B 35 -13.40 18.15 4.11
CA TYR B 35 -12.56 17.10 3.54
C TYR B 35 -11.17 17.62 3.24
N CYS B 36 -11.07 18.85 2.71
CA CYS B 36 -9.79 19.43 2.37
C CYS B 36 -8.93 19.72 3.60
N SER B 37 -9.55 19.88 4.77
CA SER B 37 -8.79 20.16 5.98
C SER B 37 -7.98 18.97 6.46
N ILE B 38 -8.20 17.78 5.91
CA ILE B 38 -7.39 16.61 6.25
C ILE B 38 -6.11 16.66 5.42
N PRO B 39 -4.95 16.77 6.04
CA PRO B 39 -3.71 16.88 5.27
C PRO B 39 -3.48 15.69 4.34
N GLY B 40 -2.98 15.98 3.15
CA GLY B 40 -2.65 14.96 2.16
C GLY B 40 -3.81 14.42 1.37
N ILE B 41 -5.02 14.95 1.56
CA ILE B 41 -6.19 14.44 0.85
C ILE B 41 -6.28 15.07 -0.55
N ILE B 42 -6.06 16.37 -0.64
CA ILE B 42 -6.10 17.08 -1.92
C ILE B 42 -4.67 17.29 -2.40
N PHE B 43 -4.49 17.28 -3.71
CA PHE B 43 -3.21 17.59 -4.35
C PHE B 43 -2.62 18.88 -3.77
N ASP B 44 -1.43 18.78 -3.19
CA ASP B 44 -0.72 19.92 -2.61
C ASP B 44 -1.57 20.66 -1.58
N ASN B 45 -2.52 19.95 -0.96
CA ASN B 45 -3.41 20.51 0.06
C ASN B 45 -4.14 21.75 -0.46
N HIS B 46 -4.58 21.69 -1.72
CA HIS B 46 -5.45 22.73 -2.24
C HIS B 46 -6.82 22.64 -1.59
N ASN B 47 -7.56 23.75 -1.64
CA ASN B 47 -8.93 23.77 -1.14
C ASN B 47 -9.72 24.78 -1.95
N GLY B 48 -10.98 24.98 -1.57
CA GLY B 48 -11.85 25.89 -2.29
C GLY B 48 -12.12 27.18 -1.55
N ASP B 49 -11.21 27.57 -0.65
CA ASP B 49 -11.36 28.83 0.07
C ASP B 49 -11.46 30.01 -0.90
N LYS B 50 -10.55 30.07 -1.87
CA LYS B 50 -10.49 31.17 -2.84
C LYS B 50 -11.06 30.80 -4.20
N ALA B 51 -10.66 29.65 -4.74
CA ALA B 51 -11.15 29.13 -6.03
C ALA B 51 -10.95 30.21 -7.10
N CYS B 52 -11.99 30.57 -7.85
CA CYS B 52 -11.91 31.62 -8.86
C CYS B 52 -12.44 32.95 -8.36
N GLU B 53 -12.77 33.05 -7.07
CA GLU B 53 -13.36 34.27 -6.50
C GLU B 53 -14.58 34.72 -7.30
N HIS B 54 -15.30 33.76 -7.88
CA HIS B 54 -16.49 34.08 -8.66
C HIS B 54 -17.54 34.81 -7.83
N TYR B 55 -17.59 34.53 -6.53
CA TYR B 55 -18.52 35.23 -5.64
C TYR B 55 -18.34 36.72 -5.74
N TYR B 56 -17.11 37.19 -5.89
CA TYR B 56 -16.84 38.62 -6.03
C TYR B 56 -16.76 39.07 -7.49
N ARG B 57 -16.42 38.16 -8.40
CA ARG B 57 -16.16 38.52 -9.79
C ARG B 57 -17.24 38.02 -10.75
N TYR B 58 -18.46 37.78 -10.25
CA TYR B 58 -19.50 37.20 -11.10
C TYR B 58 -19.82 38.10 -12.28
N LYS B 59 -19.72 39.42 -12.11
CA LYS B 59 -20.03 40.33 -13.21
C LYS B 59 -19.01 40.18 -14.33
N GLU B 60 -17.71 40.14 -14.00
CA GLU B 60 -16.69 39.90 -15.00
C GLU B 60 -16.92 38.56 -15.70
N ASP B 61 -17.25 37.52 -14.94
CA ASP B 61 -17.44 36.20 -15.54
C ASP B 61 -18.64 36.17 -16.47
N VAL B 62 -19.69 36.94 -16.18
CA VAL B 62 -20.81 37.01 -17.11
C VAL B 62 -20.44 37.85 -18.32
N ALA B 63 -19.66 38.92 -18.12
CA ALA B 63 -19.19 39.72 -19.24
C ALA B 63 -18.28 38.90 -20.15
N ILE B 64 -17.43 38.06 -19.56
CA ILE B 64 -16.62 37.16 -20.38
C ILE B 64 -17.51 36.19 -21.14
N MET B 65 -18.59 35.74 -20.52
CA MET B 65 -19.49 34.80 -21.20
C MET B 65 -20.23 35.49 -22.35
N LYS B 66 -20.57 36.77 -22.20
CA LYS B 66 -21.23 37.48 -23.29
C LYS B 66 -20.29 37.69 -24.46
N GLU B 67 -19.02 37.98 -24.19
CA GLU B 67 -18.03 38.10 -25.27
C GLU B 67 -17.93 36.82 -26.08
N MET B 68 -18.06 35.66 -25.42
CA MET B 68 -18.02 34.38 -26.11
C MET B 68 -19.36 33.97 -26.70
N GLY B 69 -20.39 34.82 -26.62
CA GLY B 69 -21.69 34.50 -27.19
C GLY B 69 -22.36 33.30 -26.57
N ILE B 70 -22.26 33.17 -25.25
CA ILE B 70 -22.82 32.02 -24.55
C ILE B 70 -24.27 32.34 -24.17
N LYS B 71 -25.19 31.47 -24.59
CA LYS B 71 -26.61 31.71 -24.40
C LYS B 71 -27.19 31.03 -23.16
N ALA B 72 -26.48 30.07 -22.57
CA ALA B 72 -26.96 29.36 -21.41
C ALA B 72 -25.80 29.07 -20.46
N TYR B 73 -26.05 29.17 -19.17
CA TYR B 73 -25.02 29.02 -18.16
C TYR B 73 -25.52 28.06 -17.09
N ARG B 74 -24.87 26.91 -16.96
CA ARG B 74 -25.19 25.96 -15.91
C ARG B 74 -24.28 26.22 -14.71
N PHE B 75 -24.90 26.34 -13.54
CA PHE B 75 -24.17 26.59 -12.30
C PHE B 75 -24.93 25.94 -11.16
N SER B 76 -24.27 25.86 -10.00
CA SER B 76 -24.84 25.20 -8.84
C SER B 76 -24.97 26.17 -7.70
N ILE B 77 -25.93 25.88 -6.81
CA ILE B 77 -26.20 26.71 -5.64
C ILE B 77 -25.50 26.07 -4.44
N ALA B 78 -24.75 26.88 -3.69
CA ALA B 78 -24.10 26.43 -2.47
C ALA B 78 -25.16 26.37 -1.36
N TRP B 79 -25.61 25.15 -1.07
CA TRP B 79 -26.62 24.94 -0.02
C TRP B 79 -26.20 25.61 1.29
N ALA B 80 -24.92 25.55 1.62
CA ALA B 80 -24.44 26.15 2.86
C ALA B 80 -24.35 27.67 2.79
N ARG B 81 -24.41 28.26 1.60
CA ARG B 81 -24.41 29.71 1.51
C ARG B 81 -25.79 30.31 1.78
N ILE B 82 -26.84 29.53 1.54
CA ILE B 82 -28.21 29.97 1.86
C ILE B 82 -28.63 29.50 3.24
N PHE B 83 -28.43 28.22 3.55
CA PHE B 83 -28.67 27.65 4.88
C PHE B 83 -27.33 27.28 5.50
N PRO B 84 -26.73 28.15 6.31
CA PRO B 84 -25.40 27.84 6.86
C PRO B 84 -25.35 26.54 7.65
N GLU B 85 -26.46 26.12 8.22
CA GLU B 85 -26.55 24.89 8.99
C GLU B 85 -27.53 23.90 8.35
N GLY B 86 -27.73 24.03 7.05
CA GLY B 86 -28.61 23.14 6.28
C GLY B 86 -30.09 23.42 6.37
N ILE B 87 -30.59 23.65 7.60
CA ILE B 87 -31.99 23.98 7.82
C ILE B 87 -32.05 25.13 8.81
N GLY B 88 -33.17 25.82 8.83
CA GLY B 88 -33.38 26.88 9.81
C GLY B 88 -32.95 28.25 9.29
N LYS B 89 -31.89 28.82 9.87
CA LYS B 89 -31.50 30.19 9.60
C LYS B 89 -31.20 30.40 8.12
N ILE B 90 -31.75 31.48 7.57
CA ILE B 90 -31.55 31.85 6.17
C ILE B 90 -30.46 32.91 6.12
N ASN B 91 -29.44 32.69 5.29
CA ASN B 91 -28.36 33.64 5.14
C ASN B 91 -28.74 34.62 4.05
N GLN B 92 -29.04 35.86 4.44
CA GLN B 92 -29.57 36.83 3.48
C GLN B 92 -28.51 37.23 2.47
N LYS B 93 -27.27 37.40 2.91
CA LYS B 93 -26.20 37.80 2.01
C LYS B 93 -25.95 36.75 0.94
N GLY B 94 -26.27 35.49 1.22
CA GLY B 94 -26.17 34.43 0.23
C GLY B 94 -27.35 34.45 -0.72
N VAL B 95 -28.53 34.74 -0.19
CA VAL B 95 -29.71 34.91 -1.03
C VAL B 95 -29.49 36.06 -2.00
N ASP B 96 -28.93 37.17 -1.53
CA ASP B 96 -28.72 38.33 -2.39
C ASP B 96 -27.73 38.02 -3.51
N PHE B 97 -26.69 37.24 -3.20
CA PHE B 97 -25.67 36.93 -4.21
C PHE B 97 -26.30 36.20 -5.40
N TYR B 98 -27.06 35.14 -5.12
CA TYR B 98 -27.67 34.39 -6.22
C TYR B 98 -28.73 35.21 -6.95
N HIS B 99 -29.42 36.12 -6.24
CA HIS B 99 -30.25 37.10 -6.93
C HIS B 99 -29.42 37.94 -7.90
N ASN B 100 -28.33 38.52 -7.40
CA ASN B 100 -27.47 39.34 -8.25
C ASN B 100 -26.85 38.51 -9.36
N LEU B 101 -26.51 37.25 -9.07
CA LEU B 101 -25.95 36.37 -10.11
C LEU B 101 -26.99 36.06 -11.17
N ILE B 102 -28.20 35.69 -10.75
CA ILE B 102 -29.25 35.37 -11.72
C ILE B 102 -29.64 36.63 -12.50
N ASP B 103 -29.79 37.76 -11.82
CA ASP B 103 -30.14 39.00 -12.50
C ASP B 103 -29.07 39.39 -13.52
N GLU B 104 -27.80 39.20 -13.17
CA GLU B 104 -26.74 39.50 -14.12
C GLU B 104 -26.83 38.62 -15.36
N LEU B 105 -27.22 37.37 -15.18
CA LEU B 105 -27.42 36.48 -16.32
C LEU B 105 -28.59 36.95 -17.18
N ILE B 106 -29.73 37.27 -16.55
CA ILE B 106 -30.89 37.73 -17.29
C ILE B 106 -30.58 39.04 -18.01
N LYS B 107 -29.85 39.93 -17.35
CA LYS B 107 -29.47 41.21 -17.96
C LYS B 107 -28.66 41.03 -19.23
N ASN B 108 -27.93 39.92 -19.35
CA ASN B 108 -27.04 39.69 -20.49
C ASN B 108 -27.54 38.59 -21.42
N ASP B 109 -28.85 38.32 -21.41
CA ASP B 109 -29.47 37.38 -22.35
C ASP B 109 -28.88 35.97 -22.22
N ILE B 110 -28.63 35.55 -20.99
CA ILE B 110 -28.13 34.22 -20.70
C ILE B 110 -29.17 33.49 -19.86
N VAL B 111 -29.53 32.28 -20.27
CA VAL B 111 -30.56 31.49 -19.62
C VAL B 111 -29.90 30.70 -18.49
N PRO B 112 -30.33 30.87 -17.24
CA PRO B 112 -29.73 30.11 -16.14
C PRO B 112 -30.23 28.68 -16.10
N TYR B 113 -29.29 27.76 -15.88
CA TYR B 113 -29.58 26.35 -15.60
C TYR B 113 -29.01 26.04 -14.24
N VAL B 114 -29.87 25.70 -13.29
CA VAL B 114 -29.51 25.63 -11.87
C VAL B 114 -29.38 24.18 -11.45
N THR B 115 -28.26 23.86 -10.81
CA THR B 115 -28.08 22.58 -10.12
C THR B 115 -28.21 22.84 -8.63
N LEU B 116 -29.17 22.17 -7.99
CA LEU B 116 -29.41 22.41 -6.56
C LEU B 116 -28.29 21.83 -5.71
N PHE B 117 -27.83 20.62 -6.03
CA PHE B 117 -26.82 19.94 -5.23
C PHE B 117 -25.65 19.53 -6.12
N HIS B 118 -24.51 20.20 -5.93
CA HIS B 118 -23.28 19.82 -6.62
C HIS B 118 -22.23 19.45 -5.58
N TRP B 119 -22.58 18.54 -4.68
CA TRP B 119 -21.68 17.83 -3.77
C TRP B 119 -21.38 18.59 -2.48
N ASP B 120 -21.56 19.91 -2.46
CA ASP B 120 -21.20 20.69 -1.26
C ASP B 120 -22.33 20.61 -0.23
N LEU B 121 -22.45 19.43 0.36
CA LEU B 121 -23.46 19.21 1.39
C LEU B 121 -23.06 19.97 2.65
N PRO B 122 -23.96 20.78 3.23
CA PRO B 122 -23.61 21.51 4.45
C PRO B 122 -23.12 20.60 5.56
N LEU B 123 -21.98 20.98 6.15
CA LEU B 123 -21.31 20.11 7.13
C LEU B 123 -22.21 19.79 8.31
N GLU B 124 -23.13 20.69 8.66
CA GLU B 124 -24.03 20.45 9.78
C GLU B 124 -24.89 19.22 9.54
N LEU B 125 -25.31 19.00 8.29
CA LEU B 125 -26.13 17.83 7.99
C LEU B 125 -25.30 16.56 7.87
N ALA B 126 -24.05 16.66 7.42
CA ALA B 126 -23.17 15.51 7.38
C ALA B 126 -22.89 14.98 8.78
N GLU B 127 -22.65 15.90 9.73
CA GLU B 127 -22.45 15.50 11.11
C GLU B 127 -23.72 14.96 11.74
N LYS B 128 -24.87 15.08 11.06
CA LYS B 128 -26.09 14.41 11.47
C LYS B 128 -26.38 13.18 10.59
N GLY B 129 -25.35 12.63 9.96
CA GLY B 129 -25.45 11.40 9.19
C GLY B 129 -25.53 11.57 7.69
N GLY B 130 -25.76 12.79 7.20
CA GLY B 130 -25.86 12.97 5.77
C GLY B 130 -27.02 12.19 5.18
N TRP B 131 -26.77 11.56 4.03
CA TRP B 131 -27.81 10.81 3.34
C TRP B 131 -28.15 9.50 4.03
N LEU B 132 -27.42 9.12 5.08
CA LEU B 132 -27.83 7.98 5.89
C LEU B 132 -29.05 8.31 6.74
N ASN B 133 -29.25 9.58 7.08
CA ASN B 133 -30.37 10.00 7.91
C ASN B 133 -31.63 10.13 7.06
N ASP B 134 -32.70 9.44 7.48
CA ASP B 134 -33.96 9.52 6.75
C ASP B 134 -34.49 10.94 6.68
N ASP B 135 -34.08 11.81 7.61
CA ASP B 135 -34.47 13.22 7.57
C ASP B 135 -33.81 14.00 6.45
N SER B 136 -32.82 13.41 5.76
CA SER B 136 -32.16 14.11 4.67
C SER B 136 -33.15 14.41 3.54
N VAL B 137 -34.20 13.60 3.41
CA VAL B 137 -35.24 13.88 2.42
C VAL B 137 -35.90 15.21 2.70
N GLU B 138 -36.14 15.52 3.97
CA GLU B 138 -36.77 16.78 4.35
C GLU B 138 -35.81 17.96 4.23
N TRP B 139 -34.56 17.77 4.63
CA TRP B 139 -33.55 18.83 4.51
C TRP B 139 -33.46 19.32 3.07
N PHE B 140 -33.39 18.38 2.12
CA PHE B 140 -33.27 18.78 0.72
C PHE B 140 -34.60 19.31 0.18
N LYS B 141 -35.71 18.77 0.66
CA LYS B 141 -37.02 19.26 0.23
C LYS B 141 -37.21 20.72 0.62
N ASP B 142 -36.98 21.04 1.89
CA ASP B 142 -37.07 22.43 2.34
C ASP B 142 -36.05 23.31 1.63
N TYR B 143 -34.86 22.76 1.38
CA TYR B 143 -33.87 23.48 0.58
C TYR B 143 -34.40 23.75 -0.82
N ALA B 144 -34.94 22.73 -1.47
CA ALA B 144 -35.51 22.92 -2.80
C ALA B 144 -36.71 23.85 -2.76
N GLU B 145 -37.54 23.74 -1.71
CA GLU B 145 -38.73 24.58 -1.61
C GLU B 145 -38.37 26.05 -1.53
N PHE B 146 -37.37 26.39 -0.71
CA PHE B 146 -36.99 27.79 -0.59
C PHE B 146 -36.46 28.34 -1.91
N PHE B 147 -35.62 27.58 -2.60
CA PHE B 147 -35.10 28.05 -3.88
C PHE B 147 -36.22 28.28 -4.88
N GLY B 148 -37.22 27.40 -4.89
CA GLY B 148 -38.36 27.60 -5.77
C GLY B 148 -39.18 28.80 -5.38
N LYS B 149 -39.40 29.01 -4.08
CA LYS B 149 -40.15 30.18 -3.64
C LYS B 149 -39.37 31.47 -3.90
N GLU B 150 -38.05 31.44 -3.74
CA GLU B 150 -37.25 32.66 -3.84
C GLU B 150 -36.85 33.01 -5.27
N TYR B 151 -36.62 32.00 -6.13
CA TYR B 151 -36.13 32.26 -7.49
C TYR B 151 -36.97 31.58 -8.57
N GLY B 152 -37.99 30.80 -8.21
CA GLY B 152 -38.70 30.02 -9.21
C GLY B 152 -39.36 30.85 -10.29
N HIS B 153 -39.71 32.10 -9.98
CA HIS B 153 -40.38 32.95 -10.96
C HIS B 153 -39.46 33.43 -12.08
N LYS B 154 -38.15 33.18 -11.98
CA LYS B 154 -37.25 33.59 -13.06
C LYS B 154 -36.22 32.52 -13.38
N ILE B 155 -36.51 31.26 -13.08
CA ILE B 155 -35.65 30.13 -13.43
C ILE B 155 -36.51 29.10 -14.15
N LYS B 156 -36.17 28.83 -15.41
CA LYS B 156 -36.92 27.89 -16.24
C LYS B 156 -36.39 26.47 -16.16
N TYR B 157 -35.19 26.27 -15.63
CA TYR B 157 -34.57 24.95 -15.62
C TYR B 157 -33.87 24.74 -14.29
N ILE B 158 -34.19 23.64 -13.62
CA ILE B 158 -33.57 23.25 -12.36
C ILE B 158 -33.32 21.75 -12.39
N MET B 159 -32.09 21.33 -12.09
CA MET B 159 -31.76 19.93 -11.89
C MET B 159 -31.35 19.70 -10.44
N THR B 160 -31.77 18.57 -9.89
CA THR B 160 -31.60 18.31 -8.46
C THR B 160 -30.16 17.92 -8.12
N PHE B 161 -29.76 16.70 -8.45
CA PHE B 161 -28.49 16.14 -8.03
C PHE B 161 -27.55 16.03 -9.22
N ASN B 162 -26.36 16.64 -9.10
CA ASN B 162 -25.30 16.45 -10.08
C ASN B 162 -24.50 15.21 -9.70
N GLU B 163 -24.48 14.23 -10.60
CA GLU B 163 -23.64 13.03 -10.48
C GLU B 163 -23.77 12.39 -9.11
N PRO B 164 -24.92 11.79 -8.78
CA PRO B 164 -25.02 11.07 -7.51
C PRO B 164 -24.08 9.88 -7.42
N GLN B 165 -23.59 9.38 -8.56
CA GLN B 165 -22.59 8.33 -8.56
C GLN B 165 -21.34 8.75 -7.80
N CYS B 166 -20.98 10.03 -7.85
CA CYS B 166 -19.80 10.49 -7.12
C CYS B 166 -20.10 10.70 -5.64
N THR B 167 -21.20 11.40 -5.34
CA THR B 167 -21.56 11.63 -3.94
C THR B 167 -21.70 10.31 -3.18
N ILE B 168 -22.34 9.32 -3.78
CA ILE B 168 -22.57 8.05 -3.09
C ILE B 168 -21.41 7.09 -3.30
N GLY B 169 -21.04 6.84 -4.55
CA GLY B 169 -19.99 5.88 -4.85
C GLY B 169 -18.60 6.33 -4.41
N LEU B 170 -18.15 7.47 -4.93
CA LEU B 170 -16.83 7.95 -4.56
C LEU B 170 -16.81 8.49 -3.13
N GLY B 171 -17.94 9.03 -2.67
CA GLY B 171 -18.00 9.64 -1.36
C GLY B 171 -18.17 8.66 -0.21
N LEU B 172 -19.01 7.63 -0.42
CA LEU B 172 -19.39 6.72 0.66
C LEU B 172 -19.05 5.26 0.40
N GLN B 173 -18.81 4.86 -0.85
CA GLN B 173 -18.50 3.47 -1.15
C GLN B 173 -17.03 3.24 -1.48
N GLN B 174 -16.37 4.19 -2.13
CA GLN B 174 -14.99 4.02 -2.55
C GLN B 174 -14.02 4.93 -1.80
N GLY B 175 -14.52 5.86 -0.99
CA GLY B 175 -13.66 6.70 -0.19
C GLY B 175 -12.76 7.62 -0.99
N ILE B 176 -13.21 8.07 -2.16
CA ILE B 176 -12.37 8.87 -3.05
C ILE B 176 -12.81 10.34 -2.96
N HIS B 177 -14.10 10.59 -2.80
CA HIS B 177 -14.61 11.93 -2.62
C HIS B 177 -15.07 12.13 -1.18
N ALA B 178 -15.33 13.39 -0.84
CA ALA B 178 -15.76 13.74 0.51
C ALA B 178 -17.02 12.95 0.88
N PRO B 179 -17.14 12.48 2.12
CA PRO B 179 -16.21 12.64 3.26
C PRO B 179 -15.01 11.69 3.20
N GLY B 180 -14.90 10.84 2.18
CA GLY B 180 -13.75 9.97 2.05
C GLY B 180 -13.86 8.64 2.75
N VAL B 181 -15.05 8.07 2.84
CA VAL B 181 -15.30 6.88 3.65
C VAL B 181 -15.70 5.73 2.75
N LYS B 182 -15.52 4.52 3.27
CA LYS B 182 -15.88 3.27 2.58
C LYS B 182 -16.79 2.50 3.53
N LEU B 183 -18.10 2.65 3.35
CA LEU B 183 -19.08 2.11 4.27
C LEU B 183 -19.63 0.78 3.75
N SER B 184 -20.55 0.20 4.53
CA SER B 184 -21.13 -1.10 4.20
C SER B 184 -22.14 -0.96 3.07
N PRO B 185 -22.45 -2.07 2.38
CA PRO B 185 -23.50 -2.02 1.36
C PRO B 185 -24.84 -1.52 1.89
N LYS B 186 -25.18 -1.84 3.15
CA LYS B 186 -26.41 -1.31 3.73
C LYS B 186 -26.37 0.21 3.80
N ALA B 187 -25.25 0.75 4.30
CA ALA B 187 -25.10 2.20 4.40
C ALA B 187 -25.18 2.86 3.02
N VAL B 188 -24.50 2.29 2.03
CA VAL B 188 -24.46 2.91 0.71
C VAL B 188 -25.82 2.87 0.05
N LEU B 189 -26.53 1.74 0.14
CA LEU B 189 -27.83 1.63 -0.49
C LEU B 189 -28.89 2.43 0.25
N LYS B 190 -28.75 2.56 1.57
CA LYS B 190 -29.66 3.44 2.31
C LYS B 190 -29.42 4.89 1.92
N SER B 191 -28.15 5.28 1.77
CA SER B 191 -27.84 6.64 1.29
C SER B 191 -28.33 6.83 -0.14
N THR B 192 -28.19 5.81 -0.98
CA THR B 192 -28.71 5.90 -2.34
C THR B 192 -30.22 6.09 -2.32
N HIS B 193 -30.92 5.38 -1.43
CA HIS B 193 -32.38 5.48 -1.37
C HIS B 193 -32.82 6.85 -0.88
N ASN B 194 -32.15 7.39 0.13
CA ASN B 194 -32.55 8.69 0.66
C ASN B 194 -32.26 9.81 -0.32
N LEU B 195 -31.19 9.70 -1.11
CA LEU B 195 -30.92 10.69 -2.14
C LEU B 195 -32.02 10.69 -3.20
N LEU B 196 -32.43 9.50 -3.65
CA LEU B 196 -33.52 9.41 -4.61
C LEU B 196 -34.82 9.96 -4.03
N LYS B 197 -35.12 9.62 -2.77
CA LYS B 197 -36.29 10.17 -2.11
C LYS B 197 -36.20 11.69 -2.01
N ALA B 198 -35.03 12.21 -1.67
CA ALA B 198 -34.83 13.66 -1.64
C ALA B 198 -35.08 14.28 -3.00
N HIS B 199 -34.62 13.62 -4.07
CA HIS B 199 -34.90 14.09 -5.42
C HIS B 199 -36.40 14.19 -5.68
N GLY B 200 -37.13 13.12 -5.39
CA GLY B 200 -38.57 13.12 -5.62
C GLY B 200 -39.29 14.15 -4.78
N ALA B 201 -38.96 14.22 -3.49
CA ALA B 201 -39.57 15.22 -2.62
C ALA B 201 -39.25 16.63 -3.12
N ALA B 202 -38.05 16.84 -3.66
CA ALA B 202 -37.71 18.13 -4.23
C ALA B 202 -38.53 18.42 -5.47
N VAL B 203 -38.74 17.42 -6.32
CA VAL B 203 -39.52 17.63 -7.54
C VAL B 203 -40.97 17.96 -7.20
N LYS B 204 -41.57 17.20 -6.28
CA LYS B 204 -42.97 17.40 -5.97
C LYS B 204 -43.22 18.76 -5.34
N VAL B 205 -42.29 19.22 -4.49
CA VAL B 205 -42.48 20.53 -3.87
C VAL B 205 -42.20 21.64 -4.87
N LEU B 206 -41.32 21.38 -5.86
CA LEU B 206 -41.05 22.41 -6.87
C LEU B 206 -42.20 22.56 -7.85
N ARG B 207 -42.99 21.50 -8.08
CA ARG B 207 -44.19 21.63 -8.90
C ARG B 207 -45.21 22.54 -8.26
N LYS B 208 -45.13 22.74 -6.94
CA LYS B 208 -46.07 23.58 -6.21
C LYS B 208 -45.59 25.02 -6.08
N VAL B 209 -44.29 25.22 -5.85
CA VAL B 209 -43.78 26.57 -5.61
C VAL B 209 -43.12 27.18 -6.84
N ALA B 210 -42.89 26.41 -7.90
CA ALA B 210 -42.33 26.94 -9.16
C ALA B 210 -42.92 26.15 -10.32
N PRO B 211 -44.20 26.36 -10.62
CA PRO B 211 -44.87 25.49 -11.60
C PRO B 211 -44.44 25.70 -13.04
N ASN B 212 -43.76 26.80 -13.37
CA ASN B 212 -43.27 27.05 -14.72
C ASN B 212 -41.78 26.74 -14.87
N THR B 213 -41.24 25.88 -14.02
CA THR B 213 -39.82 25.53 -14.06
C THR B 213 -39.68 24.07 -14.46
N GLN B 214 -38.91 23.81 -15.52
CA GLN B 214 -38.68 22.44 -15.93
C GLN B 214 -37.61 21.79 -15.06
N LEU B 215 -37.86 20.55 -14.66
CA LEU B 215 -37.07 19.87 -13.66
C LEU B 215 -36.37 18.66 -14.26
N GLY B 216 -35.19 18.34 -13.74
CA GLY B 216 -34.44 17.21 -14.22
C GLY B 216 -33.37 16.78 -13.23
N ILE B 217 -32.49 15.91 -13.71
CA ILE B 217 -31.36 15.41 -12.94
C ILE B 217 -30.29 14.99 -13.93
N ASN B 218 -29.03 15.15 -13.52
CA ASN B 218 -27.89 14.87 -14.40
C ASN B 218 -26.92 13.92 -13.72
N PRO B 219 -27.14 12.61 -13.83
CA PRO B 219 -26.15 11.65 -13.34
C PRO B 219 -24.95 11.50 -14.27
N THR B 220 -24.09 10.53 -14.00
CA THR B 220 -22.95 10.26 -14.86
C THR B 220 -22.55 8.80 -14.74
N CYS B 221 -21.77 8.35 -15.72
CA CYS B 221 -21.18 7.02 -15.81
C CYS B 221 -20.34 6.96 -17.07
N GLY B 222 -19.39 6.03 -17.08
CA GLY B 222 -18.75 5.67 -18.34
C GLY B 222 -19.77 5.06 -19.29
N VAL B 223 -19.64 5.39 -20.56
CA VAL B 223 -20.59 4.95 -21.58
C VAL B 223 -20.09 3.65 -22.20
N ALA B 224 -20.87 2.58 -22.04
CA ALA B 224 -20.53 1.30 -22.66
C ALA B 224 -20.63 1.43 -24.18
N LEU B 225 -19.51 1.14 -24.87
CA LEU B 225 -19.44 1.31 -26.31
C LEU B 225 -19.47 -0.05 -27.00
N PRO B 226 -20.32 -0.23 -28.01
CA PRO B 226 -20.32 -1.51 -28.74
C PRO B 226 -19.11 -1.62 -29.65
N ILE B 227 -18.58 -2.84 -29.76
CA ILE B 227 -17.39 -3.06 -30.58
C ILE B 227 -17.69 -2.89 -32.07
N SER B 228 -18.96 -3.02 -32.46
CA SER B 228 -19.38 -2.77 -33.84
C SER B 228 -20.83 -2.29 -33.79
N GLU B 229 -21.41 -2.06 -34.97
CA GLU B 229 -22.75 -1.51 -35.06
C GLU B 229 -23.79 -2.55 -35.49
N ASN B 230 -23.53 -3.83 -35.24
CA ASN B 230 -24.50 -4.88 -35.45
C ASN B 230 -25.34 -5.07 -34.20
N LYS B 231 -26.60 -5.43 -34.41
CA LYS B 231 -27.57 -5.45 -33.32
C LYS B 231 -27.10 -6.26 -32.13
N LYS B 232 -26.29 -7.31 -32.36
CA LYS B 232 -25.86 -8.17 -31.26
C LYS B 232 -24.85 -7.46 -30.37
N ASP B 233 -23.93 -6.69 -30.97
CA ASP B 233 -22.95 -5.95 -30.19
C ASP B 233 -23.55 -4.71 -29.54
N ILE B 234 -24.52 -4.07 -30.20
CA ILE B 234 -25.20 -2.93 -29.58
C ILE B 234 -26.00 -3.37 -28.37
N GLU B 235 -26.53 -4.60 -28.38
CA GLU B 235 -27.29 -5.08 -27.25
C GLU B 235 -26.40 -5.41 -26.06
N ILE B 236 -25.16 -5.86 -26.32
CA ILE B 236 -24.22 -6.05 -25.23
C ILE B 236 -23.90 -4.73 -24.56
N ALA B 237 -23.67 -3.68 -25.37
CA ALA B 237 -23.35 -2.37 -24.82
C ALA B 237 -24.57 -1.76 -24.11
N ARG B 238 -25.76 -1.97 -24.65
CA ARG B 238 -26.96 -1.46 -24.00
C ARG B 238 -27.20 -2.17 -22.66
N LYS B 239 -27.01 -3.49 -22.65
CA LYS B 239 -27.19 -4.26 -21.42
C LYS B 239 -26.17 -3.86 -20.36
N ARG B 240 -24.89 -3.75 -20.76
CA ARG B 240 -23.86 -3.35 -19.81
C ARG B 240 -24.10 -1.94 -19.27
N TYR B 241 -24.55 -1.02 -20.13
CA TYR B 241 -24.71 0.38 -19.73
C TYR B 241 -25.76 0.54 -18.63
N PHE B 242 -26.78 -0.31 -18.60
CA PHE B 242 -27.83 -0.24 -17.60
C PHE B 242 -27.79 -1.41 -16.62
N ASP B 243 -26.63 -2.06 -16.50
CA ASP B 243 -26.52 -3.24 -15.63
C ASP B 243 -26.41 -2.82 -14.17
N ILE B 244 -26.69 -3.78 -13.28
CA ILE B 244 -26.50 -3.62 -11.84
C ILE B 244 -25.30 -4.47 -11.44
N LEU B 245 -24.31 -3.83 -10.81
CA LEU B 245 -23.00 -4.44 -10.61
C LEU B 245 -22.92 -5.19 -9.29
N ASP B 246 -21.91 -6.07 -9.21
CA ASP B 246 -21.68 -6.86 -8.01
C ASP B 246 -21.25 -5.98 -6.85
N LEU B 247 -21.53 -6.45 -5.63
CA LEU B 247 -21.19 -5.71 -4.44
C LEU B 247 -19.68 -5.60 -4.22
N ASN B 248 -18.88 -6.48 -4.80
CA ASN B 248 -17.43 -6.39 -4.65
C ASN B 248 -16.79 -5.48 -5.69
N ASP B 249 -17.54 -5.01 -6.68
CA ASP B 249 -17.07 -4.00 -7.61
C ASP B 249 -17.53 -2.62 -7.13
N ALA B 250 -17.29 -1.59 -7.94
CA ALA B 250 -17.80 -0.25 -7.66
C ALA B 250 -19.24 -0.17 -8.13
N TYR B 251 -20.13 -0.80 -7.35
CA TYR B 251 -21.49 -1.05 -7.80
C TYR B 251 -22.34 0.21 -7.87
N VAL B 252 -21.90 1.32 -7.27
CA VAL B 252 -22.69 2.55 -7.36
C VAL B 252 -22.58 3.16 -8.75
N TRP B 253 -21.50 2.87 -9.49
CA TRP B 253 -21.32 3.38 -10.84
C TRP B 253 -22.20 2.58 -11.81
N SER B 254 -23.51 2.79 -11.66
CA SER B 254 -24.53 2.15 -12.48
C SER B 254 -25.54 3.21 -12.91
N VAL B 255 -25.96 3.15 -14.17
CA VAL B 255 -26.96 4.09 -14.65
C VAL B 255 -28.34 3.72 -14.14
N SER B 256 -28.68 2.42 -14.18
CA SER B 256 -30.02 1.99 -13.80
C SER B 256 -30.26 2.09 -12.30
N LEU B 257 -29.20 2.03 -11.49
CA LEU B 257 -29.37 2.10 -10.04
C LEU B 257 -30.10 3.37 -9.62
N PHE B 258 -29.87 4.47 -10.32
CA PHE B 258 -30.51 5.75 -10.01
C PHE B 258 -31.66 6.09 -10.95
N LEU B 259 -31.51 5.82 -12.26
CA LEU B 259 -32.47 6.32 -13.23
C LEU B 259 -33.65 5.40 -13.45
N ASP B 260 -33.52 4.09 -13.22
CA ASP B 260 -34.69 3.22 -13.26
C ASP B 260 -35.71 3.58 -12.18
N PRO B 261 -35.33 3.77 -10.91
CA PRO B 261 -36.34 4.24 -9.93
C PRO B 261 -36.95 5.59 -10.28
N ILE B 262 -36.16 6.50 -10.82
CA ILE B 262 -36.65 7.86 -11.08
C ILE B 262 -37.64 7.86 -12.24
N VAL B 263 -37.29 7.19 -13.34
CA VAL B 263 -38.07 7.26 -14.56
C VAL B 263 -39.02 6.07 -14.70
N LEU B 264 -38.59 4.87 -14.32
CA LEU B 264 -39.40 3.68 -14.48
C LEU B 264 -40.17 3.32 -13.21
N GLY B 265 -39.88 3.95 -12.09
CA GLY B 265 -40.67 3.76 -10.89
C GLY B 265 -40.19 2.70 -9.94
N ASP B 266 -39.12 1.97 -10.26
CA ASP B 266 -38.60 0.95 -9.37
C ASP B 266 -37.18 0.61 -9.77
N TYR B 267 -36.42 0.12 -8.78
CA TYR B 267 -35.11 -0.45 -9.05
C TYR B 267 -35.23 -1.63 -10.02
N PRO B 268 -34.15 -1.94 -10.74
CA PRO B 268 -34.16 -3.15 -11.57
C PRO B 268 -34.32 -4.40 -10.73
N THR B 269 -34.78 -5.47 -11.39
CA THR B 269 -34.92 -6.75 -10.70
C THR B 269 -33.60 -7.24 -10.12
N LYS B 270 -32.51 -7.03 -10.86
CA LYS B 270 -31.19 -7.47 -10.39
C LYS B 270 -30.80 -6.80 -9.09
N TYR B 271 -31.29 -5.58 -8.86
CA TYR B 271 -31.01 -4.87 -7.62
C TYR B 271 -31.54 -5.64 -6.42
N TYR B 272 -32.79 -6.11 -6.50
CA TYR B 272 -33.38 -6.83 -5.38
C TYR B 272 -32.78 -8.21 -5.18
N GLU B 273 -32.23 -8.81 -6.24
CA GLU B 273 -31.66 -10.15 -6.12
C GLU B 273 -30.25 -10.10 -5.55
N LEU B 274 -29.37 -9.29 -6.15
CA LEU B 274 -27.96 -9.28 -5.72
C LEU B 274 -27.81 -8.67 -4.34
N TYR B 275 -28.60 -7.64 -4.02
CA TYR B 275 -28.45 -6.88 -2.79
C TYR B 275 -29.47 -7.29 -1.72
N LYS B 276 -30.02 -8.50 -1.81
CA LYS B 276 -31.12 -8.91 -0.94
C LYS B 276 -30.76 -8.74 0.54
N GLU B 277 -29.55 -9.11 0.94
CA GLU B 277 -29.17 -9.08 2.34
C GLU B 277 -28.81 -7.69 2.85
N HIS B 278 -28.73 -6.69 1.97
CA HIS B 278 -28.37 -5.34 2.35
C HIS B 278 -29.43 -4.33 1.94
N LEU B 279 -30.61 -4.80 1.56
CA LEU B 279 -31.64 -3.91 1.06
C LEU B 279 -32.09 -2.97 2.18
N PRO B 280 -32.38 -1.71 1.85
CA PRO B 280 -33.00 -0.82 2.83
C PRO B 280 -34.52 -0.93 2.79
N LYS B 281 -35.15 -0.24 3.74
CA LYS B 281 -36.61 -0.20 3.84
C LYS B 281 -37.19 0.49 2.62
N ILE B 282 -37.89 -0.25 1.77
CA ILE B 282 -38.42 0.26 0.51
C ILE B 282 -39.93 0.03 0.48
N THR B 283 -40.68 1.11 0.60
CA THR B 283 -42.13 1.06 0.50
C THR B 283 -42.57 1.48 -0.90
N GLN B 284 -43.83 1.14 -1.22
CA GLN B 284 -44.37 1.58 -2.50
C GLN B 284 -44.51 3.09 -2.52
N GLU B 285 -44.68 3.70 -1.35
CA GLU B 285 -44.70 5.15 -1.23
C GLU B 285 -43.34 5.76 -1.54
N ASP B 286 -42.26 5.06 -1.16
CA ASP B 286 -40.91 5.49 -1.54
C ASP B 286 -40.75 5.56 -3.05
N LEU B 287 -41.05 4.47 -3.76
CA LEU B 287 -40.85 4.41 -5.20
C LEU B 287 -41.74 5.42 -5.92
N LYS B 288 -42.95 5.62 -5.41
CA LYS B 288 -43.86 6.63 -5.96
C LYS B 288 -43.31 8.03 -5.73
N LEU B 289 -42.71 8.26 -4.55
CA LEU B 289 -42.09 9.56 -4.28
C LEU B 289 -40.91 9.81 -5.20
N ILE B 290 -40.10 8.78 -5.45
CA ILE B 290 -38.91 8.96 -6.28
C ILE B 290 -39.29 9.24 -7.73
N SER B 291 -40.33 8.57 -8.22
CA SER B 291 -40.67 8.59 -9.64
C SER B 291 -41.59 9.74 -10.02
N GLN B 292 -41.34 10.93 -9.50
CA GLN B 292 -42.08 12.10 -9.94
C GLN B 292 -41.81 12.37 -11.41
N PRO B 293 -42.80 12.80 -12.17
CA PRO B 293 -42.57 13.09 -13.59
C PRO B 293 -41.56 14.22 -13.77
N LEU B 294 -40.63 14.00 -14.70
CA LEU B 294 -39.60 14.99 -15.03
C LEU B 294 -39.90 15.63 -16.37
N ASP B 295 -39.34 16.83 -16.57
CA ASP B 295 -39.46 17.54 -17.83
C ASP B 295 -38.30 17.26 -18.77
N PHE B 296 -37.13 16.92 -18.23
CA PHE B 296 -35.97 16.58 -19.03
C PHE B 296 -35.07 15.67 -18.23
N LEU B 297 -34.24 14.92 -18.94
CA LEU B 297 -33.22 14.06 -18.34
C LEU B 297 -31.86 14.47 -18.91
N ALA B 298 -30.85 14.53 -18.05
CA ALA B 298 -29.53 14.99 -18.46
C ALA B 298 -28.47 13.98 -18.05
N GLN B 299 -27.24 14.23 -18.51
CA GLN B 299 -26.14 13.31 -18.25
C GLN B 299 -24.83 14.01 -18.47
N ASN B 300 -23.88 13.77 -17.58
CA ASN B 300 -22.49 14.18 -17.75
C ASN B 300 -21.73 13.03 -18.40
N ILE B 301 -21.19 13.26 -19.59
CA ILE B 301 -20.52 12.22 -20.36
C ILE B 301 -19.15 12.73 -20.76
N TYR B 302 -18.11 11.99 -20.37
CA TYR B 302 -16.74 12.34 -20.68
C TYR B 302 -16.03 11.30 -21.54
N ASN B 303 -16.26 10.02 -21.32
CA ASN B 303 -15.55 8.99 -22.08
C ASN B 303 -16.36 7.71 -22.08
N GLY B 304 -15.85 6.70 -22.79
CA GLY B 304 -16.51 5.41 -22.89
C GLY B 304 -15.48 4.30 -23.02
N TYR B 305 -15.97 3.07 -22.92
CA TYR B 305 -15.14 1.88 -22.95
C TYR B 305 -15.77 0.82 -23.85
N ARG B 306 -14.94 0.13 -24.62
CA ARG B 306 -15.44 -1.00 -25.40
C ARG B 306 -15.77 -2.18 -24.51
N VAL B 307 -16.87 -2.87 -24.81
CA VAL B 307 -17.32 -4.00 -24.03
C VAL B 307 -17.89 -5.07 -24.97
N SER B 308 -17.66 -6.33 -24.63
CA SER B 308 -18.17 -7.47 -25.40
C SER B 308 -18.38 -8.63 -24.43
N GLU B 309 -18.58 -9.83 -24.99
CA GLU B 309 -18.79 -11.03 -24.19
C GLU B 309 -17.98 -12.18 -24.75
N ASP B 310 -17.61 -13.11 -23.88
CA ASP B 310 -16.88 -14.31 -24.26
C ASP B 310 -17.85 -15.50 -24.38
N GLU B 311 -17.31 -16.71 -24.41
CA GLU B 311 -18.16 -17.90 -24.56
C GLU B 311 -19.08 -18.08 -23.35
N ASN B 312 -18.57 -17.85 -22.14
CA ASN B 312 -19.34 -18.07 -20.94
C ASN B 312 -20.36 -16.98 -20.65
N GLY B 313 -20.46 -15.97 -21.51
CA GLY B 313 -21.38 -14.87 -21.28
C GLY B 313 -20.88 -13.80 -20.34
N ASN B 314 -19.59 -13.82 -19.99
CA ASN B 314 -19.00 -12.80 -19.15
C ASN B 314 -18.52 -11.63 -19.99
N TYR B 315 -18.52 -10.44 -19.39
CA TYR B 315 -18.11 -9.24 -20.09
C TYR B 315 -16.63 -9.29 -20.46
N VAL B 316 -16.33 -8.82 -21.66
CA VAL B 316 -14.95 -8.70 -22.15
C VAL B 316 -14.69 -7.22 -22.38
N TYR B 317 -13.54 -6.74 -21.91
CA TYR B 317 -13.15 -5.34 -22.06
C TYR B 317 -11.86 -5.28 -22.86
N PRO B 318 -11.91 -4.99 -24.16
CA PRO B 318 -10.69 -4.99 -24.96
C PRO B 318 -9.75 -3.87 -24.54
N LYS B 319 -8.46 -4.12 -24.74
CA LYS B 319 -7.43 -3.15 -24.41
C LYS B 319 -7.53 -1.91 -25.32
N ARG B 320 -7.01 -0.80 -24.82
CA ARG B 320 -6.88 0.41 -25.63
C ARG B 320 -5.55 0.38 -26.37
N LYS B 321 -5.58 0.83 -27.62
CA LYS B 321 -4.38 0.83 -28.45
C LYS B 321 -3.28 1.66 -27.81
N ALA B 322 -2.05 1.20 -27.97
CA ALA B 322 -0.90 1.90 -27.38
C ALA B 322 -0.80 3.32 -27.93
N GLY B 323 -0.62 4.28 -27.04
CA GLY B 323 -0.55 5.67 -27.43
C GLY B 323 -1.88 6.33 -27.71
N TYR B 324 -2.97 5.80 -27.17
CA TYR B 324 -4.29 6.33 -27.49
C TYR B 324 -4.43 7.76 -27.01
N ASP B 325 -5.26 8.52 -27.73
CA ASP B 325 -5.52 9.91 -27.39
C ASP B 325 -6.07 10.02 -25.98
N HIS B 326 -5.47 10.91 -25.18
CA HIS B 326 -5.86 11.06 -23.80
C HIS B 326 -5.80 12.54 -23.42
N THR B 327 -6.35 12.83 -22.24
CA THR B 327 -6.39 14.18 -21.70
C THR B 327 -5.35 14.30 -20.59
N ASP B 328 -5.28 15.49 -19.97
CA ASP B 328 -4.35 15.70 -18.87
C ASP B 328 -4.75 14.94 -17.62
N MET B 329 -5.95 14.35 -17.58
CA MET B 329 -6.36 13.44 -16.52
C MET B 329 -5.91 12.01 -16.76
N GLY B 330 -5.33 11.73 -17.93
CA GLY B 330 -5.13 10.37 -18.35
C GLY B 330 -6.36 9.67 -18.87
N TRP B 331 -7.49 10.37 -18.95
CA TRP B 331 -8.72 9.77 -19.45
C TRP B 331 -8.62 9.56 -20.97
N PRO B 332 -9.22 8.51 -21.49
CA PRO B 332 -9.24 8.32 -22.94
C PRO B 332 -10.15 9.31 -23.63
N ILE B 333 -9.86 9.57 -24.91
CA ILE B 333 -10.70 10.42 -25.75
C ILE B 333 -11.51 9.49 -26.64
N THR B 334 -12.79 9.34 -26.32
CA THR B 334 -13.72 8.47 -27.03
C THR B 334 -14.95 9.28 -27.41
N PRO B 335 -14.93 9.94 -28.57
CA PRO B 335 -16.06 10.80 -28.94
C PRO B 335 -17.37 10.05 -29.15
N SER B 336 -17.31 8.77 -29.49
CA SER B 336 -18.54 8.01 -29.71
C SER B 336 -19.41 7.93 -28.46
N ALA B 337 -18.85 8.23 -27.28
CA ALA B 337 -19.66 8.21 -26.07
C ALA B 337 -20.76 9.26 -26.09
N LEU B 338 -20.56 10.35 -26.82
CA LEU B 338 -21.57 11.40 -26.93
C LEU B 338 -22.64 11.07 -27.96
N TYR B 339 -22.56 9.89 -28.60
CA TYR B 339 -23.64 9.37 -29.42
C TYR B 339 -24.37 8.23 -28.71
N TRP B 340 -23.63 7.18 -28.33
CA TRP B 340 -24.27 6.00 -27.74
C TRP B 340 -24.89 6.34 -26.39
N GLY B 341 -24.23 7.17 -25.59
CA GLY B 341 -24.76 7.60 -24.32
C GLY B 341 -26.13 8.24 -24.46
N PRO B 342 -26.20 9.34 -25.21
CA PRO B 342 -27.51 9.96 -25.46
C PRO B 342 -28.49 9.06 -26.17
N ARG B 343 -28.00 8.17 -27.06
CA ARG B 343 -28.91 7.25 -27.73
C ARG B 343 -29.49 6.24 -26.75
N PHE B 344 -28.63 5.60 -25.95
CA PHE B 344 -29.11 4.61 -24.98
C PHE B 344 -30.04 5.23 -23.96
N ILE B 345 -29.70 6.42 -23.46
CA ILE B 345 -30.51 7.05 -22.43
C ILE B 345 -31.89 7.39 -22.95
N CYS B 346 -31.96 7.94 -24.17
CA CYS B 346 -33.24 8.28 -24.77
C CYS B 346 -34.09 7.03 -25.02
N GLU B 347 -33.47 5.95 -25.49
CA GLU B 347 -34.21 4.74 -25.81
C GLU B 347 -34.90 4.16 -24.59
N ARG B 348 -34.24 4.21 -23.43
CA ARG B 348 -34.77 3.58 -22.23
C ARG B 348 -35.74 4.48 -21.47
N TYR B 349 -35.54 5.80 -21.52
CA TYR B 349 -36.28 6.72 -20.66
C TYR B 349 -37.16 7.70 -21.40
N ASN B 350 -36.90 7.96 -22.69
CA ASN B 350 -37.80 8.74 -23.55
C ASN B 350 -38.11 10.11 -22.97
N LEU B 351 -37.06 10.83 -22.59
CA LEU B 351 -37.19 12.18 -22.08
C LEU B 351 -36.28 13.11 -22.87
N PRO B 352 -36.63 14.39 -22.96
CA PRO B 352 -35.71 15.37 -23.56
C PRO B 352 -34.35 15.34 -22.88
N PHE B 353 -33.30 15.38 -23.69
CA PHE B 353 -31.96 15.07 -23.23
C PHE B 353 -31.03 16.27 -23.37
N TYR B 354 -30.32 16.59 -22.29
CA TYR B 354 -29.27 17.59 -22.28
C TYR B 354 -27.95 16.93 -21.92
N ILE B 355 -26.86 17.40 -22.52
CA ILE B 355 -25.53 17.09 -22.03
C ILE B 355 -25.13 18.22 -21.09
N THR B 356 -25.07 17.92 -19.80
CA THR B 356 -24.80 18.95 -18.80
C THR B 356 -23.32 19.14 -18.54
N GLU B 357 -22.49 18.17 -18.87
CA GLU B 357 -21.04 18.30 -18.72
C GLU B 357 -20.35 17.49 -19.81
N ASN B 358 -19.40 18.13 -20.47
CA ASN B 358 -18.50 17.45 -21.40
C ASN B 358 -17.30 18.36 -21.60
N GLY B 359 -16.12 17.76 -21.61
CA GLY B 359 -14.89 18.51 -21.71
C GLY B 359 -13.71 17.63 -21.32
N LEU B 360 -12.58 18.28 -21.11
CA LEU B 360 -11.34 17.57 -20.84
C LEU B 360 -10.38 18.50 -20.12
N ALA B 361 -9.44 17.90 -19.39
CA ALA B 361 -8.35 18.65 -18.80
C ALA B 361 -7.19 18.72 -19.79
N CYS B 362 -6.61 19.92 -19.90
CA CYS B 362 -5.45 20.15 -20.75
C CYS B 362 -4.38 20.86 -19.93
N HIS B 363 -3.12 20.46 -20.12
CA HIS B 363 -2.03 21.16 -19.45
C HIS B 363 -1.82 22.52 -20.10
N ASP B 364 -2.77 23.43 -19.91
CA ASP B 364 -2.72 24.73 -20.55
C ASP B 364 -1.79 25.67 -19.79
N VAL B 365 -1.11 26.53 -20.54
CA VAL B 365 -0.22 27.54 -19.99
C VAL B 365 -0.45 28.85 -20.74
N VAL B 366 -0.10 29.95 -20.09
CA VAL B 366 -0.04 31.25 -20.75
C VAL B 366 1.28 31.32 -21.50
N SER B 367 1.22 31.25 -22.82
CA SER B 367 2.43 31.21 -23.64
C SER B 367 3.06 32.61 -23.72
N LEU B 368 4.18 32.69 -24.43
CA LEU B 368 4.92 33.94 -24.52
C LEU B 368 4.10 35.05 -25.18
N ASP B 369 3.14 34.70 -26.03
CA ASP B 369 2.29 35.69 -26.68
C ASP B 369 1.13 36.14 -25.80
N ASN B 370 1.14 35.80 -24.51
CA ASN B 370 0.08 36.13 -23.56
C ASN B 370 -1.28 35.57 -23.97
N LYS B 371 -1.29 34.55 -24.82
CA LYS B 371 -2.50 33.81 -25.16
C LYS B 371 -2.42 32.41 -24.59
N VAL B 372 -3.55 31.71 -24.65
CA VAL B 372 -3.65 30.34 -24.16
C VAL B 372 -4.12 29.49 -25.34
N HIS B 373 -3.20 28.73 -25.93
CA HIS B 373 -3.50 27.90 -27.08
C HIS B 373 -3.82 26.48 -26.60
N ASP B 374 -5.06 26.05 -26.83
CA ASP B 374 -5.50 24.71 -26.47
C ASP B 374 -6.19 24.04 -27.66
N PRO B 375 -5.46 23.80 -28.74
CA PRO B 375 -6.09 23.14 -29.90
C PRO B 375 -6.56 21.72 -29.58
N ASN B 376 -5.93 21.05 -28.62
CA ASN B 376 -6.41 19.73 -28.22
C ASN B 376 -7.83 19.80 -27.69
N ARG B 377 -8.18 20.88 -26.99
CA ARG B 377 -9.55 21.02 -26.52
C ARG B 377 -10.51 21.25 -27.68
N ILE B 378 -10.12 22.06 -28.66
CA ILE B 378 -10.96 22.26 -29.84
C ILE B 378 -11.21 20.94 -30.54
N ASP B 379 -10.17 20.11 -30.67
CA ASP B 379 -10.32 18.82 -31.35
C ASP B 379 -11.21 17.88 -30.54
N PHE B 380 -10.98 17.80 -29.23
CA PHE B 380 -11.84 17.00 -28.36
C PHE B 380 -13.30 17.41 -28.51
N LEU B 381 -13.58 18.71 -28.36
CA LEU B 381 -14.96 19.17 -28.45
C LEU B 381 -15.53 18.98 -29.84
N ASN B 382 -14.74 19.27 -30.88
CA ASN B 382 -15.22 19.11 -32.26
C ASN B 382 -15.59 17.66 -32.54
N LYS B 383 -14.76 16.72 -32.11
CA LYS B 383 -15.05 15.32 -32.37
C LYS B 383 -16.24 14.82 -31.55
N TYR B 384 -16.37 15.31 -30.31
CA TYR B 384 -17.48 14.88 -29.46
C TYR B 384 -18.81 15.44 -29.96
N LEU B 385 -18.81 16.69 -30.43
CA LEU B 385 -20.05 17.28 -30.92
C LEU B 385 -20.52 16.62 -32.22
N LEU B 386 -19.58 16.10 -33.02
CA LEU B 386 -19.96 15.42 -34.26
C LEU B 386 -20.79 14.17 -33.97
N ASP B 387 -20.34 13.35 -33.02
CA ASP B 387 -21.13 12.18 -32.64
C ASP B 387 -22.41 12.58 -31.94
N TYR B 388 -22.39 13.68 -31.20
CA TYR B 388 -23.63 14.22 -30.64
C TYR B 388 -24.56 14.70 -31.75
N SER B 389 -23.98 15.24 -32.83
CA SER B 389 -24.79 15.64 -33.98
C SER B 389 -25.45 14.45 -34.65
N ARG B 390 -24.74 13.33 -34.76
CA ARG B 390 -25.34 12.12 -35.33
C ARG B 390 -26.60 11.73 -34.56
N ALA B 391 -26.57 11.88 -33.24
CA ALA B 391 -27.76 11.58 -32.44
C ALA B 391 -28.90 12.54 -32.74
N SER B 392 -28.57 13.81 -33.01
CA SER B 392 -29.61 14.78 -33.37
C SER B 392 -30.17 14.50 -34.76
N CYS B 393 -29.31 14.12 -35.70
CA CYS B 393 -29.78 13.82 -37.06
C CYS B 393 -30.61 12.56 -37.11
N GLU B 394 -30.40 11.63 -36.17
CA GLU B 394 -31.16 10.39 -36.15
C GLU B 394 -32.52 10.52 -35.48
N GLY B 395 -32.89 11.73 -35.06
CA GLY B 395 -34.21 12.00 -34.52
C GLY B 395 -34.32 11.97 -33.01
N TYR B 396 -33.23 11.81 -32.28
CA TYR B 396 -33.30 11.75 -30.83
C TYR B 396 -33.56 13.15 -30.25
N ASP B 397 -34.33 13.19 -29.16
CA ASP B 397 -34.79 14.45 -28.60
C ASP B 397 -33.70 15.05 -27.71
N ILE B 398 -32.65 15.51 -28.36
CA ILE B 398 -31.56 16.21 -27.66
C ILE B 398 -31.83 17.70 -27.74
N ARG B 399 -31.57 18.41 -26.65
CA ARG B 399 -31.95 19.81 -26.55
C ARG B 399 -30.78 20.76 -26.42
N GLY B 400 -29.63 20.31 -25.95
CA GLY B 400 -28.54 21.24 -25.75
C GLY B 400 -27.28 20.54 -25.29
N TYR B 401 -26.27 21.36 -25.01
CA TYR B 401 -24.94 20.88 -24.67
C TYR B 401 -24.27 21.96 -23.81
N PHE B 402 -23.79 21.55 -22.64
CA PHE B 402 -23.07 22.44 -21.74
C PHE B 402 -21.63 21.96 -21.62
N GLN B 403 -20.69 22.76 -22.11
CA GLN B 403 -19.28 22.38 -22.08
C GLN B 403 -18.70 22.66 -20.71
N TRP B 404 -18.15 21.63 -20.08
CA TRP B 404 -17.43 21.82 -18.83
C TRP B 404 -15.95 22.07 -19.13
N SER B 405 -15.37 23.07 -18.45
CA SER B 405 -16.09 24.09 -17.72
C SER B 405 -15.94 25.42 -18.45
N LEU B 406 -16.52 26.49 -17.90
CA LEU B 406 -16.26 27.82 -18.46
C LEU B 406 -14.82 28.25 -18.16
N MET B 407 -14.35 28.01 -16.94
CA MET B 407 -13.03 28.43 -16.53
C MET B 407 -12.39 27.33 -15.69
N ASP B 408 -11.06 27.34 -15.66
CA ASP B 408 -10.33 26.42 -14.80
C ASP B 408 -10.72 26.66 -13.35
N ASN B 409 -10.80 25.58 -12.57
CA ASN B 409 -11.31 25.66 -11.21
C ASN B 409 -10.74 24.51 -10.39
N PHE B 410 -11.29 24.33 -9.19
CA PHE B 410 -10.84 23.32 -8.24
C PHE B 410 -11.33 21.96 -8.69
N GLU B 411 -10.41 21.08 -9.08
CA GLU B 411 -10.77 19.75 -9.57
C GLU B 411 -10.70 18.70 -8.48
N TRP B 412 -11.37 18.97 -7.36
CA TRP B 412 -11.56 18.02 -6.28
C TRP B 412 -10.24 17.44 -5.79
N ARG B 413 -10.08 16.12 -5.88
CA ARG B 413 -8.86 15.48 -5.36
C ARG B 413 -7.59 16.02 -6.00
N GLU B 414 -7.66 16.44 -7.26
CA GLU B 414 -6.49 17.00 -7.94
C GLU B 414 -6.30 18.49 -7.71
N GLY B 415 -7.19 19.14 -6.96
CA GLY B 415 -7.02 20.55 -6.71
C GLY B 415 -7.05 21.35 -8.00
N TYR B 416 -6.11 22.29 -8.11
CA TYR B 416 -5.95 23.12 -9.30
C TYR B 416 -4.86 22.59 -10.22
N SER B 417 -4.55 21.30 -10.13
CA SER B 417 -3.58 20.69 -11.03
C SER B 417 -4.21 20.26 -12.36
N LYS B 418 -5.52 20.37 -12.52
CA LYS B 418 -6.22 19.98 -13.73
C LYS B 418 -7.11 21.12 -14.20
N ARG B 419 -6.97 21.51 -15.46
CA ARG B 419 -7.65 22.68 -16.03
C ARG B 419 -8.66 22.23 -17.07
N PHE B 420 -9.94 22.46 -16.79
CA PHE B 420 -11.04 22.04 -17.66
C PHE B 420 -11.70 23.18 -18.42
N GLY B 421 -11.38 24.43 -18.11
CA GLY B 421 -12.16 25.53 -18.64
C GLY B 421 -11.76 25.93 -20.05
N MET B 422 -12.67 26.64 -20.70
CA MET B 422 -12.35 27.35 -21.94
C MET B 422 -11.82 28.75 -21.67
N VAL B 423 -11.78 29.16 -20.41
CA VAL B 423 -11.16 30.40 -19.98
C VAL B 423 -10.07 30.05 -18.98
N TYR B 424 -8.86 30.57 -19.23
CA TYR B 424 -7.74 30.33 -18.33
C TYR B 424 -7.85 31.21 -17.09
N VAL B 425 -7.48 30.66 -15.94
CA VAL B 425 -7.51 31.39 -14.68
C VAL B 425 -6.17 31.24 -13.99
N ASP B 426 -5.46 32.34 -13.81
CA ASP B 426 -4.28 32.38 -12.96
C ASP B 426 -4.75 32.50 -11.51
N PHE B 427 -4.55 31.44 -10.72
CA PHE B 427 -5.18 31.38 -9.41
C PHE B 427 -4.52 32.29 -8.37
N GLU B 428 -3.47 33.02 -8.76
CA GLU B 428 -2.89 34.04 -7.91
C GLU B 428 -3.44 35.43 -8.25
N THR B 429 -3.34 35.84 -9.52
CA THR B 429 -3.85 37.14 -9.93
C THR B 429 -5.35 37.11 -10.19
N GLN B 430 -5.94 35.93 -10.35
CA GLN B 430 -7.35 35.76 -10.73
C GLN B 430 -7.66 36.38 -12.09
N LYS B 431 -6.63 36.67 -12.87
CA LYS B 431 -6.83 37.16 -14.23
C LYS B 431 -7.35 36.04 -15.11
N ARG B 432 -8.43 36.32 -15.83
CA ARG B 432 -8.99 35.38 -16.79
C ARG B 432 -8.53 35.70 -18.20
N THR B 433 -8.27 34.66 -18.99
CA THR B 433 -7.89 34.79 -20.38
C THR B 433 -8.64 33.74 -21.18
N ILE B 434 -9.37 34.18 -22.21
CA ILE B 434 -10.11 33.25 -23.05
C ILE B 434 -9.15 32.40 -23.86
N LYS B 435 -9.37 31.09 -23.83
CA LYS B 435 -8.55 30.18 -24.61
C LYS B 435 -9.04 30.15 -26.06
N ASP B 436 -8.20 29.60 -26.95
CA ASP B 436 -8.62 29.44 -28.33
C ASP B 436 -9.91 28.63 -28.44
N SER B 437 -10.12 27.67 -27.53
CA SER B 437 -11.36 26.90 -27.53
C SER B 437 -12.56 27.78 -27.25
N GLY B 438 -12.37 28.85 -26.48
CA GLY B 438 -13.47 29.77 -26.22
C GLY B 438 -13.89 30.51 -27.48
N TYR B 439 -12.93 31.01 -28.25
CA TYR B 439 -13.26 31.67 -29.51
C TYR B 439 -13.78 30.70 -30.55
N TRP B 440 -13.26 29.46 -30.56
CA TRP B 440 -13.81 28.45 -31.46
C TRP B 440 -15.23 28.10 -31.08
N TYR B 441 -15.51 27.99 -29.77
CA TYR B 441 -16.86 27.68 -29.33
C TYR B 441 -17.81 28.83 -29.62
N LYS B 442 -17.31 30.06 -29.63
CA LYS B 442 -18.13 31.21 -29.99
C LYS B 442 -18.67 31.08 -31.41
N LYS B 443 -17.82 30.64 -32.34
CA LYS B 443 -18.29 30.42 -33.71
C LYS B 443 -19.25 29.24 -33.79
N VAL B 444 -19.05 28.21 -32.94
CA VAL B 444 -19.98 27.08 -32.94
C VAL B 444 -21.37 27.54 -32.55
N ILE B 445 -21.46 28.40 -31.53
CA ILE B 445 -22.77 28.92 -31.12
C ILE B 445 -23.37 29.79 -32.23
N GLU B 446 -22.54 30.64 -32.86
CA GLU B 446 -23.05 31.50 -33.92
C GLU B 446 -23.49 30.70 -35.13
N GLU B 447 -22.86 29.54 -35.38
CA GLU B 447 -23.22 28.68 -36.49
C GLU B 447 -24.14 27.54 -36.08
N ASN B 448 -24.49 27.46 -34.80
CA ASN B 448 -25.31 26.36 -34.26
C ASN B 448 -24.70 25.00 -34.59
N GLY B 449 -23.37 24.94 -34.55
CA GLY B 449 -22.67 23.68 -34.78
C GLY B 449 -22.61 23.23 -36.21
N GLU B 450 -22.96 24.09 -37.15
CA GLU B 450 -22.94 23.75 -38.57
C GLU B 450 -21.56 23.94 -39.20
N ASN B 451 -20.58 24.37 -38.41
CA ASN B 451 -19.19 24.55 -38.85
C ASN B 451 -18.27 23.41 -38.38
N LEU B 452 -18.83 22.35 -37.80
CA LEU B 452 -18.01 21.33 -37.15
C LEU B 452 -17.21 20.52 -38.16
N LEU B 453 -17.86 20.04 -39.22
CA LEU B 453 -17.26 19.22 -40.29
C LEU B 453 -16.05 18.39 -39.84
N MET C 1 0.00 -8.22 53.40
CA MET C 1 -1.05 -7.35 52.89
C MET C 1 -0.68 -6.81 51.51
N LYS C 2 -0.73 -7.67 50.50
CA LYS C 2 -0.47 -7.21 49.13
C LYS C 2 -1.55 -6.24 48.68
N PHE C 3 -2.80 -6.53 49.01
CA PHE C 3 -3.91 -5.66 48.69
C PHE C 3 -4.75 -5.48 49.95
N ASN C 4 -5.63 -4.47 49.92
CA ASN C 4 -6.47 -4.23 51.08
C ASN C 4 -7.62 -5.25 51.14
N GLU C 5 -8.25 -5.31 52.32
CA GLU C 5 -9.28 -6.32 52.54
C GLU C 5 -10.52 -6.06 51.69
N ASN C 6 -10.78 -4.81 51.31
CA ASN C 6 -11.93 -4.49 50.48
C ASN C 6 -11.67 -4.71 48.99
N PHE C 7 -10.49 -5.22 48.63
CA PHE C 7 -10.12 -5.38 47.23
C PHE C 7 -11.11 -6.27 46.49
N VAL C 8 -11.39 -5.91 45.25
CA VAL C 8 -12.39 -6.59 44.43
C VAL C 8 -11.69 -7.31 43.29
N TRP C 9 -11.86 -8.63 43.24
CA TRP C 9 -11.33 -9.46 42.16
C TRP C 9 -12.46 -9.81 41.20
N GLY C 10 -12.29 -9.49 39.92
CA GLY C 10 -13.35 -9.67 38.96
C GLY C 10 -12.83 -10.10 37.61
N VAL C 11 -13.77 -10.44 36.73
CA VAL C 11 -13.53 -10.67 35.32
C VAL C 11 -14.45 -9.74 34.53
N ALA C 12 -14.13 -9.55 33.26
CA ALA C 12 -14.82 -8.56 32.43
C ALA C 12 -15.14 -9.13 31.06
N THR C 13 -16.31 -8.77 30.53
CA THR C 13 -16.69 -9.10 29.15
C THR C 13 -17.35 -7.88 28.52
N SER C 14 -17.82 -8.05 27.29
CA SER C 14 -18.57 -6.99 26.63
C SER C 14 -19.67 -7.62 25.79
N SER C 15 -20.69 -6.81 25.48
CA SER C 15 -21.94 -7.33 24.93
C SER C 15 -21.71 -7.95 23.55
N TYR C 16 -21.18 -7.17 22.60
CA TYR C 16 -21.04 -7.68 21.23
C TYR C 16 -20.05 -8.83 21.17
N GLN C 17 -19.07 -8.87 22.07
CA GLN C 17 -18.04 -9.89 21.98
C GLN C 17 -18.49 -11.27 22.48
N ILE C 18 -19.50 -11.34 23.35
CA ILE C 18 -19.86 -12.64 23.94
C ILE C 18 -21.32 -13.00 23.71
N GLU C 19 -22.20 -11.99 23.60
CA GLU C 19 -23.63 -12.26 23.75
C GLU C 19 -24.17 -13.10 22.60
N GLY C 20 -23.81 -12.76 21.37
CA GLY C 20 -24.48 -13.41 20.27
C GLY C 20 -25.91 -12.92 20.15
N ALA C 21 -26.73 -13.73 19.48
CA ALA C 21 -28.13 -13.42 19.23
C ALA C 21 -28.26 -12.02 18.61
N TYR C 22 -27.42 -11.77 17.62
CA TYR C 22 -27.37 -10.44 17.02
C TYR C 22 -28.65 -10.11 16.27
N ASN C 23 -29.30 -11.10 15.69
CA ASN C 23 -30.50 -10.90 14.89
C ASN C 23 -31.68 -11.71 15.44
N GLU C 24 -31.86 -11.69 16.76
CA GLU C 24 -32.94 -12.43 17.39
C GLU C 24 -33.49 -11.63 18.56
N ASP C 25 -34.76 -11.89 18.89
CA ASP C 25 -35.45 -11.25 20.00
C ASP C 25 -35.41 -9.72 19.88
N GLY C 26 -35.59 -9.23 18.66
CA GLY C 26 -35.76 -7.81 18.42
C GLY C 26 -34.53 -6.95 18.61
N ARG C 27 -33.34 -7.54 18.69
CA ARG C 27 -32.14 -6.74 18.84
C ARG C 27 -31.88 -5.94 17.56
N GLY C 28 -31.60 -4.64 17.72
CA GLY C 28 -31.28 -3.83 16.58
C GLY C 28 -29.82 -3.98 16.15
N LYS C 29 -29.54 -3.54 14.94
CA LYS C 29 -28.19 -3.57 14.42
C LYS C 29 -27.33 -2.52 15.13
N ASP C 30 -26.01 -2.77 15.15
CA ASP C 30 -25.06 -1.83 15.70
C ASP C 30 -23.95 -1.59 14.68
N ILE C 31 -22.99 -0.73 15.03
CA ILE C 31 -21.98 -0.34 14.05
C ILE C 31 -21.02 -1.48 13.76
N TRP C 32 -20.78 -2.36 14.74
CA TRP C 32 -19.81 -3.43 14.53
C TRP C 32 -20.37 -4.54 13.67
N GLY C 33 -21.63 -4.92 13.89
CA GLY C 33 -22.29 -5.82 12.96
C GLY C 33 -22.33 -5.27 11.56
N ASP C 34 -22.56 -3.95 11.44
CA ASP C 34 -22.52 -3.30 10.14
C ASP C 34 -21.09 -3.23 9.60
N TYR C 35 -20.13 -2.91 10.48
CA TYR C 35 -18.73 -2.90 10.08
C TYR C 35 -18.27 -4.27 9.60
N CYS C 36 -18.69 -5.34 10.29
CA CYS C 36 -18.29 -6.68 9.90
C CYS C 36 -18.88 -7.09 8.56
N SER C 37 -20.01 -6.50 8.15
CA SER C 37 -20.62 -6.88 6.88
C SER C 37 -19.79 -6.44 5.68
N ILE C 38 -18.78 -5.61 5.88
CA ILE C 38 -17.86 -5.21 4.81
C ILE C 38 -16.84 -6.32 4.62
N PRO C 39 -16.78 -6.95 3.45
CA PRO C 39 -15.85 -8.07 3.25
C PRO C 39 -14.40 -7.65 3.47
N GLY C 40 -13.63 -8.54 4.10
CA GLY C 40 -12.22 -8.31 4.31
C GLY C 40 -11.87 -7.43 5.48
N ILE C 41 -12.85 -6.97 6.27
CA ILE C 41 -12.56 -6.09 7.39
C ILE C 41 -12.13 -6.89 8.62
N ILE C 42 -12.83 -7.97 8.92
CA ILE C 42 -12.51 -8.82 10.07
C ILE C 42 -11.71 -10.01 9.58
N PHE C 43 -10.79 -10.48 10.43
CA PHE C 43 -10.02 -11.70 10.16
C PHE C 43 -10.95 -12.84 9.74
N ASP C 44 -10.73 -13.35 8.53
CA ASP C 44 -11.51 -14.43 7.96
C ASP C 44 -13.01 -14.12 7.94
N ASN C 45 -13.34 -12.83 7.91
CA ASN C 45 -14.73 -12.37 7.88
C ASN C 45 -15.54 -12.94 9.04
N HIS C 46 -14.93 -12.96 10.23
CA HIS C 46 -15.68 -13.29 11.43
C HIS C 46 -16.63 -12.15 11.79
N ASN C 47 -17.65 -12.48 12.58
CA ASN C 47 -18.58 -11.48 13.09
C ASN C 47 -19.08 -11.93 14.45
N GLY C 48 -20.02 -11.18 15.01
CA GLY C 48 -20.55 -11.47 16.32
C GLY C 48 -21.95 -12.05 16.33
N ASP C 49 -22.34 -12.75 15.26
CA ASP C 49 -23.67 -13.36 15.20
C ASP C 49 -23.88 -14.31 16.37
N LYS C 50 -22.93 -15.22 16.60
CA LYS C 50 -23.01 -16.18 17.70
C LYS C 50 -22.12 -15.82 18.87
N ALA C 51 -20.86 -15.47 18.61
CA ALA C 51 -19.89 -15.14 19.65
C ALA C 51 -19.85 -16.33 20.60
N CYS C 52 -20.08 -16.16 21.90
CA CYS C 52 -20.11 -17.27 22.84
C CYS C 52 -21.54 -17.70 23.18
N GLU C 53 -22.54 -17.19 22.47
CA GLU C 53 -23.95 -17.47 22.76
C GLU C 53 -24.27 -17.19 24.23
N HIS C 54 -23.60 -16.20 24.81
CA HIS C 54 -23.83 -15.86 26.21
C HIS C 54 -25.27 -15.45 26.45
N TYR C 55 -25.92 -14.87 25.44
CA TYR C 55 -27.33 -14.52 25.54
C TYR C 55 -28.16 -15.74 25.95
N TYR C 56 -27.82 -16.91 25.41
CA TYR C 56 -28.52 -18.14 25.74
C TYR C 56 -27.86 -18.94 26.85
N ARG C 57 -26.56 -18.76 27.06
CA ARG C 57 -25.80 -19.57 28.00
C ARG C 57 -25.37 -18.80 29.23
N TYR C 58 -26.05 -17.71 29.57
CA TYR C 58 -25.62 -16.87 30.69
C TYR C 58 -25.65 -17.65 32.00
N LYS C 59 -26.59 -18.57 32.16
CA LYS C 59 -26.67 -19.35 33.39
C LYS C 59 -25.44 -20.25 33.54
N GLU C 60 -25.03 -20.94 32.46
CA GLU C 60 -23.80 -21.71 32.52
C GLU C 60 -22.61 -20.82 32.84
N ASP C 61 -22.54 -19.64 32.22
CA ASP C 61 -21.41 -18.75 32.45
C ASP C 61 -21.38 -18.23 33.87
N VAL C 62 -22.55 -18.06 34.50
CA VAL C 62 -22.56 -17.68 35.91
C VAL C 62 -22.15 -18.86 36.78
N ALA C 63 -22.55 -20.08 36.39
CA ALA C 63 -22.12 -21.26 37.13
C ALA C 63 -20.61 -21.48 37.00
N ILE C 64 -20.06 -21.25 35.81
CA ILE C 64 -18.61 -21.30 35.64
C ILE C 64 -17.94 -20.24 36.49
N MET C 65 -18.57 -19.08 36.62
CA MET C 65 -17.99 -18.01 37.42
C MET C 65 -17.97 -18.37 38.90
N LYS C 66 -18.97 -19.12 39.36
CA LYS C 66 -18.97 -19.57 40.76
C LYS C 66 -17.90 -20.62 40.99
N GLU C 67 -17.69 -21.52 40.03
CA GLU C 67 -16.63 -22.51 40.15
C GLU C 67 -15.26 -21.85 40.27
N MET C 68 -15.07 -20.72 39.61
CA MET C 68 -13.82 -19.97 39.66
C MET C 68 -13.72 -19.05 40.87
N GLY C 69 -14.72 -19.05 41.75
CA GLY C 69 -14.68 -18.21 42.94
C GLY C 69 -14.61 -16.73 42.65
N ILE C 70 -15.33 -16.27 41.63
CA ILE C 70 -15.30 -14.88 41.21
C ILE C 70 -16.37 -14.10 41.97
N LYS C 71 -15.98 -12.98 42.58
CA LYS C 71 -16.88 -12.20 43.40
C LYS C 71 -17.52 -11.03 42.67
N ALA C 72 -16.97 -10.62 41.52
CA ALA C 72 -17.48 -9.49 40.77
C ALA C 72 -17.36 -9.76 39.28
N TYR C 73 -18.35 -9.31 38.52
CA TYR C 73 -18.42 -9.57 37.08
C TYR C 73 -18.68 -8.27 36.35
N ARG C 74 -17.74 -7.86 35.51
CA ARG C 74 -17.90 -6.68 34.67
C ARG C 74 -18.43 -7.08 33.31
N PHE C 75 -19.51 -6.42 32.87
CA PHE C 75 -20.12 -6.71 31.59
C PHE C 75 -20.74 -5.44 31.05
N SER C 76 -21.12 -5.47 29.77
CA SER C 76 -21.66 -4.30 29.10
C SER C 76 -23.07 -4.58 28.59
N ILE C 77 -23.84 -3.50 28.45
CA ILE C 77 -25.21 -3.56 27.98
C ILE C 77 -25.22 -3.27 26.49
N ALA C 78 -25.91 -4.12 25.72
CA ALA C 78 -26.11 -3.86 24.29
C ALA C 78 -27.20 -2.80 24.16
N TRP C 79 -26.78 -1.57 23.86
CA TRP C 79 -27.73 -0.48 23.67
C TRP C 79 -28.81 -0.86 22.65
N ALA C 80 -28.43 -1.56 21.60
CA ALA C 80 -29.38 -1.95 20.57
C ALA C 80 -30.29 -3.10 21.00
N ARG C 81 -29.95 -3.81 22.08
CA ARG C 81 -30.83 -4.87 22.56
C ARG C 81 -31.99 -4.32 23.37
N ILE C 82 -31.82 -3.16 23.99
CA ILE C 82 -32.90 -2.51 24.72
C ILE C 82 -33.65 -1.52 23.84
N PHE C 83 -32.91 -0.66 23.14
CA PHE C 83 -33.48 0.27 22.17
C PHE C 83 -33.06 -0.16 20.77
N PRO C 84 -33.87 -0.95 20.07
CA PRO C 84 -33.46 -1.42 18.73
C PRO C 84 -33.12 -0.30 17.77
N GLU C 85 -33.68 0.90 17.95
CA GLU C 85 -33.33 2.05 17.13
C GLU C 85 -32.62 3.14 17.93
N GLY C 86 -31.98 2.76 19.03
CA GLY C 86 -31.25 3.74 19.84
C GLY C 86 -32.12 4.55 20.77
N ILE C 87 -33.25 5.05 20.27
CA ILE C 87 -34.20 5.82 21.06
C ILE C 87 -35.60 5.35 20.72
N GLY C 88 -36.53 5.64 21.61
CA GLY C 88 -37.95 5.41 21.37
C GLY C 88 -38.40 4.06 21.91
N LYS C 89 -38.84 3.18 21.00
CA LYS C 89 -39.49 1.94 21.40
C LYS C 89 -38.55 1.06 22.21
N ILE C 90 -39.07 0.51 23.31
CA ILE C 90 -38.32 -0.34 24.22
C ILE C 90 -38.54 -1.80 23.83
N ASN C 91 -37.46 -2.55 23.73
CA ASN C 91 -37.52 -3.98 23.41
C ASN C 91 -37.62 -4.75 24.73
N GLN C 92 -38.80 -5.33 24.98
CA GLN C 92 -39.05 -5.94 26.29
C GLN C 92 -38.20 -7.18 26.51
N LYS C 93 -38.03 -8.01 25.47
CA LYS C 93 -37.21 -9.22 25.62
C LYS C 93 -35.76 -8.90 25.94
N GLY C 94 -35.29 -7.72 25.54
CA GLY C 94 -33.93 -7.32 25.86
C GLY C 94 -33.83 -6.83 27.29
N VAL C 95 -34.87 -6.13 27.74
CA VAL C 95 -34.95 -5.74 29.14
C VAL C 95 -35.00 -6.97 30.02
N ASP C 96 -35.79 -7.98 29.61
CA ASP C 96 -35.93 -9.19 30.41
C ASP C 96 -34.62 -9.95 30.51
N PHE C 97 -33.83 -9.97 29.43
CA PHE C 97 -32.58 -10.72 29.44
C PHE C 97 -31.62 -10.19 30.51
N TYR C 98 -31.39 -8.88 30.51
CA TYR C 98 -30.46 -8.32 31.49
C TYR C 98 -31.00 -8.44 32.90
N HIS C 99 -32.33 -8.42 33.07
CA HIS C 99 -32.91 -8.78 34.36
C HIS C 99 -32.48 -10.18 34.77
N ASN C 100 -32.66 -11.16 33.88
CA ASN C 100 -32.29 -12.53 34.19
C ASN C 100 -30.78 -12.67 34.39
N LEU C 101 -29.99 -11.94 33.60
CA LEU C 101 -28.54 -11.99 33.76
C LEU C 101 -28.11 -11.36 35.07
N ILE C 102 -28.64 -10.18 35.39
CA ILE C 102 -28.26 -9.50 36.62
C ILE C 102 -28.71 -10.29 37.84
N ASP C 103 -29.96 -10.79 37.81
CA ASP C 103 -30.47 -11.58 38.93
C ASP C 103 -29.65 -12.84 39.13
N GLU C 104 -29.25 -13.49 38.03
CA GLU C 104 -28.41 -14.68 38.14
C GLU C 104 -27.09 -14.35 38.81
N LEU C 105 -26.53 -13.18 38.51
CA LEU C 105 -25.30 -12.76 39.18
C LEU C 105 -25.53 -12.52 40.67
N ILE C 106 -26.58 -11.76 41.00
CA ILE C 106 -26.88 -11.50 42.41
C ILE C 106 -27.25 -12.78 43.14
N LYS C 107 -28.04 -13.66 42.50
CA LYS C 107 -28.41 -14.92 43.12
C LYS C 107 -27.20 -15.78 43.46
N ASN C 108 -26.09 -15.59 42.74
CA ASN C 108 -24.90 -16.39 42.94
C ASN C 108 -23.79 -15.59 43.62
N ASP C 109 -24.16 -14.54 44.35
CA ASP C 109 -23.23 -13.77 45.16
C ASP C 109 -22.11 -13.14 44.32
N ILE C 110 -22.48 -12.63 43.15
CA ILE C 110 -21.55 -11.92 42.26
C ILE C 110 -22.05 -10.49 42.10
N VAL C 111 -21.16 -9.53 42.32
CA VAL C 111 -21.53 -8.11 42.27
C VAL C 111 -21.40 -7.65 40.82
N PRO C 112 -22.47 -7.16 40.19
CA PRO C 112 -22.36 -6.70 38.81
C PRO C 112 -21.67 -5.35 38.69
N TYR C 113 -20.80 -5.24 37.71
CA TYR C 113 -20.20 -3.97 37.31
C TYR C 113 -20.58 -3.73 35.85
N VAL C 114 -21.35 -2.68 35.61
CA VAL C 114 -22.05 -2.49 34.35
C VAL C 114 -21.35 -1.42 33.53
N THR C 115 -21.07 -1.75 32.27
CA THR C 115 -20.62 -0.78 31.28
C THR C 115 -21.79 -0.44 30.37
N LEU C 116 -22.16 0.84 30.31
CA LEU C 116 -23.32 1.22 29.51
C LEU C 116 -23.01 1.13 28.02
N PHE C 117 -21.84 1.61 27.60
CA PHE C 117 -21.48 1.65 26.18
C PHE C 117 -20.13 0.98 25.99
N HIS C 118 -20.15 -0.17 25.31
CA HIS C 118 -18.91 -0.85 24.92
C HIS C 118 -18.84 -0.97 23.41
N TRP C 119 -18.97 0.18 22.73
CA TRP C 119 -18.66 0.38 21.32
C TRP C 119 -19.81 0.00 20.40
N ASP C 120 -20.74 -0.84 20.86
CA ASP C 120 -21.83 -1.31 19.99
C ASP C 120 -22.92 -0.25 19.93
N LEU C 121 -22.61 0.82 19.21
CA LEU C 121 -23.56 1.92 19.02
C LEU C 121 -24.68 1.47 18.10
N PRO C 122 -25.95 1.68 18.48
CA PRO C 122 -27.06 1.28 17.62
C PRO C 122 -26.95 1.91 16.24
N LEU C 123 -27.09 1.08 15.20
CA LEU C 123 -26.85 1.52 13.83
C LEU C 123 -27.78 2.66 13.43
N GLU C 124 -28.99 2.69 14.00
CA GLU C 124 -29.92 3.76 13.69
C GLU C 124 -29.37 5.12 14.08
N LEU C 125 -28.64 5.19 15.19
CA LEU C 125 -28.04 6.44 15.62
C LEU C 125 -26.76 6.74 14.85
N ALA C 126 -26.03 5.72 14.42
CA ALA C 126 -24.86 5.95 13.58
C ALA C 126 -25.26 6.55 12.25
N GLU C 127 -26.34 6.05 11.64
CA GLU C 127 -26.83 6.63 10.40
C GLU C 127 -27.40 8.02 10.58
N LYS C 128 -27.55 8.48 11.83
CA LYS C 128 -27.87 9.87 12.12
C LYS C 128 -26.64 10.66 12.57
N GLY C 129 -25.44 10.18 12.24
CA GLY C 129 -24.23 10.92 12.52
C GLY C 129 -23.43 10.45 13.73
N GLY C 130 -24.02 9.61 14.58
CA GLY C 130 -23.29 9.14 15.75
C GLY C 130 -22.95 10.29 16.67
N TRP C 131 -21.72 10.27 17.19
CA TRP C 131 -21.28 11.31 18.11
C TRP C 131 -20.99 12.64 17.42
N LEU C 132 -21.04 12.70 16.09
CA LEU C 132 -20.97 13.98 15.42
C LEU C 132 -22.25 14.79 15.63
N ASN C 133 -23.37 14.11 15.85
CA ASN C 133 -24.66 14.76 16.03
C ASN C 133 -24.78 15.25 17.48
N ASP C 134 -25.05 16.54 17.64
CA ASP C 134 -25.23 17.09 18.99
C ASP C 134 -26.37 16.41 19.74
N ASP C 135 -27.32 15.80 19.03
CA ASP C 135 -28.39 15.07 19.68
C ASP C 135 -27.91 13.79 20.35
N SER C 136 -26.68 13.36 20.08
CA SER C 136 -26.18 12.13 20.70
C SER C 136 -26.09 12.27 22.22
N VAL C 137 -25.93 13.48 22.73
CA VAL C 137 -25.94 13.70 24.17
C VAL C 137 -27.28 13.28 24.76
N GLU C 138 -28.37 13.55 24.04
CA GLU C 138 -29.70 13.16 24.50
C GLU C 138 -29.92 11.67 24.32
N TRP C 139 -29.48 11.10 23.21
CA TRP C 139 -29.61 9.67 22.99
C TRP C 139 -29.00 8.88 24.14
N PHE C 140 -27.80 9.26 24.56
CA PHE C 140 -27.14 8.53 25.63
C PHE C 140 -27.76 8.85 26.99
N LYS C 141 -28.24 10.08 27.18
CA LYS C 141 -28.90 10.43 28.43
C LYS C 141 -30.15 9.59 28.66
N ASP C 142 -31.04 9.55 27.66
CA ASP C 142 -32.26 8.76 27.79
C ASP C 142 -31.95 7.29 27.94
N TYR C 143 -30.92 6.81 27.24
CA TYR C 143 -30.47 5.43 27.42
C TYR C 143 -30.02 5.18 28.84
N ALA C 144 -29.17 6.06 29.38
CA ALA C 144 -28.73 5.92 30.76
C ALA C 144 -29.90 6.06 31.73
N GLU C 145 -30.82 6.99 31.43
CA GLU C 145 -31.95 7.21 32.34
C GLU C 145 -32.81 5.96 32.47
N PHE C 146 -33.09 5.30 31.34
CA PHE C 146 -33.91 4.09 31.40
C PHE C 146 -33.23 2.99 32.20
N PHE C 147 -31.93 2.79 31.97
CA PHE C 147 -31.21 1.75 32.70
C PHE C 147 -31.23 2.02 34.20
N GLY C 148 -31.10 3.28 34.60
CA GLY C 148 -31.16 3.61 36.01
C GLY C 148 -32.52 3.38 36.63
N LYS C 149 -33.60 3.74 35.92
CA LYS C 149 -34.93 3.48 36.44
C LYS C 149 -35.24 1.99 36.47
N GLU C 150 -34.75 1.26 35.48
CA GLU C 150 -35.12 -0.15 35.37
C GLU C 150 -34.24 -1.04 36.23
N TYR C 151 -32.97 -0.70 36.41
CA TYR C 151 -32.05 -1.57 37.13
C TYR C 151 -31.30 -0.89 38.26
N GLY C 152 -31.46 0.42 38.45
CA GLY C 152 -30.63 1.13 39.42
C GLY C 152 -30.76 0.62 40.84
N HIS C 153 -31.91 0.05 41.18
CA HIS C 153 -32.12 -0.42 42.55
C HIS C 153 -31.31 -1.66 42.88
N LYS C 154 -30.68 -2.30 41.89
CA LYS C 154 -29.88 -3.49 42.14
C LYS C 154 -28.55 -3.48 41.39
N ILE C 155 -28.05 -2.29 41.04
CA ILE C 155 -26.75 -2.14 40.41
C ILE C 155 -25.97 -1.13 41.21
N LYS C 156 -24.85 -1.56 41.80
CA LYS C 156 -24.08 -0.68 42.66
C LYS C 156 -23.00 0.08 41.90
N TYR C 157 -22.66 -0.35 40.69
CA TYR C 157 -21.55 0.23 39.94
C TYR C 157 -21.91 0.35 38.47
N ILE C 158 -21.74 1.55 37.92
CA ILE C 158 -21.98 1.81 36.50
C ILE C 158 -20.84 2.67 35.98
N MET C 159 -20.25 2.26 34.86
CA MET C 159 -19.29 3.07 34.14
C MET C 159 -19.86 3.39 32.77
N THR C 160 -19.64 4.63 32.31
CA THR C 160 -20.30 5.10 31.09
C THR C 160 -19.66 4.54 29.83
N PHE C 161 -18.48 5.05 29.46
CA PHE C 161 -17.84 4.72 28.20
C PHE C 161 -16.60 3.87 28.45
N ASN C 162 -16.55 2.70 27.81
CA ASN C 162 -15.36 1.86 27.82
C ASN C 162 -14.43 2.30 26.70
N GLU C 163 -13.22 2.73 27.06
CA GLU C 163 -12.15 3.07 26.13
C GLU C 163 -12.62 4.01 25.04
N PRO C 164 -12.94 5.28 25.36
CA PRO C 164 -13.31 6.22 24.30
C PRO C 164 -12.18 6.49 23.33
N GLN C 165 -10.93 6.22 23.72
CA GLN C 165 -9.81 6.35 22.79
C GLN C 165 -10.00 5.47 21.56
N CYS C 166 -10.64 4.31 21.73
CA CYS C 166 -10.89 3.42 20.60
C CYS C 166 -12.08 3.89 19.77
N THR C 167 -13.19 4.21 20.45
CA THR C 167 -14.39 4.68 19.76
C THR C 167 -14.09 5.91 18.90
N ILE C 168 -13.35 6.86 19.44
CA ILE C 168 -13.05 8.09 18.72
C ILE C 168 -11.80 7.96 17.85
N GLY C 169 -10.69 7.53 18.45
CA GLY C 169 -9.44 7.44 17.73
C GLY C 169 -9.41 6.36 16.67
N LEU C 170 -9.63 5.12 17.09
CA LEU C 170 -9.63 4.02 16.13
C LEU C 170 -10.88 4.02 15.26
N GLY C 171 -12.00 4.52 15.79
CA GLY C 171 -13.25 4.49 15.07
C GLY C 171 -13.42 5.59 14.04
N LEU C 172 -12.98 6.81 14.36
CA LEU C 172 -13.24 7.97 13.51
C LEU C 172 -12.00 8.69 13.04
N GLN C 173 -10.85 8.49 13.68
CA GLN C 173 -9.64 9.20 13.28
C GLN C 173 -8.64 8.32 12.54
N GLN C 174 -8.55 7.03 12.88
CA GLN C 174 -7.57 6.14 12.28
C GLN C 174 -8.17 5.06 11.39
N GLY C 175 -9.49 4.91 11.38
CA GLY C 175 -10.14 3.95 10.52
C GLY C 175 -9.82 2.51 10.83
N ILE C 176 -9.56 2.18 12.10
CA ILE C 176 -9.16 0.83 12.48
C ILE C 176 -10.34 0.11 13.13
N HIS C 177 -11.17 0.84 13.86
CA HIS C 177 -12.37 0.31 14.46
C HIS C 177 -13.60 0.86 13.76
N ALA C 178 -14.75 0.23 14.04
CA ALA C 178 -16.01 0.67 13.45
C ALA C 178 -16.26 2.13 13.78
N PRO C 179 -16.80 2.92 12.84
CA PRO C 179 -17.22 2.54 11.48
C PRO C 179 -16.06 2.43 10.49
N GLY C 180 -14.82 2.64 10.90
CA GLY C 180 -13.69 2.47 10.02
C GLY C 180 -13.31 3.66 9.17
N VAL C 181 -13.51 4.88 9.68
CA VAL C 181 -13.36 6.09 8.88
C VAL C 181 -12.20 6.92 9.42
N LYS C 182 -11.68 7.80 8.56
CA LYS C 182 -10.59 8.71 8.90
C LYS C 182 -11.09 10.12 8.59
N LEU C 183 -11.64 10.78 9.59
CA LEU C 183 -12.32 12.05 9.42
C LEU C 183 -11.40 13.22 9.77
N SER C 184 -11.92 14.43 9.62
CA SER C 184 -11.15 15.65 9.82
C SER C 184 -10.94 15.90 11.30
N PRO C 185 -9.94 16.72 11.65
CA PRO C 185 -9.77 17.12 13.07
C PRO C 185 -11.00 17.76 13.66
N LYS C 186 -11.75 18.54 12.88
CA LYS C 186 -12.98 19.14 13.39
C LYS C 186 -14.00 18.05 13.76
N ALA C 187 -14.21 17.09 12.86
CA ALA C 187 -15.14 16.01 13.14
C ALA C 187 -14.70 15.19 14.34
N VAL C 188 -13.41 14.87 14.43
CA VAL C 188 -12.92 14.02 15.52
C VAL C 188 -13.05 14.73 16.86
N LEU C 189 -12.70 16.02 16.92
CA LEU C 189 -12.77 16.75 18.17
C LEU C 189 -14.21 17.05 18.56
N LYS C 190 -15.10 17.25 17.59
CA LYS C 190 -16.51 17.38 17.91
C LYS C 190 -17.09 16.08 18.46
N SER C 191 -16.69 14.94 17.88
CA SER C 191 -17.14 13.66 18.38
C SER C 191 -16.64 13.43 19.80
N THR C 192 -15.40 13.81 20.08
CA THR C 192 -14.88 13.72 21.44
C THR C 192 -15.70 14.58 22.40
N HIS C 193 -16.07 15.79 21.96
CA HIS C 193 -16.80 16.69 22.84
C HIS C 193 -18.20 16.17 23.14
N ASN C 194 -18.90 15.65 22.13
CA ASN C 194 -20.25 15.15 22.35
C ASN C 194 -20.24 13.88 23.20
N LEU C 195 -19.22 13.04 23.04
CA LEU C 195 -19.09 11.87 23.89
C LEU C 195 -18.89 12.27 25.34
N LEU C 196 -18.03 13.26 25.59
CA LEU C 196 -17.82 13.74 26.95
C LEU C 196 -19.11 14.33 27.54
N LYS C 197 -19.83 15.11 26.75
CA LYS C 197 -21.12 15.62 27.22
C LYS C 197 -22.11 14.48 27.47
N ALA C 198 -22.11 13.47 26.59
CA ALA C 198 -22.97 12.31 26.81
C ALA C 198 -22.62 11.62 28.13
N HIS C 199 -21.33 11.52 28.44
CA HIS C 199 -20.90 10.98 29.73
C HIS C 199 -21.48 11.80 30.88
N GLY C 200 -21.30 13.12 30.82
CA GLY C 200 -21.80 13.97 31.90
C GLY C 200 -23.31 13.93 32.02
N ALA C 201 -24.00 14.02 30.90
CA ALA C 201 -25.46 13.93 30.92
C ALA C 201 -25.93 12.61 31.51
N ALA C 202 -25.20 11.52 31.24
CA ALA C 202 -25.55 10.23 31.81
C ALA C 202 -25.33 10.22 33.32
N VAL C 203 -24.25 10.84 33.79
CA VAL C 203 -23.96 10.86 35.22
C VAL C 203 -25.03 11.65 35.98
N LYS C 204 -25.39 12.83 35.45
CA LYS C 204 -26.33 13.69 36.17
C LYS C 204 -27.72 13.04 36.27
N VAL C 205 -28.16 12.37 35.20
CA VAL C 205 -29.49 11.77 35.25
C VAL C 205 -29.49 10.51 36.11
N LEU C 206 -28.35 9.81 36.19
CA LEU C 206 -28.27 8.60 37.02
C LEU C 206 -28.23 8.94 38.50
N ARG C 207 -27.72 10.12 38.86
CA ARG C 207 -27.82 10.58 40.23
C ARG C 207 -29.27 10.80 40.66
N LYS C 208 -30.18 10.95 39.71
CA LYS C 208 -31.58 11.15 40.04
C LYS C 208 -32.36 9.85 40.05
N VAL C 209 -32.08 8.93 39.14
CA VAL C 209 -32.86 7.70 39.01
C VAL C 209 -32.21 6.50 39.66
N ALA C 210 -30.92 6.60 40.03
CA ALA C 210 -30.22 5.54 40.75
C ALA C 210 -29.19 6.15 41.67
N PRO C 211 -29.64 6.81 42.74
CA PRO C 211 -28.70 7.56 43.59
C PRO C 211 -27.79 6.68 44.43
N ASN C 212 -28.09 5.39 44.53
CA ASN C 212 -27.25 4.46 45.27
C ASN C 212 -26.31 3.67 44.35
N THR C 213 -26.04 4.19 43.17
CA THR C 213 -25.18 3.55 42.20
C THR C 213 -23.93 4.40 42.01
N GLN C 214 -22.76 3.79 42.21
CA GLN C 214 -21.51 4.50 42.05
C GLN C 214 -21.14 4.57 40.57
N LEU C 215 -20.69 5.75 40.14
CA LEU C 215 -20.49 6.04 38.72
C LEU C 215 -19.03 6.28 38.43
N GLY C 216 -18.61 5.91 37.24
CA GLY C 216 -17.23 6.10 36.83
C GLY C 216 -17.08 6.01 35.32
N ILE C 217 -15.84 5.94 34.88
CA ILE C 217 -15.50 5.79 33.47
C ILE C 217 -14.13 5.12 33.38
N ASN C 218 -13.94 4.32 32.33
CA ASN C 218 -12.71 3.55 32.15
C ASN C 218 -12.11 3.79 30.77
N PRO C 219 -11.33 4.87 30.62
CA PRO C 219 -10.59 5.05 29.37
C PRO C 219 -9.39 4.11 29.27
N THR C 220 -8.54 4.31 28.27
CA THR C 220 -7.35 3.48 28.13
C THR C 220 -6.28 4.26 27.38
N CYS C 221 -5.04 3.79 27.50
CA CYS C 221 -3.87 4.33 26.83
C CYS C 221 -2.67 3.45 27.15
N GLY C 222 -1.67 3.51 26.26
CA GLY C 222 -0.37 3.00 26.63
C GLY C 222 0.20 3.82 27.77
N VAL C 223 0.86 3.14 28.70
CA VAL C 223 1.39 3.79 29.89
C VAL C 223 2.82 4.22 29.62
N ALA C 224 3.07 5.52 29.66
CA ALA C 224 4.43 6.03 29.55
C ALA C 224 5.23 5.61 30.78
N LEU C 225 6.32 4.89 30.56
CA LEU C 225 7.13 4.35 31.64
C LEU C 225 8.42 5.12 31.79
N PRO C 226 8.80 5.53 33.00
CA PRO C 226 10.07 6.24 33.18
C PRO C 226 11.25 5.28 33.04
N ILE C 227 12.34 5.80 32.45
CA ILE C 227 13.51 4.97 32.22
C ILE C 227 14.22 4.61 33.53
N SER C 228 14.00 5.38 34.59
CA SER C 228 14.56 5.08 35.91
C SER C 228 13.59 5.62 36.96
N GLU C 229 13.99 5.53 38.23
CA GLU C 229 13.15 5.93 39.35
C GLU C 229 13.58 7.26 39.97
N ASN C 230 14.28 8.10 39.20
CA ASN C 230 14.64 9.43 39.68
C ASN C 230 13.57 10.43 39.25
N LYS C 231 13.37 11.46 40.07
CA LYS C 231 12.29 12.43 39.86
C LYS C 231 12.29 13.03 38.45
N LYS C 232 13.46 13.20 37.82
CA LYS C 232 13.47 13.81 36.49
C LYS C 232 12.90 12.86 35.44
N ASP C 233 13.25 11.58 35.52
CA ASP C 233 12.77 10.62 34.52
C ASP C 233 11.30 10.27 34.75
N ILE C 234 10.85 10.24 36.01
CA ILE C 234 9.44 10.03 36.28
C ILE C 234 8.61 11.20 35.76
N GLU C 235 9.17 12.41 35.78
CA GLU C 235 8.43 13.57 35.29
C GLU C 235 8.30 13.56 33.78
N ILE C 236 9.31 13.03 33.08
CA ILE C 236 9.19 12.88 31.63
C ILE C 236 8.06 11.92 31.29
N ALA C 237 7.98 10.79 32.00
CA ALA C 237 6.92 9.83 31.73
C ALA C 237 5.56 10.39 32.13
N ARG C 238 5.50 11.15 33.23
CA ARG C 238 4.24 11.73 33.66
C ARG C 238 3.76 12.78 32.67
N LYS C 239 4.66 13.62 32.19
CA LYS C 239 4.28 14.64 31.21
C LYS C 239 3.78 14.01 29.92
N ARG C 240 4.51 13.01 29.42
CA ARG C 240 4.09 12.31 28.21
C ARG C 240 2.75 11.61 28.44
N TYR C 241 2.55 11.02 29.62
CA TYR C 241 1.34 10.25 29.87
C TYR C 241 0.09 11.10 29.78
N PHE C 242 0.17 12.37 30.15
CA PHE C 242 -0.97 13.28 30.10
C PHE C 242 -0.80 14.35 29.02
N ASP C 243 0.05 14.10 28.04
CA ASP C 243 0.34 15.08 27.02
C ASP C 243 -0.78 15.13 25.98
N ILE C 244 -0.83 16.22 25.23
CA ILE C 244 -1.73 16.41 24.11
C ILE C 244 -0.90 16.35 22.83
N LEU C 245 -1.28 15.46 21.91
CA LEU C 245 -0.44 15.12 20.78
C LEU C 245 -0.75 16.00 19.57
N ASP C 246 0.21 16.06 18.65
CA ASP C 246 0.06 16.84 17.43
C ASP C 246 -1.03 16.25 16.54
N LEU C 247 -1.61 17.12 15.69
CA LEU C 247 -2.68 16.70 14.80
C LEU C 247 -2.24 15.70 13.74
N ASN C 248 -0.94 15.62 13.44
CA ASN C 248 -0.47 14.67 12.45
C ASN C 248 -0.21 13.27 13.01
N ASP C 249 -0.24 13.11 14.33
CA ASP C 249 -0.17 11.81 14.97
C ASP C 249 -1.57 11.30 15.29
N ALA C 250 -1.64 10.16 15.97
CA ALA C 250 -2.90 9.62 16.48
C ALA C 250 -3.21 10.33 17.80
N TYR C 251 -3.67 11.59 17.67
CA TYR C 251 -3.77 12.50 18.80
C TYR C 251 -4.88 12.16 19.78
N VAL C 252 -5.81 11.28 19.40
CA VAL C 252 -6.89 10.92 20.32
C VAL C 252 -6.38 10.04 21.45
N TRP C 253 -5.27 9.33 21.26
CA TRP C 253 -4.71 8.47 22.30
C TRP C 253 -4.00 9.34 23.35
N SER C 254 -4.81 10.06 24.10
CA SER C 254 -4.36 10.92 25.18
C SER C 254 -5.25 10.70 26.40
N VAL C 255 -4.63 10.65 27.58
CA VAL C 255 -5.39 10.49 28.80
C VAL C 255 -6.07 11.81 29.18
N SER C 256 -5.34 12.92 29.07
CA SER C 256 -5.87 14.21 29.50
C SER C 256 -6.97 14.72 28.56
N LEU C 257 -6.98 14.26 27.30
CA LEU C 257 -8.01 14.71 26.37
C LEU C 257 -9.42 14.42 26.89
N PHE C 258 -9.59 13.29 27.56
CA PHE C 258 -10.89 12.89 28.09
C PHE C 258 -11.04 13.13 29.58
N LEU C 259 -10.01 12.86 30.38
CA LEU C 259 -10.17 12.87 31.83
C LEU C 259 -9.93 14.23 32.46
N ASP C 260 -9.14 15.10 31.84
CA ASP C 260 -9.04 16.46 32.38
C ASP C 260 -10.37 17.20 32.31
N PRO C 261 -11.12 17.19 31.21
CA PRO C 261 -12.48 17.77 31.26
C PRO C 261 -13.38 17.08 32.26
N ILE C 262 -13.26 15.75 32.39
CA ILE C 262 -14.17 15.01 33.26
C ILE C 262 -13.84 15.27 34.73
N VAL C 263 -12.57 15.20 35.10
CA VAL C 263 -12.17 15.27 36.49
C VAL C 263 -11.71 16.67 36.89
N LEU C 264 -10.99 17.36 36.02
CA LEU C 264 -10.46 18.69 36.35
C LEU C 264 -11.33 19.83 35.83
N GLY C 265 -12.32 19.55 34.98
CA GLY C 265 -13.28 20.54 34.56
C GLY C 265 -12.99 21.26 33.26
N ASP C 266 -11.87 20.96 32.60
CA ASP C 266 -11.57 21.63 31.33
C ASP C 266 -10.52 20.83 30.57
N TYR C 267 -10.52 20.98 29.25
CA TYR C 267 -9.43 20.47 28.44
C TYR C 267 -8.10 21.10 28.88
N PRO C 268 -6.99 20.42 28.64
CA PRO C 268 -5.69 21.04 28.91
C PRO C 268 -5.47 22.28 28.05
N THR C 269 -4.59 23.16 28.53
CA THR C 269 -4.26 24.37 27.78
C THR C 269 -3.72 24.04 26.40
N LYS C 270 -2.93 22.99 26.30
CA LYS C 270 -2.35 22.59 25.02
C LYS C 270 -3.43 22.24 24.00
N TYR C 271 -4.58 21.76 24.48
CA TYR C 271 -5.70 21.41 23.60
C TYR C 271 -6.19 22.62 22.81
N TYR C 272 -6.39 23.76 23.50
CA TYR C 272 -6.91 24.95 22.82
C TYR C 272 -5.89 25.58 21.89
N GLU C 273 -4.60 25.39 22.16
CA GLU C 273 -3.56 26.03 21.35
C GLU C 273 -3.31 25.23 20.07
N LEU C 274 -3.06 23.92 20.21
CA LEU C 274 -2.74 23.10 19.04
C LEU C 274 -3.95 22.94 18.13
N TYR C 275 -5.14 22.81 18.70
CA TYR C 275 -6.35 22.51 17.94
C TYR C 275 -7.21 23.74 17.71
N LYS C 276 -6.63 24.94 17.80
CA LYS C 276 -7.41 26.17 17.75
C LYS C 276 -8.29 26.25 16.50
N GLU C 277 -7.76 25.87 15.35
CA GLU C 277 -8.50 26.05 14.10
C GLU C 277 -9.56 24.97 13.85
N HIS C 278 -9.61 23.93 14.68
CA HIS C 278 -10.57 22.84 14.49
C HIS C 278 -11.44 22.64 15.73
N LEU C 279 -11.44 23.60 16.65
CA LEU C 279 -12.17 23.45 17.90
C LEU C 279 -13.68 23.39 17.65
N PRO C 280 -14.42 22.60 18.42
CA PRO C 280 -15.87 22.67 18.38
C PRO C 280 -16.38 23.76 19.31
N LYS C 281 -17.67 24.05 19.20
CA LYS C 281 -18.28 25.04 20.09
C LYS C 281 -18.22 24.52 21.51
N ILE C 282 -17.49 25.21 22.38
CA ILE C 282 -17.29 24.80 23.76
C ILE C 282 -17.78 25.91 24.67
N THR C 283 -18.89 25.67 25.35
CA THR C 283 -19.41 26.61 26.32
C THR C 283 -18.98 26.18 27.72
N GLN C 284 -19.08 27.12 28.66
CA GLN C 284 -18.77 26.78 30.04
C GLN C 284 -19.74 25.78 30.62
N GLU C 285 -20.99 25.77 30.15
CA GLU C 285 -21.91 24.74 30.63
C GLU C 285 -21.55 23.37 30.08
N ASP C 286 -21.00 23.31 28.86
CA ASP C 286 -20.47 22.05 28.33
C ASP C 286 -19.45 21.46 29.30
N LEU C 287 -18.43 22.25 29.65
CA LEU C 287 -17.43 21.79 30.60
C LEU C 287 -18.05 21.50 31.97
N LYS C 288 -19.07 22.26 32.34
CA LYS C 288 -19.76 22.03 33.60
C LYS C 288 -20.51 20.70 33.57
N LEU C 289 -21.15 20.40 32.44
CA LEU C 289 -21.88 19.14 32.29
C LEU C 289 -20.94 17.93 32.30
N ILE C 290 -19.79 18.06 31.63
CA ILE C 290 -18.86 16.94 31.52
C ILE C 290 -18.26 16.60 32.88
N SER C 291 -17.98 17.62 33.69
CA SER C 291 -17.23 17.45 34.94
C SER C 291 -18.13 17.12 36.13
N GLN C 292 -19.13 16.25 35.96
CA GLN C 292 -19.90 15.79 37.09
C GLN C 292 -19.00 15.02 38.05
N PRO C 293 -19.19 15.14 39.35
CA PRO C 293 -18.38 14.35 40.29
C PRO C 293 -18.62 12.87 40.10
N LEU C 294 -17.53 12.11 40.09
CA LEU C 294 -17.57 10.66 39.96
C LEU C 294 -17.23 10.01 41.29
N ASP C 295 -17.65 8.76 41.44
CA ASP C 295 -17.34 7.99 42.64
C ASP C 295 -16.06 7.18 42.50
N PHE C 296 -15.69 6.83 41.27
CA PHE C 296 -14.44 6.11 41.05
C PHE C 296 -13.95 6.41 39.64
N LEU C 297 -12.65 6.21 39.44
CA LEU C 297 -12.02 6.33 38.14
C LEU C 297 -11.35 5.00 37.81
N ALA C 298 -11.49 4.57 36.55
CA ALA C 298 -10.98 3.27 36.13
C ALA C 298 -10.12 3.43 34.89
N GLN C 299 -9.47 2.33 34.49
CA GLN C 299 -8.57 2.36 33.35
C GLN C 299 -8.31 0.94 32.88
N ASN C 300 -8.32 0.75 31.56
CA ASN C 300 -7.86 -0.49 30.95
C ASN C 300 -6.39 -0.33 30.58
N ILE C 301 -5.54 -1.17 31.15
CA ILE C 301 -4.09 -1.08 30.99
C ILE C 301 -3.56 -2.44 30.59
N TYR C 302 -2.87 -2.50 29.46
CA TYR C 302 -2.29 -3.74 28.95
C TYR C 302 -0.78 -3.72 28.87
N ASN C 303 -0.18 -2.61 28.46
CA ASN C 303 1.28 -2.56 28.32
C ASN C 303 1.72 -1.10 28.38
N GLY C 304 3.04 -0.90 28.34
CA GLY C 304 3.62 0.42 28.42
C GLY C 304 4.89 0.51 27.61
N TYR C 305 5.40 1.74 27.51
CA TYR C 305 6.57 2.05 26.70
C TYR C 305 7.52 2.95 27.47
N ARG C 306 8.82 2.67 27.34
CA ARG C 306 9.83 3.54 27.94
C ARG C 306 9.90 4.86 27.17
N VAL C 307 10.06 5.96 27.90
CA VAL C 307 10.07 7.29 27.29
C VAL C 307 11.11 8.16 28.01
N SER C 308 11.79 8.99 27.22
CA SER C 308 12.80 9.92 27.73
C SER C 308 12.82 11.13 26.80
N GLU C 309 13.86 11.96 26.93
CA GLU C 309 14.01 13.16 26.11
C GLU C 309 15.44 13.30 25.63
N ASP C 310 15.62 13.95 24.49
CA ASP C 310 16.94 14.25 23.96
C ASP C 310 17.36 15.67 24.37
N GLU C 311 18.40 16.19 23.71
CA GLU C 311 18.93 17.50 24.10
C GLU C 311 17.92 18.62 23.85
N ASN C 312 17.23 18.58 22.71
CA ASN C 312 16.30 19.66 22.35
C ASN C 312 14.96 19.56 23.06
N GLY C 313 14.78 18.61 23.97
CA GLY C 313 13.51 18.45 24.65
C GLY C 313 12.49 17.63 23.89
N ASN C 314 12.88 16.92 22.85
CA ASN C 314 11.99 16.06 22.08
C ASN C 314 11.93 14.68 22.73
N TYR C 315 10.79 14.02 22.56
CA TYR C 315 10.61 12.69 23.13
C TYR C 315 11.51 11.68 22.43
N VAL C 316 12.12 10.80 23.22
CA VAL C 316 12.94 9.70 22.72
C VAL C 316 12.31 8.39 23.19
N TYR C 317 12.19 7.44 22.26
CA TYR C 317 11.59 6.13 22.55
C TYR C 317 12.62 5.02 22.29
N PRO C 318 13.27 4.51 23.33
CA PRO C 318 14.30 3.49 23.11
C PRO C 318 13.72 2.19 22.62
N LYS C 319 14.52 1.43 21.88
CA LYS C 319 14.08 0.16 21.34
C LYS C 319 13.85 -0.85 22.45
N ARG C 320 13.01 -1.85 22.14
CA ARG C 320 12.80 -2.99 23.02
C ARG C 320 13.84 -4.06 22.72
N LYS C 321 14.33 -4.69 23.79
CA LYS C 321 15.37 -5.71 23.65
C LYS C 321 14.90 -6.85 22.75
N ALA C 322 15.83 -7.40 21.97
CA ALA C 322 15.50 -8.48 21.05
C ALA C 322 14.98 -9.70 21.80
N GLY C 323 13.89 -10.26 21.31
CA GLY C 323 13.28 -11.41 21.96
C GLY C 323 12.46 -11.09 23.18
N TYR C 324 11.98 -9.86 23.31
CA TYR C 324 11.28 -9.44 24.52
C TYR C 324 10.01 -10.25 24.73
N ASP C 325 9.63 -10.41 25.99
CA ASP C 325 8.41 -11.14 26.33
C ASP C 325 7.20 -10.49 25.67
N HIS C 326 6.40 -11.29 24.97
CA HIS C 326 5.28 -10.76 24.21
C HIS C 326 4.11 -11.72 24.28
N THR C 327 2.95 -11.25 23.82
CA THR C 327 1.71 -12.01 23.80
C THR C 327 1.41 -12.45 22.37
N ASP C 328 0.27 -13.14 22.21
CA ASP C 328 -0.16 -13.59 20.90
C ASP C 328 -0.62 -12.45 20.00
N MET C 329 -0.79 -11.25 20.55
CA MET C 329 -1.06 -10.06 19.77
C MET C 329 0.21 -9.40 19.24
N GLY C 330 1.38 -9.90 19.63
CA GLY C 330 2.62 -9.18 19.42
C GLY C 330 2.86 -8.05 20.41
N TRP C 331 1.97 -7.86 21.37
CA TRP C 331 2.11 -6.79 22.35
C TRP C 331 3.25 -7.12 23.32
N PRO C 332 3.97 -6.10 23.79
CA PRO C 332 5.00 -6.33 24.79
C PRO C 332 4.39 -6.64 26.16
N ILE C 333 5.16 -7.34 26.97
CA ILE C 333 4.78 -7.65 28.35
C ILE C 333 5.54 -6.69 29.26
N THR C 334 4.84 -5.70 29.79
CA THR C 334 5.44 -4.67 30.64
C THR C 334 4.65 -4.59 31.94
N PRO C 335 4.99 -5.40 32.94
CA PRO C 335 4.18 -5.42 34.17
C PRO C 335 4.22 -4.11 34.94
N SER C 336 5.29 -3.33 34.79
CA SER C 336 5.38 -2.04 35.49
C SER C 336 4.28 -1.08 35.06
N ALA C 337 3.58 -1.35 33.96
CA ALA C 337 2.48 -0.50 33.54
C ALA C 337 1.33 -0.51 34.55
N LEU C 338 1.20 -1.60 35.31
CA LEU C 338 0.18 -1.68 36.35
C LEU C 338 0.60 -1.00 37.64
N TYR C 339 1.81 -0.43 37.70
CA TYR C 339 2.22 0.42 38.80
C TYR C 339 2.21 1.89 38.41
N TRP C 340 2.96 2.24 37.37
CA TRP C 340 3.06 3.64 36.97
C TRP C 340 1.73 4.18 36.46
N GLY C 341 0.98 3.35 35.73
CA GLY C 341 -0.33 3.73 35.25
C GLY C 341 -1.27 4.16 36.35
N PRO C 342 -1.60 3.24 37.27
CA PRO C 342 -2.47 3.61 38.40
C PRO C 342 -1.89 4.69 39.28
N ARG C 343 -0.57 4.77 39.43
CA ARG C 343 0.01 5.83 40.25
C ARG C 343 -0.24 7.20 39.64
N PHE C 344 0.04 7.35 38.35
CA PHE C 344 -0.15 8.65 37.70
C PHE C 344 -1.61 9.08 37.74
N ILE C 345 -2.53 8.14 37.47
CA ILE C 345 -3.95 8.48 37.43
C ILE C 345 -4.43 8.95 38.81
N CYS C 346 -4.00 8.26 39.87
CA CYS C 346 -4.40 8.67 41.22
C CYS C 346 -3.83 10.04 41.57
N GLU C 347 -2.56 10.28 41.22
CA GLU C 347 -1.91 11.54 41.58
C GLU C 347 -2.60 12.74 40.92
N ARG C 348 -3.05 12.57 39.68
CA ARG C 348 -3.62 13.68 38.93
C ARG C 348 -5.11 13.87 39.18
N TYR C 349 -5.84 12.80 39.46
CA TYR C 349 -7.30 12.84 39.51
C TYR C 349 -7.89 12.54 40.88
N ASN C 350 -7.14 11.88 41.76
CA ASN C 350 -7.51 11.73 43.17
C ASN C 350 -8.90 11.10 43.33
N LEU C 351 -9.09 9.96 42.67
CA LEU C 351 -10.32 9.20 42.79
C LEU C 351 -10.00 7.74 43.13
N PRO C 352 -10.93 7.05 43.78
CA PRO C 352 -10.77 5.60 43.95
C PRO C 352 -10.59 4.93 42.60
N PHE C 353 -9.65 4.00 42.52
CA PHE C 353 -9.16 3.49 41.25
C PHE C 353 -9.45 2.01 41.10
N TYR C 354 -10.01 1.64 39.95
CA TYR C 354 -10.21 0.24 39.57
C TYR C 354 -9.45 -0.04 38.27
N ILE C 355 -8.89 -1.24 38.18
CA ILE C 355 -8.42 -1.75 36.89
C ILE C 355 -9.55 -2.56 36.28
N THR C 356 -10.15 -2.04 35.21
CA THR C 356 -11.29 -2.68 34.60
C THR C 356 -10.92 -3.71 33.54
N GLU C 357 -9.71 -3.65 33.00
CA GLU C 357 -9.25 -4.65 32.04
C GLU C 357 -7.76 -4.84 32.15
N ASN C 358 -7.33 -6.10 32.20
CA ASN C 358 -5.93 -6.46 32.11
C ASN C 358 -5.88 -7.93 31.73
N GLY C 359 -4.97 -8.27 30.82
CA GLY C 359 -4.89 -9.62 30.32
C GLY C 359 -4.04 -9.66 29.06
N LEU C 360 -4.12 -10.79 28.39
CA LEU C 360 -3.29 -11.02 27.21
C LEU C 360 -3.92 -12.10 26.34
N ALA C 361 -3.57 -12.08 25.07
CA ALA C 361 -3.93 -13.16 24.16
C ALA C 361 -2.85 -14.24 24.20
N CYS C 362 -3.29 -15.50 24.24
CA CYS C 362 -2.40 -16.64 24.20
C CYS C 362 -2.91 -17.60 23.12
N HIS C 363 -1.98 -18.19 22.37
CA HIS C 363 -2.36 -19.21 21.41
C HIS C 363 -2.74 -20.50 22.13
N ASP C 364 -3.86 -20.48 22.84
CA ASP C 364 -4.28 -21.62 23.64
C ASP C 364 -4.95 -22.68 22.78
N VAL C 365 -4.75 -23.94 23.17
CA VAL C 365 -5.37 -25.08 22.51
C VAL C 365 -5.87 -26.04 23.59
N VAL C 366 -6.84 -26.86 23.20
CA VAL C 366 -7.26 -27.99 24.04
C VAL C 366 -6.26 -29.11 23.78
N SER C 367 -5.43 -29.40 24.79
CA SER C 367 -4.37 -30.39 24.63
C SER C 367 -4.95 -31.79 24.62
N LEU C 368 -4.06 -32.79 24.46
CA LEU C 368 -4.51 -34.18 24.37
C LEU C 368 -5.22 -34.63 25.63
N ASP C 369 -4.93 -34.04 26.78
CA ASP C 369 -5.58 -34.37 28.04
C ASP C 369 -6.92 -33.65 28.23
N ASN C 370 -7.47 -33.05 27.17
CA ASN C 370 -8.72 -32.29 27.22
C ASN C 370 -8.67 -31.14 28.22
N LYS C 371 -7.48 -30.69 28.56
CA LYS C 371 -7.29 -29.50 29.39
C LYS C 371 -6.67 -28.39 28.55
N VAL C 372 -6.67 -27.18 29.10
CA VAL C 372 -6.12 -26.00 28.43
C VAL C 372 -5.05 -25.42 29.35
N HIS C 373 -3.79 -25.63 29.00
CA HIS C 373 -2.66 -25.16 29.78
C HIS C 373 -2.18 -23.83 29.25
N ASP C 374 -2.27 -22.79 30.07
CA ASP C 374 -1.82 -21.43 29.70
C ASP C 374 -0.92 -20.86 30.79
N PRO C 375 0.25 -21.46 31.02
CA PRO C 375 1.14 -20.90 32.06
C PRO C 375 1.63 -19.50 31.75
N ASN C 376 1.73 -19.13 30.46
CA ASN C 376 2.13 -17.77 30.11
C ASN C 376 1.14 -16.75 30.65
N ARG C 377 -0.16 -17.09 30.63
CA ARG C 377 -1.16 -16.18 31.19
C ARG C 377 -1.01 -16.06 32.70
N ILE C 378 -0.74 -17.18 33.38
CA ILE C 378 -0.50 -17.12 34.83
C ILE C 378 0.68 -16.21 35.14
N ASP C 379 1.76 -16.36 34.39
CA ASP C 379 2.94 -15.53 34.62
C ASP C 379 2.67 -14.06 34.30
N PHE C 380 2.01 -13.80 33.18
CA PHE C 380 1.61 -12.44 32.83
C PHE C 380 0.81 -11.79 33.95
N LEU C 381 -0.24 -12.47 34.42
CA LEU C 381 -1.10 -11.89 35.45
C LEU C 381 -0.34 -11.73 36.76
N ASN C 382 0.45 -12.74 37.15
CA ASN C 382 1.20 -12.67 38.39
C ASN C 382 2.17 -11.50 38.39
N LYS C 383 2.88 -11.29 37.28
CA LYS C 383 3.84 -10.19 37.22
C LYS C 383 3.14 -8.84 37.23
N TYR C 384 1.99 -8.72 36.56
CA TYR C 384 1.28 -7.46 36.51
C TYR C 384 0.64 -7.13 37.85
N LEU C 385 0.10 -8.14 38.53
CA LEU C 385 -0.53 -7.91 39.82
C LEU C 385 0.49 -7.53 40.89
N LEU C 386 1.73 -8.04 40.78
CA LEU C 386 2.76 -7.68 41.74
C LEU C 386 3.07 -6.18 41.68
N ASP C 387 3.21 -5.64 40.47
CA ASP C 387 3.43 -4.20 40.34
C ASP C 387 2.19 -3.42 40.72
N TYR C 388 1.01 -3.99 40.48
CA TYR C 388 -0.22 -3.38 40.97
C TYR C 388 -0.28 -3.41 42.49
N SER C 389 0.26 -4.46 43.11
CA SER C 389 0.34 -4.51 44.57
C SER C 389 1.25 -3.43 45.11
N ARG C 390 2.37 -3.16 44.41
CA ARG C 390 3.27 -2.09 44.84
C ARG C 390 2.53 -0.77 44.96
N ALA C 391 1.57 -0.50 44.06
CA ALA C 391 0.79 0.72 44.15
C ALA C 391 -0.09 0.74 45.39
N SER C 392 -0.59 -0.43 45.81
CA SER C 392 -1.40 -0.50 47.03
C SER C 392 -0.55 -0.27 48.27
N CYS C 393 0.68 -0.79 48.29
CA CYS C 393 1.54 -0.61 49.46
C CYS C 393 1.97 0.83 49.65
N GLU C 394 2.02 1.61 48.56
CA GLU C 394 2.45 2.99 48.63
C GLU C 394 1.33 3.94 49.03
N GLY C 395 0.15 3.42 49.35
CA GLY C 395 -0.95 4.20 49.84
C GLY C 395 -1.93 4.66 48.79
N TYR C 396 -1.77 4.23 47.54
CA TYR C 396 -2.68 4.66 46.49
C TYR C 396 -4.02 3.96 46.62
N ASP C 397 -5.09 4.70 46.29
CA ASP C 397 -6.46 4.25 46.53
C ASP C 397 -6.93 3.32 45.40
N ILE C 398 -6.36 2.13 45.39
CA ILE C 398 -6.80 1.12 44.42
C ILE C 398 -7.85 0.25 45.09
N ARG C 399 -8.89 -0.09 44.33
CA ARG C 399 -10.06 -0.77 44.89
C ARG C 399 -10.29 -2.16 44.34
N GLY C 400 -9.80 -2.48 43.14
CA GLY C 400 -10.09 -3.77 42.57
C GLY C 400 -9.35 -4.00 41.28
N TYR C 401 -9.65 -5.14 40.66
CA TYR C 401 -8.97 -5.60 39.45
C TYR C 401 -9.91 -6.52 38.69
N PHE C 402 -10.13 -6.20 37.42
CA PHE C 402 -10.95 -7.02 36.53
C PHE C 402 -10.06 -7.56 35.43
N GLN C 403 -9.90 -8.88 35.40
CA GLN C 403 -9.06 -9.53 34.41
C GLN C 403 -9.81 -9.62 33.10
N TRP C 404 -9.19 -9.18 32.01
CA TRP C 404 -9.88 -9.22 30.73
C TRP C 404 -9.95 -10.64 30.17
N SER C 405 -10.94 -10.80 29.32
CA SER C 405 -12.17 -11.55 29.55
C SER C 405 -12.15 -12.80 30.41
N LEU C 406 -13.36 -13.18 30.81
CA LEU C 406 -13.62 -14.44 31.46
C LEU C 406 -13.42 -15.60 30.49
N MET C 407 -13.88 -15.42 29.25
CA MET C 407 -13.83 -16.48 28.25
C MET C 407 -13.35 -15.88 26.93
N ASP C 408 -12.78 -16.73 26.09
CA ASP C 408 -12.36 -16.29 24.77
C ASP C 408 -13.57 -15.81 23.96
N ASN C 409 -13.38 -14.76 23.18
CA ASN C 409 -14.50 -14.12 22.49
C ASN C 409 -14.01 -13.42 21.22
N PHE C 410 -14.89 -12.61 20.64
CA PHE C 410 -14.64 -11.91 19.38
C PHE C 410 -13.71 -10.73 19.63
N GLU C 411 -12.50 -10.80 19.12
CA GLU C 411 -11.50 -9.73 19.32
C GLU C 411 -11.48 -8.75 18.15
N TRP C 412 -12.67 -8.22 17.83
CA TRP C 412 -12.84 -7.12 16.88
C TRP C 412 -12.19 -7.40 15.53
N ARG C 413 -11.23 -6.56 15.11
CA ARG C 413 -10.61 -6.73 13.80
C ARG C 413 -9.98 -8.11 13.65
N GLU C 414 -9.50 -8.69 14.74
CA GLU C 414 -8.85 -10.00 14.69
C GLU C 414 -9.84 -11.16 14.81
N GLY C 415 -11.13 -10.87 14.99
CA GLY C 415 -12.10 -11.94 15.08
C GLY C 415 -11.84 -12.87 16.24
N TYR C 416 -11.97 -14.17 15.98
CA TYR C 416 -11.72 -15.20 16.97
C TYR C 416 -10.32 -15.80 16.84
N SER C 417 -9.39 -15.06 16.24
CA SER C 417 -8.01 -15.52 16.14
C SER C 417 -7.19 -15.20 17.38
N LYS C 418 -7.76 -14.48 18.35
CA LYS C 418 -7.06 -14.08 19.57
C LYS C 418 -7.90 -14.45 20.78
N ARG C 419 -7.30 -15.16 21.72
CA ARG C 419 -8.02 -15.70 22.88
C ARG C 419 -7.50 -15.01 24.15
N PHE C 420 -8.37 -14.23 24.79
CA PHE C 420 -8.01 -13.46 25.98
C PHE C 420 -8.57 -14.04 27.27
N GLY C 421 -9.44 -15.04 27.20
CA GLY C 421 -10.16 -15.46 28.37
C GLY C 421 -9.38 -16.40 29.27
N MET C 422 -9.85 -16.51 30.51
CA MET C 422 -9.41 -17.56 31.41
C MET C 422 -10.26 -18.82 31.27
N VAL C 423 -11.28 -18.79 30.43
CA VAL C 423 -12.08 -19.96 30.08
C VAL C 423 -11.98 -20.15 28.57
N TYR C 424 -11.65 -21.36 28.14
CA TYR C 424 -11.54 -21.65 26.72
C TYR C 424 -12.92 -21.83 26.12
N VAL C 425 -13.10 -21.33 24.89
CA VAL C 425 -14.38 -21.41 24.18
C VAL C 425 -14.14 -22.00 22.80
N ASP C 426 -14.68 -23.19 22.55
CA ASP C 426 -14.74 -23.73 21.20
C ASP C 426 -15.93 -23.10 20.49
N PHE C 427 -15.65 -22.28 19.48
CA PHE C 427 -16.71 -21.44 18.90
C PHE C 427 -17.68 -22.22 18.01
N GLU C 428 -17.46 -23.51 17.81
CA GLU C 428 -18.43 -24.37 17.12
C GLU C 428 -19.31 -25.14 18.11
N THR C 429 -18.68 -25.90 19.01
CA THR C 429 -19.44 -26.68 19.99
C THR C 429 -19.90 -25.87 21.18
N GLN C 430 -19.33 -24.67 21.37
CA GLN C 430 -19.62 -23.81 22.53
C GLN C 430 -19.25 -24.48 23.86
N LYS C 431 -18.46 -25.54 23.83
CA LYS C 431 -18.02 -26.16 25.07
C LYS C 431 -17.04 -25.22 25.79
N ARG C 432 -17.29 -25.00 27.07
CA ARG C 432 -16.44 -24.15 27.89
C ARG C 432 -15.42 -25.03 28.63
N THR C 433 -14.20 -24.54 28.73
CA THR C 433 -13.17 -25.24 29.49
C THR C 433 -12.36 -24.20 30.26
N ILE C 434 -12.34 -24.32 31.59
CA ILE C 434 -11.56 -23.43 32.42
C ILE C 434 -10.08 -23.72 32.22
N LYS C 435 -9.31 -22.66 31.96
CA LYS C 435 -7.87 -22.81 31.80
C LYS C 435 -7.18 -22.88 33.16
N ASP C 436 -5.92 -23.33 33.15
CA ASP C 436 -5.14 -23.35 34.38
C ASP C 436 -5.09 -21.98 35.03
N SER C 437 -5.09 -20.91 34.23
CA SER C 437 -5.11 -19.56 34.78
C SER C 437 -6.41 -19.29 35.52
N GLY C 438 -7.50 -19.94 35.11
CA GLY C 438 -8.75 -19.76 35.83
C GLY C 438 -8.69 -20.32 37.23
N TYR C 439 -8.16 -21.54 37.37
CA TYR C 439 -7.99 -22.12 38.69
C TYR C 439 -6.93 -21.38 39.50
N TRP C 440 -5.88 -20.89 38.84
CA TRP C 440 -4.90 -20.06 39.52
C TRP C 440 -5.53 -18.76 40.00
N TYR C 441 -6.39 -18.15 39.16
CA TYR C 441 -7.05 -16.92 39.57
C TYR C 441 -8.04 -17.19 40.70
N LYS C 442 -8.60 -18.39 40.76
CA LYS C 442 -9.49 -18.76 41.87
C LYS C 442 -8.72 -18.75 43.19
N LYS C 443 -7.51 -19.30 43.20
CA LYS C 443 -6.71 -19.29 44.41
C LYS C 443 -6.26 -17.87 44.77
N VAL C 444 -6.00 -17.03 43.77
CA VAL C 444 -5.62 -15.65 44.04
C VAL C 444 -6.73 -14.91 44.78
N ILE C 445 -7.97 -15.12 44.36
CA ILE C 445 -9.11 -14.48 45.04
C ILE C 445 -9.24 -14.99 46.46
N GLU C 446 -9.12 -16.31 46.65
CA GLU C 446 -9.28 -16.88 47.99
C GLU C 446 -8.17 -16.44 48.93
N GLU C 447 -6.99 -16.17 48.41
CA GLU C 447 -5.88 -15.68 49.21
C GLU C 447 -5.73 -14.16 49.15
N ASN C 448 -6.60 -13.48 48.39
CA ASN C 448 -6.50 -12.03 48.20
C ASN C 448 -5.12 -11.65 47.67
N GLY C 449 -4.58 -12.49 46.80
CA GLY C 449 -3.29 -12.22 46.19
C GLY C 449 -2.09 -12.46 47.08
N GLU C 450 -2.26 -13.12 48.21
CA GLU C 450 -1.13 -13.34 49.09
C GLU C 450 -0.30 -14.56 48.68
N ASN C 451 -0.70 -15.22 47.61
CA ASN C 451 0.05 -16.36 47.07
C ASN C 451 0.88 -15.98 45.86
N LEU C 452 0.90 -14.70 45.48
CA LEU C 452 1.58 -14.25 44.27
C LEU C 452 3.08 -14.25 44.40
N LEU C 453 3.66 -14.87 45.42
CA LEU C 453 5.09 -14.88 45.62
C LEU C 453 5.59 -16.31 45.75
N GLU C 454 6.88 -16.50 45.44
CA GLU C 454 7.51 -17.81 45.42
C GLU C 454 6.66 -18.83 44.66
N MET D 1 4.74 -50.50 19.11
CA MET D 1 5.73 -50.14 18.10
C MET D 1 5.28 -48.93 17.30
N LYS D 2 5.30 -47.75 17.93
CA LYS D 2 4.97 -46.53 17.21
C LYS D 2 6.03 -46.21 16.16
N PHE D 3 7.30 -46.38 16.50
CA PHE D 3 8.40 -46.16 15.58
C PHE D 3 9.33 -47.37 15.63
N ASN D 4 10.21 -47.45 14.65
CA ASN D 4 11.19 -48.54 14.62
C ASN D 4 12.33 -48.26 15.59
N GLU D 5 13.08 -49.31 15.93
CA GLU D 5 14.16 -49.18 16.91
C GLU D 5 15.30 -48.35 16.36
N ASN D 6 15.48 -48.35 15.04
CA ASN D 6 16.51 -47.58 14.36
C ASN D 6 16.10 -46.14 14.07
N PHE D 7 14.92 -45.71 14.52
CA PHE D 7 14.43 -44.36 14.26
C PHE D 7 15.42 -43.34 14.81
N VAL D 8 15.55 -42.22 14.10
CA VAL D 8 16.53 -41.19 14.43
C VAL D 8 15.79 -39.98 14.98
N TRP D 9 16.09 -39.61 16.23
CA TRP D 9 15.53 -38.44 16.87
C TRP D 9 16.59 -37.34 16.91
N GLY D 10 16.27 -36.18 16.36
CA GLY D 10 17.23 -35.11 16.25
C GLY D 10 16.60 -33.75 16.44
N VAL D 11 17.47 -32.74 16.54
CA VAL D 11 17.09 -31.33 16.51
C VAL D 11 17.85 -30.66 15.37
N ALA D 12 17.40 -29.46 15.01
CA ALA D 12 17.95 -28.80 13.84
C ALA D 12 18.21 -27.33 14.12
N THR D 13 19.30 -26.82 13.54
CA THR D 13 19.61 -25.39 13.53
C THR D 13 20.09 -25.03 12.14
N SER D 14 20.52 -23.77 11.97
CA SER D 14 21.17 -23.34 10.74
C SER D 14 22.24 -22.32 11.10
N SER D 15 23.19 -22.15 10.19
CA SER D 15 24.41 -21.42 10.51
C SER D 15 24.12 -19.96 10.83
N TYR D 16 23.49 -19.23 9.89
CA TYR D 16 23.28 -17.81 10.09
C TYR D 16 22.35 -17.53 11.27
N GLN D 17 21.47 -18.47 11.60
CA GLN D 17 20.48 -18.23 12.65
C GLN D 17 21.05 -18.37 14.05
N ILE D 18 22.14 -19.12 14.25
CA ILE D 18 22.63 -19.37 15.60
C ILE D 18 24.10 -18.96 15.78
N GLU D 19 24.89 -19.03 14.71
CA GLU D 19 26.34 -18.97 14.87
C GLU D 19 26.82 -17.61 15.34
N GLY D 20 26.32 -16.54 14.75
CA GLY D 20 26.93 -15.25 15.04
C GLY D 20 28.31 -15.15 14.40
N ALA D 21 29.12 -14.25 14.95
CA ALA D 21 30.47 -14.00 14.46
C ALA D 21 30.47 -13.72 12.95
N TYR D 22 29.58 -12.82 12.54
CA TYR D 22 29.41 -12.52 11.12
C TYR D 22 30.64 -11.82 10.54
N ASN D 23 31.35 -11.03 11.36
CA ASN D 23 32.51 -10.26 10.94
C ASN D 23 33.74 -10.61 11.77
N GLU D 24 33.96 -11.90 11.99
CA GLU D 24 35.10 -12.31 12.80
C GLU D 24 35.68 -13.61 12.26
N ASP D 25 36.98 -13.79 12.53
CA ASP D 25 37.73 -14.97 12.10
C ASP D 25 37.60 -15.21 10.60
N GLY D 26 37.65 -14.13 9.83
CA GLY D 26 37.73 -14.22 8.39
C GLY D 26 36.46 -14.66 7.68
N ARG D 27 35.32 -14.66 8.36
CA ARG D 27 34.07 -15.03 7.71
C ARG D 27 33.68 -13.98 6.67
N GLY D 28 33.32 -14.44 5.47
CA GLY D 28 32.83 -13.54 4.46
C GLY D 28 31.37 -13.19 4.65
N LYS D 29 30.96 -12.11 4.00
CA LYS D 29 29.56 -11.69 4.02
C LYS D 29 28.68 -12.67 3.25
N ASP D 30 27.40 -12.67 3.59
CA ASP D 30 26.41 -13.46 2.87
C ASP D 30 25.25 -12.55 2.49
N ILE D 31 24.26 -13.11 1.79
CA ILE D 31 23.17 -12.30 1.27
C ILE D 31 22.26 -11.83 2.39
N TRP D 32 22.13 -12.61 3.47
CA TRP D 32 21.21 -12.23 4.53
C TRP D 32 21.78 -11.11 5.41
N GLY D 33 23.08 -11.17 5.73
CA GLY D 33 23.71 -10.03 6.37
C GLY D 33 23.59 -8.77 5.53
N ASP D 34 23.71 -8.91 4.22
CA ASP D 34 23.51 -7.77 3.32
C ASP D 34 22.04 -7.35 3.30
N TYR D 35 21.13 -8.33 3.27
CA TYR D 35 19.70 -8.05 3.30
C TYR D 35 19.31 -7.30 4.58
N CYS D 36 19.88 -7.70 5.72
CA CYS D 36 19.57 -7.05 6.99
C CYS D 36 20.07 -5.61 7.06
N SER D 37 21.07 -5.24 6.26
CA SER D 37 21.60 -3.89 6.29
C SER D 37 20.64 -2.86 5.71
N ILE D 38 19.56 -3.29 5.06
CA ILE D 38 18.53 -2.39 4.55
C ILE D 38 17.56 -2.07 5.68
N PRO D 39 17.43 -0.80 6.08
CA PRO D 39 16.56 -0.46 7.21
C PRO D 39 15.11 -0.85 6.95
N GLY D 40 14.45 -1.35 7.99
CA GLY D 40 13.05 -1.71 7.92
C GLY D 40 12.76 -3.05 7.29
N ILE D 41 13.79 -3.83 6.94
CA ILE D 41 13.56 -5.13 6.32
C ILE D 41 13.30 -6.20 7.38
N ILE D 42 14.08 -6.20 8.45
CA ILE D 42 13.92 -7.17 9.54
C ILE D 42 13.18 -6.50 10.67
N PHE D 43 12.38 -7.28 11.39
CA PHE D 43 11.69 -6.83 12.60
C PHE D 43 12.67 -6.15 13.54
N ASP D 44 12.40 -4.88 13.84
CA ASP D 44 13.23 -4.07 14.75
C ASP D 44 14.69 -4.03 14.33
N ASN D 45 14.94 -4.23 13.03
CA ASN D 45 16.29 -4.21 12.47
C ASN D 45 17.22 -5.18 13.19
N HIS D 46 16.69 -6.36 13.53
CA HIS D 46 17.54 -7.43 14.01
C HIS D 46 18.39 -7.98 12.88
N ASN D 47 19.50 -8.62 13.24
CA ASN D 47 20.34 -9.29 12.25
C ASN D 47 21.01 -10.50 12.91
N GLY D 48 21.89 -11.15 12.15
CA GLY D 48 22.56 -12.33 12.65
C GLY D 48 24.00 -12.10 13.00
N ASP D 49 24.36 -10.85 13.33
CA ASP D 49 25.73 -10.55 13.75
C ASP D 49 26.11 -11.35 14.98
N LYS D 50 25.26 -11.35 16.00
CA LYS D 50 25.52 -12.06 17.26
C LYS D 50 24.75 -13.36 17.36
N ALA D 51 23.45 -13.32 17.06
CA ALA D 51 22.56 -14.50 17.06
C ALA D 51 22.66 -15.19 18.41
N CYS D 52 22.93 -16.50 18.46
CA CYS D 52 23.10 -17.22 19.72
C CYS D 52 24.57 -17.39 20.10
N GLU D 53 25.48 -16.77 19.34
CA GLU D 53 26.92 -16.90 19.56
C GLU D 53 27.34 -18.36 19.63
N HIS D 54 26.64 -19.21 18.87
CA HIS D 54 26.95 -20.64 18.85
C HIS D 54 28.37 -20.89 18.36
N TYR D 55 28.89 -20.01 17.51
CA TYR D 55 30.27 -20.13 17.03
C TYR D 55 31.26 -20.21 18.19
N TYR D 56 31.03 -19.41 19.23
CA TYR D 56 31.89 -19.44 20.41
C TYR D 56 31.35 -20.33 21.53
N ARG D 57 30.05 -20.57 21.57
CA ARG D 57 29.44 -21.30 22.67
C ARG D 57 28.96 -22.69 22.25
N TYR D 58 29.52 -23.24 21.17
CA TYR D 58 29.03 -24.51 20.65
C TYR D 58 29.20 -25.65 21.64
N LYS D 59 30.26 -25.61 22.44
CA LYS D 59 30.49 -26.66 23.43
C LYS D 59 29.40 -26.67 24.49
N GLU D 60 29.02 -25.49 24.98
CA GLU D 60 27.88 -25.40 25.89
C GLU D 60 26.62 -25.95 25.25
N ASP D 61 26.38 -25.59 23.99
CA ASP D 61 25.19 -26.06 23.29
C ASP D 61 25.21 -27.57 23.04
N VAL D 62 26.40 -28.14 22.85
CA VAL D 62 26.50 -29.60 22.71
C VAL D 62 26.29 -30.27 24.06
N ALA D 63 26.78 -29.64 25.13
CA ALA D 63 26.53 -30.18 26.46
C ALA D 63 25.04 -30.17 26.78
N ILE D 64 24.33 -29.13 26.33
CA ILE D 64 22.89 -29.09 26.50
C ILE D 64 22.21 -30.23 25.74
N MET D 65 22.74 -30.57 24.56
CA MET D 65 22.13 -31.65 23.79
C MET D 65 22.36 -33.01 24.44
N LYS D 66 23.52 -33.23 25.05
CA LYS D 66 23.71 -34.48 25.78
C LYS D 66 22.83 -34.51 27.02
N GLU D 67 22.67 -33.36 27.68
CA GLU D 67 21.75 -33.29 28.82
C GLU D 67 20.33 -33.63 28.39
N MET D 68 19.93 -33.22 27.18
CA MET D 68 18.63 -33.52 26.62
C MET D 68 18.57 -34.90 25.97
N GLY D 69 19.65 -35.65 26.02
CA GLY D 69 19.68 -37.00 25.44
C GLY D 69 19.44 -37.04 23.95
N ILE D 70 19.97 -36.08 23.21
CA ILE D 70 19.78 -36.00 21.77
C ILE D 70 20.87 -36.77 21.05
N LYS D 71 20.48 -37.69 20.18
CA LYS D 71 21.42 -38.56 19.48
C LYS D 71 21.81 -38.05 18.09
N ALA D 72 21.09 -37.09 17.53
CA ALA D 72 21.37 -36.60 16.19
C ALA D 72 21.15 -35.09 16.13
N TYR D 73 22.02 -34.40 15.39
CA TYR D 73 21.98 -32.94 15.31
C TYR D 73 22.08 -32.50 13.86
N ARG D 74 21.03 -31.85 13.37
CA ARG D 74 21.06 -31.28 12.03
C ARG D 74 21.50 -29.82 12.11
N PHE D 75 22.47 -29.46 11.28
CA PHE D 75 23.00 -28.11 11.26
C PHE D 75 23.47 -27.80 9.84
N SER D 76 23.76 -26.53 9.60
CA SER D 76 24.17 -26.07 8.29
C SER D 76 25.57 -25.48 8.34
N ILE D 77 26.25 -25.53 7.20
CA ILE D 77 27.60 -25.01 7.05
C ILE D 77 27.51 -23.62 6.44
N ALA D 78 28.19 -22.65 7.06
CA ALA D 78 28.27 -21.30 6.51
C ALA D 78 29.27 -21.33 5.37
N TRP D 79 28.76 -21.33 4.13
CA TRP D 79 29.62 -21.33 2.94
C TRP D 79 30.61 -20.17 3.01
N ALA D 80 30.18 -19.02 3.49
CA ALA D 80 31.05 -17.85 3.56
C ALA D 80 32.07 -17.94 4.69
N ARG D 81 31.90 -18.85 5.65
CA ARG D 81 32.90 -19.01 6.71
C ARG D 81 34.09 -19.83 6.25
N ILE D 82 33.88 -20.72 5.28
CA ILE D 82 34.98 -21.50 4.71
C ILE D 82 35.54 -20.84 3.46
N PHE D 83 34.66 -20.42 2.55
CA PHE D 83 35.07 -19.67 1.35
C PHE D 83 34.56 -18.25 1.51
N PRO D 84 35.37 -17.32 2.05
CA PRO D 84 34.89 -15.94 2.25
C PRO D 84 34.44 -15.26 0.98
N GLU D 85 34.94 -15.68 -0.18
CA GLU D 85 34.50 -15.11 -1.45
C GLU D 85 33.75 -16.13 -2.30
N GLY D 86 33.19 -17.15 -1.66
CA GLY D 86 32.45 -18.19 -2.37
C GLY D 86 33.30 -19.23 -3.04
N ILE D 87 34.34 -18.79 -3.76
CA ILE D 87 35.28 -19.68 -4.43
C ILE D 87 36.70 -19.15 -4.20
N GLY D 88 37.66 -20.05 -4.34
CA GLY D 88 39.07 -19.63 -4.29
C GLY D 88 39.64 -19.76 -2.87
N LYS D 89 39.96 -18.61 -2.27
CA LYS D 89 40.70 -18.56 -1.02
C LYS D 89 39.95 -19.29 0.10
N ILE D 90 40.68 -20.11 0.85
CA ILE D 90 40.13 -20.90 1.96
C ILE D 90 40.42 -20.20 3.27
N ASN D 91 39.39 -20.05 4.11
CA ASN D 91 39.52 -19.47 5.44
C ASN D 91 39.79 -20.58 6.43
N GLN D 92 41.01 -20.63 6.97
CA GLN D 92 41.41 -21.77 7.81
C GLN D 92 40.66 -21.77 9.14
N LYS D 93 40.47 -20.60 9.75
CA LYS D 93 39.76 -20.54 11.02
C LYS D 93 38.32 -21.01 10.88
N GLY D 94 37.75 -20.89 9.69
CA GLY D 94 36.41 -21.39 9.43
C GLY D 94 36.41 -22.89 9.22
N VAL D 95 37.44 -23.39 8.55
CA VAL D 95 37.61 -24.84 8.43
C VAL D 95 37.84 -25.47 9.79
N ASP D 96 38.66 -24.82 10.63
CA ASP D 96 38.94 -25.37 11.95
C ASP D 96 37.69 -25.41 12.82
N PHE D 97 36.83 -24.40 12.71
CA PHE D 97 35.64 -24.35 13.56
C PHE D 97 34.76 -25.56 13.33
N TYR D 98 34.45 -25.86 12.07
CA TYR D 98 33.58 -27.00 11.80
C TYR D 98 34.24 -28.32 12.16
N HIS D 99 35.57 -28.39 12.11
CA HIS D 99 36.26 -29.54 12.69
C HIS D 99 35.96 -29.63 14.18
N ASN D 100 36.16 -28.53 14.92
CA ASN D 100 35.91 -28.55 16.35
C ASN D 100 34.45 -28.82 16.66
N LEU D 101 33.53 -28.29 15.85
CA LEU D 101 32.11 -28.54 16.08
C LEU D 101 31.77 -30.00 15.84
N ILE D 102 32.23 -30.56 14.72
CA ILE D 102 31.93 -31.96 14.40
C ILE D 102 32.56 -32.89 15.42
N ASP D 103 33.81 -32.61 15.81
CA ASP D 103 34.50 -33.46 16.78
C ASP D 103 33.77 -33.49 18.11
N GLU D 104 33.25 -32.34 18.56
CA GLU D 104 32.51 -32.28 19.82
C GLU D 104 31.26 -33.15 19.78
N LEU D 105 30.58 -33.19 18.63
CA LEU D 105 29.38 -34.01 18.51
C LEU D 105 29.72 -35.49 18.68
N ILE D 106 30.73 -35.95 17.96
CA ILE D 106 31.16 -37.35 18.06
C ILE D 106 31.68 -37.66 19.46
N LYS D 107 32.40 -36.71 20.06
CA LYS D 107 32.91 -36.88 21.41
C LYS D 107 31.76 -37.09 22.40
N ASN D 108 30.57 -36.55 22.10
CA ASN D 108 29.40 -36.68 22.96
C ASN D 108 28.33 -37.58 22.36
N ASP D 109 28.71 -38.48 21.46
CA ASP D 109 27.81 -39.49 20.90
C ASP D 109 26.62 -38.88 20.18
N ILE D 110 26.86 -37.83 19.41
CA ILE D 110 25.83 -37.19 18.59
C ILE D 110 26.23 -37.33 17.13
N VAL D 111 25.29 -37.82 16.33
CA VAL D 111 25.53 -38.07 14.90
C VAL D 111 25.24 -36.80 14.13
N PRO D 112 26.20 -36.25 13.40
CA PRO D 112 25.95 -35.02 12.64
C PRO D 112 25.15 -35.27 11.37
N TYR D 113 24.19 -34.38 11.11
CA TYR D 113 23.47 -34.31 9.84
C TYR D 113 23.70 -32.92 9.27
N VAL D 114 24.35 -32.86 8.12
CA VAL D 114 24.89 -31.61 7.58
C VAL D 114 24.02 -31.11 6.44
N THR D 115 23.63 -29.84 6.51
CA THR D 115 23.00 -29.13 5.40
C THR D 115 24.04 -28.20 4.78
N LEU D 116 24.31 -28.38 3.48
CA LEU D 116 25.37 -27.60 2.84
C LEU D 116 24.96 -26.14 2.64
N PHE D 117 23.74 -25.90 2.19
CA PHE D 117 23.30 -24.54 1.87
C PHE D 117 21.99 -24.26 2.59
N HIS D 118 22.04 -23.37 3.59
CA HIS D 118 20.84 -22.93 4.28
C HIS D 118 20.66 -21.42 4.11
N TRP D 119 20.66 -20.98 2.86
CA TRP D 119 20.23 -19.64 2.41
C TRP D 119 21.35 -18.60 2.47
N ASP D 120 22.39 -18.84 3.28
CA ASP D 120 23.46 -17.85 3.44
C ASP D 120 24.46 -17.96 2.29
N LEU D 121 24.01 -17.50 1.13
CA LEU D 121 24.85 -17.50 -0.06
C LEU D 121 25.95 -16.45 0.06
N PRO D 122 27.21 -16.79 -0.20
CA PRO D 122 28.29 -15.79 -0.12
C PRO D 122 28.01 -14.58 -1.00
N LEU D 123 28.19 -13.39 -0.42
CA LEU D 123 27.82 -12.15 -1.11
C LEU D 123 28.63 -11.94 -2.39
N GLU D 124 29.88 -12.42 -2.43
CA GLU D 124 30.68 -12.28 -3.64
C GLU D 124 30.03 -13.00 -4.81
N LEU D 125 29.41 -14.15 -4.55
CA LEU D 125 28.74 -14.88 -5.62
C LEU D 125 27.39 -14.26 -5.96
N ALA D 126 26.72 -13.66 -4.97
CA ALA D 126 25.48 -12.95 -5.25
C ALA D 126 25.72 -11.75 -6.15
N GLU D 127 26.79 -11.00 -5.89
CA GLU D 127 27.14 -9.88 -6.75
C GLU D 127 27.60 -10.32 -8.13
N LYS D 128 27.81 -11.63 -8.33
CA LYS D 128 28.05 -12.18 -9.65
C LYS D 128 26.81 -12.84 -10.24
N GLY D 129 25.63 -12.48 -9.74
CA GLY D 129 24.38 -12.97 -10.26
C GLY D 129 23.74 -14.08 -9.47
N GLY D 130 24.46 -14.70 -8.55
CA GLY D 130 23.88 -15.78 -7.77
C GLY D 130 23.51 -16.95 -8.66
N TRP D 131 22.32 -17.51 -8.40
CA TRP D 131 21.86 -18.66 -9.18
C TRP D 131 21.43 -18.28 -10.58
N LEU D 132 21.40 -16.98 -10.90
CA LEU D 132 21.22 -16.56 -12.30
C LEU D 132 22.46 -16.87 -13.13
N ASN D 133 23.62 -16.93 -12.49
CA ASN D 133 24.87 -17.21 -13.19
C ASN D 133 25.01 -18.73 -13.38
N ASP D 134 25.18 -19.16 -14.64
CA ASP D 134 25.35 -20.58 -14.91
C ASP D 134 26.55 -21.17 -14.18
N ASP D 135 27.52 -20.34 -13.79
CA ASP D 135 28.67 -20.79 -13.02
C ASP D 135 28.32 -21.18 -11.60
N SER D 136 27.10 -20.88 -11.13
CA SER D 136 26.71 -21.26 -9.78
C SER D 136 26.71 -22.76 -9.61
N VAL D 137 26.49 -23.51 -10.70
CA VAL D 137 26.62 -24.95 -10.64
C VAL D 137 28.04 -25.34 -10.28
N GLU D 138 29.02 -24.61 -10.82
CA GLU D 138 30.41 -24.90 -10.52
C GLU D 138 30.80 -24.39 -9.13
N TRP D 139 30.34 -23.19 -8.76
CA TRP D 139 30.62 -22.65 -7.43
C TRP D 139 30.18 -23.61 -6.34
N PHE D 140 28.98 -24.16 -6.48
CA PHE D 140 28.47 -25.07 -5.46
C PHE D 140 29.15 -26.44 -5.52
N LYS D 141 29.55 -26.88 -6.72
CA LYS D 141 30.26 -28.14 -6.84
C LYS D 141 31.59 -28.10 -6.11
N ASP D 142 32.38 -27.05 -6.35
CA ASP D 142 33.66 -26.90 -5.66
C ASP D 142 33.45 -26.80 -4.16
N TYR D 143 32.37 -26.12 -3.75
CA TYR D 143 32.02 -26.03 -2.34
C TYR D 143 31.74 -27.42 -1.76
N ALA D 144 30.92 -28.20 -2.46
CA ALA D 144 30.62 -29.55 -2.00
C ALA D 144 31.86 -30.45 -2.02
N GLU D 145 32.71 -30.32 -3.03
CA GLU D 145 33.89 -31.17 -3.12
C GLU D 145 34.83 -30.96 -1.95
N PHE D 146 35.09 -29.70 -1.58
CA PHE D 146 35.99 -29.43 -0.47
C PHE D 146 35.44 -30.01 0.83
N PHE D 147 34.14 -29.83 1.09
CA PHE D 147 33.56 -30.33 2.33
C PHE D 147 33.73 -31.85 2.43
N GLY D 148 33.59 -32.56 1.31
CA GLY D 148 33.78 -34.00 1.32
C GLY D 148 35.21 -34.40 1.59
N LYS D 149 36.17 -33.70 0.97
CA LYS D 149 37.57 -34.00 1.21
C LYS D 149 37.98 -33.65 2.63
N GLU D 150 37.41 -32.57 3.18
CA GLU D 150 37.84 -32.11 4.49
C GLU D 150 37.13 -32.85 5.62
N TYR D 151 35.88 -33.22 5.43
CA TYR D 151 35.07 -33.80 6.50
C TYR D 151 34.43 -35.13 6.15
N GLY D 152 34.57 -35.61 4.92
CA GLY D 152 33.84 -36.79 4.49
C GLY D 152 34.13 -38.04 5.29
N HIS D 153 35.33 -38.13 5.89
CA HIS D 153 35.70 -39.32 6.64
C HIS D 153 34.96 -39.42 7.97
N LYS D 154 34.22 -38.39 8.38
CA LYS D 154 33.46 -38.47 9.63
C LYS D 154 32.06 -37.87 9.51
N ILE D 155 31.49 -37.82 8.30
CA ILE D 155 30.13 -37.38 8.08
C ILE D 155 29.41 -38.40 7.20
N LYS D 156 28.38 -39.06 7.75
CA LYS D 156 27.59 -40.05 7.02
C LYS D 156 26.36 -39.47 6.37
N TYR D 157 25.97 -38.24 6.69
CA TYR D 157 24.74 -37.67 6.14
C TYR D 157 24.98 -36.22 5.75
N ILE D 158 24.68 -35.89 4.49
CA ILE D 158 24.78 -34.54 3.96
C ILE D 158 23.57 -34.29 3.08
N MET D 159 22.88 -33.18 3.31
CA MET D 159 21.83 -32.71 2.41
C MET D 159 22.24 -31.40 1.77
N THR D 160 21.92 -31.23 0.50
CA THR D 160 22.38 -30.09 -0.27
C THR D 160 21.63 -28.82 0.08
N PHE D 161 20.39 -28.68 -0.39
CA PHE D 161 19.64 -27.44 -0.29
C PHE D 161 18.50 -27.60 0.71
N ASN D 162 18.46 -26.74 1.71
CA ASN D 162 17.32 -26.64 2.61
C ASN D 162 16.30 -25.67 2.02
N GLU D 163 15.10 -26.16 1.75
CA GLU D 163 13.96 -25.36 1.32
C GLU D 163 14.29 -24.46 0.14
N PRO D 164 14.51 -25.01 -1.06
CA PRO D 164 14.71 -24.14 -2.23
C PRO D 164 13.50 -23.30 -2.58
N GLN D 165 12.30 -23.67 -2.12
CA GLN D 165 11.12 -22.83 -2.31
C GLN D 165 11.30 -21.45 -1.70
N CYS D 166 12.03 -21.36 -0.58
CA CYS D 166 12.28 -20.07 0.04
C CYS D 166 13.39 -19.31 -0.66
N THR D 167 14.52 -19.98 -0.92
CA THR D 167 15.64 -19.34 -1.59
C THR D 167 15.22 -18.76 -2.94
N ILE D 168 14.47 -19.54 -3.73
CA ILE D 168 14.09 -19.12 -5.07
C ILE D 168 12.79 -18.31 -5.04
N GLY D 169 11.75 -18.85 -4.44
CA GLY D 169 10.46 -18.20 -4.43
C GLY D 169 10.40 -16.93 -3.61
N LEU D 170 10.72 -17.03 -2.32
CA LEU D 170 10.71 -15.85 -1.47
C LEU D 170 11.88 -14.93 -1.76
N GLY D 171 13.00 -15.48 -2.23
CA GLY D 171 14.18 -14.70 -2.47
C GLY D 171 14.19 -13.95 -3.78
N LEU D 172 13.71 -14.58 -4.85
CA LEU D 172 13.83 -14.02 -6.19
C LEU D 172 12.50 -13.84 -6.91
N GLN D 173 11.42 -14.50 -6.47
CA GLN D 173 10.13 -14.36 -7.13
C GLN D 173 9.13 -13.54 -6.33
N GLN D 174 9.17 -13.60 -5.01
CA GLN D 174 8.20 -12.89 -4.18
C GLN D 174 8.80 -11.75 -3.37
N GLY D 175 10.13 -11.61 -3.34
CA GLY D 175 10.74 -10.50 -2.65
C GLY D 175 10.53 -10.50 -1.15
N ILE D 176 10.41 -11.68 -0.55
CA ILE D 176 10.14 -11.81 0.87
C ILE D 176 11.39 -12.22 1.64
N HIS D 177 12.26 -13.03 1.05
CA HIS D 177 13.54 -13.40 1.64
C HIS D 177 14.68 -12.75 0.86
N ALA D 178 15.87 -12.83 1.43
CA ALA D 178 17.05 -12.24 0.80
C ALA D 178 17.25 -12.81 -0.60
N PRO D 179 17.66 -11.99 -1.58
CA PRO D 179 17.98 -10.56 -1.46
C PRO D 179 16.74 -9.66 -1.46
N GLY D 180 15.53 -10.21 -1.51
CA GLY D 180 14.33 -9.40 -1.44
C GLY D 180 13.82 -8.87 -2.76
N VAL D 181 14.01 -9.61 -3.84
CA VAL D 181 13.72 -9.10 -5.18
C VAL D 181 12.58 -9.89 -5.81
N LYS D 182 11.96 -9.28 -6.81
CA LYS D 182 10.85 -9.88 -7.54
C LYS D 182 11.22 -9.86 -9.03
N LEU D 183 11.80 -10.96 -9.51
CA LEU D 183 12.35 -11.02 -10.85
C LEU D 183 11.36 -11.66 -11.83
N SER D 184 11.76 -11.71 -13.09
CA SER D 184 10.91 -12.23 -14.15
C SER D 184 10.82 -13.74 -14.09
N PRO D 185 9.78 -14.33 -14.71
CA PRO D 185 9.70 -15.79 -14.78
C PRO D 185 10.91 -16.44 -15.42
N LYS D 186 11.52 -15.79 -16.41
CA LYS D 186 12.74 -16.32 -17.00
C LYS D 186 13.86 -16.39 -15.98
N ALA D 187 14.06 -15.31 -15.22
CA ALA D 187 15.09 -15.29 -14.20
C ALA D 187 14.85 -16.35 -13.13
N VAL D 188 13.60 -16.49 -12.67
CA VAL D 188 13.29 -17.42 -11.60
C VAL D 188 13.50 -18.86 -12.05
N LEU D 189 13.07 -19.20 -13.27
CA LEU D 189 13.23 -20.56 -13.75
C LEU D 189 14.68 -20.87 -14.10
N LYS D 190 15.44 -19.86 -14.54
CA LYS D 190 16.88 -20.08 -14.71
C LYS D 190 17.56 -20.32 -13.36
N SER D 191 17.15 -19.57 -12.34
CA SER D 191 17.67 -19.82 -10.99
C SER D 191 17.26 -21.18 -10.48
N THR D 192 16.00 -21.58 -10.72
CA THR D 192 15.54 -22.90 -10.34
C THR D 192 16.34 -23.99 -11.06
N HIS D 193 16.60 -23.79 -12.36
CA HIS D 193 17.33 -24.79 -13.13
C HIS D 193 18.79 -24.89 -12.68
N ASN D 194 19.44 -23.76 -12.42
CA ASN D 194 20.83 -23.79 -12.00
C ASN D 194 20.99 -24.37 -10.61
N LEU D 195 20.01 -24.13 -9.72
CA LEU D 195 20.06 -24.75 -8.40
C LEU D 195 19.98 -26.26 -8.48
N LEU D 196 19.06 -26.77 -9.32
CA LEU D 196 18.96 -28.22 -9.50
C LEU D 196 20.25 -28.80 -10.06
N LYS D 197 20.84 -28.13 -11.07
CA LYS D 197 22.13 -28.56 -11.60
C LYS D 197 23.21 -28.51 -10.54
N ALA D 198 23.23 -27.44 -9.73
CA ALA D 198 24.19 -27.36 -8.64
C ALA D 198 23.99 -28.50 -7.64
N HIS D 199 22.74 -28.84 -7.36
CA HIS D 199 22.45 -29.98 -6.50
C HIS D 199 23.04 -31.26 -7.06
N GLY D 200 22.78 -31.55 -8.34
CA GLY D 200 23.29 -32.77 -8.94
C GLY D 200 24.81 -32.79 -9.00
N ALA D 201 25.41 -31.69 -9.45
CA ALA D 201 26.87 -31.61 -9.50
C ALA D 201 27.47 -31.80 -8.11
N ALA D 202 26.80 -31.32 -7.07
CA ALA D 202 27.28 -31.55 -5.71
C ALA D 202 27.19 -33.02 -5.33
N VAL D 203 26.11 -33.69 -5.72
CA VAL D 203 25.95 -35.11 -5.41
C VAL D 203 26.99 -35.95 -6.13
N LYS D 204 27.19 -35.68 -7.43
CA LYS D 204 28.10 -36.50 -8.22
C LYS D 204 29.54 -36.38 -7.72
N VAL D 205 29.97 -35.18 -7.33
CA VAL D 205 31.34 -35.03 -6.85
C VAL D 205 31.48 -35.62 -5.45
N LEU D 206 30.41 -35.61 -4.66
CA LEU D 206 30.49 -36.21 -3.33
C LEU D 206 30.58 -37.72 -3.41
N ARG D 207 30.07 -38.32 -4.50
CA ARG D 207 30.25 -39.75 -4.71
C ARG D 207 31.72 -40.10 -4.95
N LYS D 208 32.54 -39.11 -5.32
CA LYS D 208 33.94 -39.32 -5.65
C LYS D 208 34.85 -39.08 -4.45
N VAL D 209 34.59 -38.02 -3.67
CA VAL D 209 35.45 -37.66 -2.55
C VAL D 209 34.88 -38.06 -1.20
N ALA D 210 33.63 -38.51 -1.13
CA ALA D 210 33.04 -38.99 0.13
C ALA D 210 32.12 -40.16 -0.15
N PRO D 211 32.69 -41.32 -0.50
CA PRO D 211 31.86 -42.44 -0.96
C PRO D 211 31.06 -43.12 0.13
N ASN D 212 31.36 -42.89 1.41
CA ASN D 212 30.61 -43.46 2.52
C ASN D 212 29.63 -42.46 3.13
N THR D 213 29.25 -41.44 2.37
CA THR D 213 28.34 -40.40 2.86
C THR D 213 27.05 -40.49 2.07
N GLN D 214 25.95 -40.66 2.79
CA GLN D 214 24.63 -40.70 2.16
C GLN D 214 24.13 -39.29 1.90
N LEU D 215 23.58 -39.08 0.70
CA LEU D 215 23.26 -37.75 0.21
C LEU D 215 21.76 -37.59 0.00
N GLY D 216 21.28 -36.37 0.21
CA GLY D 216 19.87 -36.09 0.04
C GLY D 216 19.60 -34.61 -0.10
N ILE D 217 18.32 -34.26 -0.01
CA ILE D 217 17.87 -32.87 -0.10
C ILE D 217 16.55 -32.76 0.66
N ASN D 218 16.31 -31.59 1.25
CA ASN D 218 15.14 -31.37 2.09
C ASN D 218 14.38 -30.13 1.61
N PRO D 219 13.48 -30.29 0.64
CA PRO D 219 12.62 -29.15 0.26
C PRO D 219 11.52 -28.93 1.28
N THR D 220 10.57 -28.04 0.96
CA THR D 220 9.45 -27.77 1.84
C THR D 220 8.28 -27.28 0.99
N CYS D 221 7.10 -27.36 1.57
CA CYS D 221 5.84 -26.88 1.00
C CYS D 221 4.74 -27.13 2.01
N GLY D 222 3.68 -26.35 1.91
CA GLY D 222 2.45 -26.71 2.61
C GLY D 222 1.91 -28.02 2.09
N VAL D 223 1.38 -28.82 3.01
CA VAL D 223 0.89 -30.14 2.67
C VAL D 223 -0.59 -30.06 2.31
N ALA D 224 -0.92 -30.39 1.07
CA ALA D 224 -2.33 -30.46 0.66
C ALA D 224 -3.01 -31.59 1.42
N LEU D 225 -4.06 -31.25 2.16
CA LEU D 225 -4.74 -32.22 3.01
C LEU D 225 -6.08 -32.60 2.40
N PRO D 226 -6.39 -33.89 2.29
CA PRO D 226 -7.70 -34.28 1.76
C PRO D 226 -8.80 -34.04 2.76
N ILE D 227 -9.98 -33.66 2.25
CA ILE D 227 -11.13 -33.37 3.11
C ILE D 227 -11.66 -34.63 3.78
N SER D 228 -11.38 -35.80 3.22
CA SER D 228 -11.75 -37.06 3.84
C SER D 228 -10.72 -38.11 3.43
N GLU D 229 -10.93 -39.35 3.86
CA GLU D 229 -9.99 -40.42 3.59
C GLU D 229 -10.51 -41.41 2.55
N ASN D 230 -11.45 -41.00 1.70
CA ASN D 230 -11.87 -41.86 0.60
C ASN D 230 -11.04 -41.52 -0.64
N LYS D 231 -10.84 -42.54 -1.49
CA LYS D 231 -9.91 -42.44 -2.62
C LYS D 231 -10.14 -41.20 -3.49
N LYS D 232 -11.38 -40.70 -3.58
CA LYS D 232 -11.64 -39.54 -4.41
C LYS D 232 -11.10 -38.25 -3.80
N ASP D 233 -11.27 -38.07 -2.50
CA ASP D 233 -10.76 -36.85 -1.86
C ASP D 233 -9.25 -36.89 -1.65
N ILE D 234 -8.69 -38.08 -1.43
CA ILE D 234 -7.23 -38.20 -1.30
C ILE D 234 -6.54 -37.86 -2.61
N GLU D 235 -7.16 -38.16 -3.74
CA GLU D 235 -6.53 -37.92 -5.04
C GLU D 235 -6.51 -36.45 -5.41
N ILE D 236 -7.53 -35.69 -5.01
CA ILE D 236 -7.52 -34.24 -5.25
C ILE D 236 -6.34 -33.60 -4.51
N ALA D 237 -6.14 -33.99 -3.25
CA ALA D 237 -5.03 -33.43 -2.48
C ALA D 237 -3.69 -33.87 -3.04
N ARG D 238 -3.60 -35.10 -3.54
CA ARG D 238 -2.35 -35.57 -4.10
C ARG D 238 -1.98 -34.79 -5.37
N LYS D 239 -2.94 -34.54 -6.24
CA LYS D 239 -2.66 -33.78 -7.46
C LYS D 239 -2.26 -32.35 -7.13
N ARG D 240 -2.98 -31.70 -6.20
CA ARG D 240 -2.62 -30.36 -5.79
C ARG D 240 -1.23 -30.32 -5.17
N TYR D 241 -0.90 -31.34 -4.37
CA TYR D 241 0.39 -31.37 -3.68
C TYR D 241 1.55 -31.39 -4.66
N PHE D 242 1.37 -32.03 -5.81
CA PHE D 242 2.43 -32.12 -6.82
C PHE D 242 2.10 -31.30 -8.07
N ASP D 243 1.21 -30.33 -7.95
CA ASP D 243 0.80 -29.53 -9.10
C ASP D 243 1.85 -28.48 -9.42
N ILE D 244 1.79 -28.00 -10.67
CA ILE D 244 2.60 -26.88 -11.14
C ILE D 244 1.66 -25.70 -11.33
N LEU D 245 1.98 -24.58 -10.69
CA LEU D 245 1.03 -23.48 -10.58
C LEU D 245 1.20 -22.47 -11.71
N ASP D 246 0.15 -21.68 -11.92
CA ASP D 246 0.17 -20.63 -12.92
C ASP D 246 1.20 -19.55 -12.58
N LEU D 247 1.66 -18.84 -13.62
CA LEU D 247 2.68 -17.82 -13.45
C LEU D 247 2.20 -16.64 -12.62
N ASN D 248 0.89 -16.44 -12.49
CA ASN D 248 0.37 -15.35 -11.67
C ASN D 248 0.26 -15.72 -10.20
N ASP D 249 0.49 -16.99 -9.84
CA ASP D 249 0.54 -17.41 -8.45
C ASP D 249 1.97 -17.41 -7.95
N ALA D 250 2.15 -17.85 -6.70
CA ALA D 250 3.49 -18.08 -6.16
C ALA D 250 3.95 -19.47 -6.61
N TYR D 251 4.30 -19.55 -7.89
CA TYR D 251 4.49 -20.83 -8.56
C TYR D 251 5.74 -21.58 -8.12
N VAL D 252 6.68 -20.93 -7.43
CA VAL D 252 7.87 -21.64 -6.97
C VAL D 252 7.53 -22.60 -5.84
N TRP D 253 6.44 -22.34 -5.12
CA TRP D 253 5.99 -23.21 -4.02
C TRP D 253 5.30 -24.44 -4.60
N SER D 254 6.12 -25.29 -5.22
CA SER D 254 5.68 -26.54 -5.81
C SER D 254 6.64 -27.65 -5.41
N VAL D 255 6.08 -28.81 -5.07
CA VAL D 255 6.92 -29.95 -4.72
C VAL D 255 7.55 -30.55 -5.97
N SER D 256 6.76 -30.70 -7.04
CA SER D 256 7.23 -31.34 -8.25
C SER D 256 8.21 -30.49 -9.04
N LEU D 257 8.17 -29.16 -8.87
CA LEU D 257 9.07 -28.29 -9.60
C LEU D 257 10.53 -28.65 -9.34
N PHE D 258 10.85 -29.05 -8.11
CA PHE D 258 12.21 -29.39 -7.73
C PHE D 258 12.46 -30.88 -7.65
N LEU D 259 11.51 -31.66 -7.14
CA LEU D 259 11.77 -33.06 -6.83
C LEU D 259 11.48 -34.00 -7.99
N ASP D 260 10.56 -33.63 -8.90
CA ASP D 260 10.39 -34.46 -10.10
C ASP D 260 11.64 -34.47 -10.97
N PRO D 261 12.31 -33.35 -11.26
CA PRO D 261 13.59 -33.45 -11.96
C PRO D 261 14.63 -34.25 -11.19
N ILE D 262 14.66 -34.13 -9.86
CA ILE D 262 15.70 -34.78 -9.07
C ILE D 262 15.48 -36.28 -9.03
N VAL D 263 14.24 -36.71 -8.76
CA VAL D 263 13.95 -38.12 -8.53
C VAL D 263 13.41 -38.80 -9.78
N LEU D 264 12.56 -38.12 -10.55
CA LEU D 264 11.95 -38.72 -11.73
C LEU D 264 12.69 -38.41 -13.02
N GLY D 265 13.67 -37.52 -13.00
CA GLY D 265 14.53 -37.29 -14.14
C GLY D 265 14.12 -36.19 -15.08
N ASP D 266 12.99 -35.53 -14.85
CA ASP D 266 12.56 -34.44 -15.72
C ASP D 266 11.51 -33.61 -15.00
N TYR D 267 11.40 -32.35 -15.42
CA TYR D 267 10.28 -31.52 -14.97
C TYR D 267 8.96 -32.18 -15.36
N PRO D 268 7.88 -31.90 -14.64
CA PRO D 268 6.56 -32.41 -15.06
C PRO D 268 6.18 -31.89 -16.43
N THR D 269 5.26 -32.62 -17.08
CA THR D 269 4.79 -32.20 -18.39
C THR D 269 4.19 -30.80 -18.34
N LYS D 270 3.46 -30.50 -17.26
CA LYS D 270 2.84 -29.19 -17.10
C LYS D 270 3.87 -28.07 -17.07
N TYR D 271 5.09 -28.35 -16.60
CA TYR D 271 6.13 -27.34 -16.55
C TYR D 271 6.45 -26.82 -17.94
N TYR D 272 6.62 -27.72 -18.91
CA TYR D 272 6.99 -27.30 -20.26
C TYR D 272 5.83 -26.62 -20.96
N GLU D 273 4.59 -26.92 -20.56
CA GLU D 273 3.43 -26.32 -21.21
C GLU D 273 3.15 -24.92 -20.68
N LEU D 274 3.04 -24.77 -19.36
CA LEU D 274 2.63 -23.49 -18.81
C LEU D 274 3.73 -22.43 -18.95
N TYR D 275 4.99 -22.82 -18.78
CA TYR D 275 6.09 -21.87 -18.77
C TYR D 275 6.84 -21.82 -20.09
N LYS D 276 6.21 -22.29 -21.18
CA LYS D 276 6.90 -22.45 -22.46
C LYS D 276 7.62 -21.18 -22.89
N GLU D 277 7.00 -20.03 -22.63
CA GLU D 277 7.55 -18.76 -23.08
C GLU D 277 8.70 -18.28 -22.21
N HIS D 278 8.97 -18.94 -21.08
CA HIS D 278 10.02 -18.51 -20.16
C HIS D 278 11.01 -19.62 -19.81
N LEU D 279 11.03 -20.73 -20.53
CA LEU D 279 11.92 -21.84 -20.15
C LEU D 279 13.38 -21.43 -20.27
N PRO D 280 14.23 -21.93 -19.37
CA PRO D 280 15.68 -21.80 -19.53
C PRO D 280 16.21 -22.95 -20.39
N LYS D 281 17.49 -22.84 -20.74
CA LYS D 281 18.15 -23.88 -21.52
C LYS D 281 18.18 -25.20 -20.75
N ILE D 282 17.49 -26.21 -21.28
CA ILE D 282 17.35 -27.52 -20.65
C ILE D 282 17.83 -28.58 -21.63
N THR D 283 18.97 -29.18 -21.33
CA THR D 283 19.53 -30.29 -22.10
C THR D 283 19.26 -31.62 -21.40
N GLN D 284 19.44 -32.72 -22.15
CA GLN D 284 19.36 -34.04 -21.53
C GLN D 284 20.47 -34.26 -20.52
N GLU D 285 21.62 -33.62 -20.71
CA GLU D 285 22.67 -33.66 -19.71
C GLU D 285 22.27 -32.91 -18.45
N ASP D 286 21.52 -31.81 -18.59
CA ASP D 286 20.96 -31.14 -17.42
C ASP D 286 20.10 -32.09 -16.61
N LEU D 287 19.11 -32.72 -17.26
CA LEU D 287 18.24 -33.65 -16.55
C LEU D 287 19.03 -34.83 -16.02
N LYS D 288 20.04 -35.28 -16.78
CA LYS D 288 20.88 -36.39 -16.32
C LYS D 288 21.73 -35.99 -15.12
N LEU D 289 22.30 -34.78 -15.14
CA LEU D 289 23.08 -34.30 -14.01
C LEU D 289 22.20 -34.06 -12.78
N ILE D 290 21.00 -33.51 -12.98
CA ILE D 290 20.13 -33.19 -11.86
C ILE D 290 19.64 -34.48 -11.19
N SER D 291 19.36 -35.50 -11.97
CA SER D 291 18.72 -36.72 -11.48
C SER D 291 19.72 -37.75 -10.95
N GLN D 292 20.72 -37.32 -10.18
CA GLN D 292 21.60 -38.28 -9.54
C GLN D 292 20.82 -39.12 -8.53
N PRO D 293 21.11 -40.42 -8.41
CA PRO D 293 20.43 -41.22 -7.39
C PRO D 293 20.76 -40.71 -5.99
N LEU D 294 19.73 -40.60 -5.15
CA LEU D 294 19.88 -40.15 -3.79
C LEU D 294 19.73 -41.32 -2.83
N ASP D 295 20.29 -41.15 -1.63
CA ASP D 295 20.18 -42.15 -0.58
C ASP D 295 18.99 -41.91 0.33
N PHE D 296 18.52 -40.67 0.45
CA PHE D 296 17.35 -40.37 1.25
C PHE D 296 16.68 -39.11 0.70
N LEU D 297 15.39 -38.97 1.01
CA LEU D 297 14.61 -37.78 0.70
C LEU D 297 14.05 -37.20 1.98
N ALA D 298 14.09 -35.88 2.10
CA ALA D 298 13.65 -35.23 3.32
C ALA D 298 12.65 -34.13 2.99
N GLN D 299 12.05 -33.56 4.04
CA GLN D 299 11.03 -32.53 3.86
C GLN D 299 10.84 -31.79 5.17
N ASN D 300 10.74 -30.47 5.08
CA ASN D 300 10.36 -29.63 6.20
C ASN D 300 8.87 -29.38 6.13
N ILE D 301 8.14 -29.81 7.16
CA ILE D 301 6.69 -29.74 7.19
C ILE D 301 6.26 -29.10 8.50
N TYR D 302 5.50 -28.02 8.41
CA TYR D 302 5.00 -27.30 9.58
C TYR D 302 3.48 -27.30 9.66
N ASN D 303 2.79 -27.18 8.54
CA ASN D 303 1.33 -27.14 8.52
C ASN D 303 0.85 -27.57 7.13
N GLY D 304 -0.47 -27.65 6.99
CA GLY D 304 -1.08 -28.05 5.74
C GLY D 304 -2.42 -27.38 5.58
N TYR D 305 -3.01 -27.57 4.40
CA TYR D 305 -4.28 -26.93 4.05
C TYR D 305 -5.22 -27.95 3.42
N ARG D 306 -6.49 -27.88 3.80
CA ARG D 306 -7.51 -28.70 3.16
C ARG D 306 -7.80 -28.17 1.76
N VAL D 307 -8.00 -29.08 0.81
CA VAL D 307 -8.20 -28.72 -0.58
C VAL D 307 -9.25 -29.65 -1.19
N SER D 308 -10.08 -29.10 -2.08
CA SER D 308 -11.09 -29.87 -2.78
C SER D 308 -11.30 -29.24 -4.15
N GLU D 309 -12.35 -29.67 -4.84
CA GLU D 309 -12.67 -29.14 -6.16
C GLU D 309 -14.17 -28.93 -6.30
N ASP D 310 -14.54 -28.01 -7.18
CA ASP D 310 -15.93 -27.76 -7.50
C ASP D 310 -16.33 -28.54 -8.75
N GLU D 311 -17.49 -28.19 -9.32
CA GLU D 311 -17.98 -28.90 -10.50
C GLU D 311 -17.06 -28.69 -11.70
N ASN D 312 -16.54 -27.47 -11.86
CA ASN D 312 -15.75 -27.10 -13.01
C ASN D 312 -14.31 -27.61 -12.95
N GLY D 313 -13.93 -28.33 -11.91
CA GLY D 313 -12.57 -28.80 -11.79
C GLY D 313 -11.59 -27.80 -11.24
N ASN D 314 -12.08 -26.68 -10.70
CA ASN D 314 -11.20 -25.70 -10.07
C ASN D 314 -10.99 -26.04 -8.60
N TYR D 315 -9.82 -25.68 -8.09
CA TYR D 315 -9.51 -25.96 -6.69
C TYR D 315 -10.38 -25.13 -5.76
N VAL D 316 -10.85 -25.77 -4.69
CA VAL D 316 -11.60 -25.10 -3.63
C VAL D 316 -10.80 -25.23 -2.34
N TYR D 317 -10.68 -24.13 -1.61
CA TYR D 317 -9.93 -24.09 -0.35
C TYR D 317 -10.89 -23.74 0.77
N PRO D 318 -11.35 -24.72 1.54
CA PRO D 318 -12.33 -24.42 2.59
C PRO D 318 -11.74 -23.55 3.69
N LYS D 319 -12.61 -22.77 4.32
CA LYS D 319 -12.19 -21.91 5.41
C LYS D 319 -11.72 -22.74 6.60
N ARG D 320 -10.89 -22.13 7.43
CA ARG D 320 -10.51 -22.74 8.70
C ARG D 320 -11.53 -22.35 9.75
N LYS D 321 -11.88 -23.30 10.61
CA LYS D 321 -12.88 -23.05 11.64
C LYS D 321 -12.46 -21.88 12.51
N ALA D 322 -13.43 -21.08 12.94
CA ALA D 322 -13.15 -19.91 13.75
C ALA D 322 -12.46 -20.31 15.04
N GLY D 323 -11.38 -19.61 15.37
CA GLY D 323 -10.62 -19.91 16.56
C GLY D 323 -9.70 -21.10 16.44
N TYR D 324 -9.31 -21.47 15.22
CA TYR D 324 -8.54 -22.69 15.03
C TYR D 324 -7.20 -22.60 15.74
N ASP D 325 -6.69 -23.76 16.15
CA ASP D 325 -5.40 -23.84 16.82
C ASP D 325 -4.31 -23.22 15.95
N HIS D 326 -3.52 -22.32 16.52
CA HIS D 326 -2.50 -21.62 15.77
C HIS D 326 -1.25 -21.43 16.64
N THR D 327 -0.17 -21.00 15.98
CA THR D 327 1.12 -20.76 16.60
C THR D 327 1.36 -19.25 16.73
N ASP D 328 2.53 -18.90 17.28
CA ASP D 328 2.90 -17.50 17.41
C ASP D 328 3.26 -16.86 16.08
N MET D 329 3.41 -17.66 15.02
CA MET D 329 3.56 -17.15 13.66
C MET D 329 2.22 -16.86 13.00
N GLY D 330 1.12 -17.17 13.67
CA GLY D 330 -0.19 -17.20 13.04
C GLY D 330 -0.45 -18.43 12.19
N TRP D 331 0.49 -19.36 12.14
CA TRP D 331 0.32 -20.57 11.34
C TRP D 331 -0.69 -21.51 11.99
N PRO D 332 -1.47 -22.23 11.18
CA PRO D 332 -2.38 -23.22 11.76
C PRO D 332 -1.62 -24.44 12.25
N ILE D 333 -2.22 -25.13 13.21
CA ILE D 333 -1.68 -26.38 13.75
C ILE D 333 -2.46 -27.51 13.09
N THR D 334 -1.84 -28.18 12.13
CA THR D 334 -2.46 -29.27 11.38
C THR D 334 -1.54 -30.48 11.43
N PRO D 335 -1.69 -31.33 12.46
CA PRO D 335 -0.77 -32.46 12.60
C PRO D 335 -0.88 -33.49 11.47
N SER D 336 -2.03 -33.61 10.82
CA SER D 336 -2.18 -34.58 9.74
C SER D 336 -1.21 -34.32 8.59
N ALA D 337 -0.62 -33.13 8.52
CA ALA D 337 0.37 -32.84 7.49
C ALA D 337 1.60 -33.74 7.65
N LEU D 338 1.86 -34.21 8.87
CA LEU D 338 2.97 -35.13 9.10
C LEU D 338 2.63 -36.57 8.75
N TYR D 339 1.41 -36.83 8.29
CA TYR D 339 1.04 -38.10 7.69
C TYR D 339 0.90 -37.99 6.18
N TRP D 340 0.05 -37.08 5.71
CA TRP D 340 -0.21 -36.97 4.28
C TRP D 340 1.04 -36.51 3.53
N GLY D 341 1.82 -35.61 4.12
CA GLY D 341 3.05 -35.16 3.53
C GLY D 341 4.00 -36.30 3.24
N PRO D 342 4.44 -37.00 4.29
CA PRO D 342 5.33 -38.15 4.07
C PRO D 342 4.70 -39.24 3.22
N ARG D 343 3.38 -39.46 3.31
CA ARG D 343 2.74 -40.48 2.50
C ARG D 343 2.80 -40.12 1.02
N PHE D 344 2.42 -38.88 0.68
CA PHE D 344 2.46 -38.46 -0.73
C PHE D 344 3.87 -38.50 -1.28
N ILE D 345 4.85 -38.02 -0.51
CA ILE D 345 6.23 -37.98 -0.98
C ILE D 345 6.78 -39.39 -1.17
N CYS D 346 6.53 -40.28 -0.21
CA CYS D 346 7.04 -41.64 -0.32
C CYS D 346 6.42 -42.38 -1.50
N GLU D 347 5.10 -42.27 -1.69
CA GLU D 347 4.44 -42.99 -2.76
C GLU D 347 4.97 -42.56 -4.13
N ARG D 348 5.30 -41.29 -4.29
CA ARG D 348 5.76 -40.78 -5.57
C ARG D 348 7.25 -40.97 -5.80
N TYR D 349 8.05 -40.98 -4.74
CA TYR D 349 9.50 -40.95 -4.88
C TYR D 349 10.23 -42.18 -4.35
N ASN D 350 9.66 -42.93 -3.42
CA ASN D 350 10.18 -44.24 -3.00
C ASN D 350 11.64 -44.15 -2.51
N LEU D 351 11.89 -43.23 -1.60
CA LEU D 351 13.20 -43.11 -0.97
C LEU D 351 13.04 -43.11 0.54
N PRO D 352 14.06 -43.54 1.27
CA PRO D 352 14.03 -43.40 2.74
C PRO D 352 13.81 -41.94 3.12
N PHE D 353 12.92 -41.73 4.09
CA PHE D 353 12.37 -40.40 4.35
C PHE D 353 12.72 -39.92 5.75
N TYR D 354 13.22 -38.69 5.83
CA TYR D 354 13.46 -37.99 7.09
C TYR D 354 12.59 -36.74 7.12
N ILE D 355 12.10 -36.39 8.31
CA ILE D 355 11.56 -35.07 8.56
C ILE D 355 12.69 -34.21 9.13
N THR D 356 13.15 -33.24 8.33
CA THR D 356 14.30 -32.42 8.72
C THR D 356 13.92 -31.18 9.52
N GLU D 357 12.67 -30.74 9.46
CA GLU D 357 12.23 -29.61 10.28
C GLU D 357 10.75 -29.77 10.62
N ASN D 358 10.44 -29.58 11.91
CA ASN D 358 9.06 -29.48 12.36
C ASN D 358 9.07 -28.83 13.73
N GLY D 359 8.11 -27.94 13.95
CA GLY D 359 8.06 -27.19 15.19
C GLY D 359 7.12 -26.01 15.03
N LEU D 360 7.21 -25.10 15.99
CA LEU D 360 6.32 -23.94 16.00
C LEU D 360 6.96 -22.84 16.83
N ALA D 361 6.53 -21.61 16.57
CA ALA D 361 6.91 -20.48 17.40
C ALA D 361 5.91 -20.33 18.54
N CYS D 362 6.46 -20.07 19.73
CA CYS D 362 5.65 -19.83 20.92
C CYS D 362 6.12 -18.55 21.59
N HIS D 363 5.16 -17.75 22.07
CA HIS D 363 5.50 -16.56 22.85
C HIS D 363 5.99 -17.00 24.23
N ASP D 364 7.17 -17.62 24.28
CA ASP D 364 7.72 -18.14 25.51
C ASP D 364 8.34 -17.03 26.34
N VAL D 365 8.24 -17.17 27.66
CA VAL D 365 8.85 -16.24 28.60
C VAL D 365 9.51 -17.05 29.72
N VAL D 366 10.49 -16.44 30.36
CA VAL D 366 11.05 -16.98 31.58
C VAL D 366 10.13 -16.55 32.72
N SER D 367 9.38 -17.51 33.27
CA SER D 367 8.39 -17.18 34.29
C SER D 367 9.07 -16.90 35.62
N LEU D 368 8.26 -16.56 36.63
CA LEU D 368 8.80 -16.17 37.93
C LEU D 368 9.59 -17.30 38.58
N ASP D 369 9.28 -18.55 38.24
CA ASP D 369 10.02 -19.69 38.77
C ASP D 369 11.30 -19.96 38.00
N ASN D 370 11.73 -19.00 37.18
CA ASN D 370 12.95 -19.09 36.38
C ASN D 370 12.96 -20.29 35.43
N LYS D 371 11.79 -20.82 35.11
CA LYS D 371 11.64 -21.88 34.12
C LYS D 371 10.90 -21.36 32.89
N VAL D 372 10.88 -22.18 31.85
CA VAL D 372 10.21 -21.85 30.60
C VAL D 372 9.18 -22.95 30.34
N HIS D 373 7.91 -22.63 30.57
CA HIS D 373 6.82 -23.59 30.38
C HIS D 373 6.21 -23.39 29.00
N ASP D 374 6.32 -24.42 28.15
CA ASP D 374 5.79 -24.38 26.79
C ASP D 374 4.96 -25.64 26.50
N PRO D 375 3.85 -25.84 27.23
CA PRO D 375 3.02 -27.03 26.97
C PRO D 375 2.42 -27.04 25.57
N ASN D 376 2.18 -25.87 24.97
CA ASN D 376 1.67 -25.83 23.60
C ASN D 376 2.62 -26.51 22.62
N ARG D 377 3.92 -26.37 22.85
CA ARG D 377 4.89 -27.06 22.00
C ARG D 377 4.82 -28.57 22.21
N ILE D 378 4.70 -29.00 23.48
CA ILE D 378 4.54 -30.42 23.77
C ILE D 378 3.31 -30.98 23.07
N ASP D 379 2.20 -30.25 23.13
CA ASP D 379 0.97 -30.72 22.50
C ASP D 379 1.12 -30.70 20.98
N PHE D 380 1.70 -29.63 20.44
CA PHE D 380 1.98 -29.56 19.00
C PHE D 380 2.82 -30.76 18.57
N LEU D 381 3.94 -30.99 19.25
CA LEU D 381 4.84 -32.08 18.85
C LEU D 381 4.17 -33.43 19.04
N ASN D 382 3.49 -33.63 20.18
CA ASN D 382 2.84 -34.92 20.43
C ASN D 382 1.80 -35.23 19.37
N LYS D 383 0.98 -34.24 18.99
CA LYS D 383 -0.04 -34.48 17.98
C LYS D 383 0.60 -34.71 16.61
N TYR D 384 1.69 -33.99 16.31
CA TYR D 384 2.35 -34.17 15.03
C TYR D 384 3.09 -35.50 14.95
N LEU D 385 3.71 -35.93 16.06
CA LEU D 385 4.44 -37.19 16.04
C LEU D 385 3.50 -38.39 15.91
N LEU D 386 2.26 -38.27 16.42
CA LEU D 386 1.30 -39.36 16.26
C LEU D 386 0.95 -39.58 14.80
N ASP D 387 0.70 -38.50 14.05
CA ASP D 387 0.40 -38.65 12.63
C ASP D 387 1.64 -39.12 11.86
N TYR D 388 2.83 -38.70 12.29
CA TYR D 388 4.05 -39.24 11.69
C TYR D 388 4.22 -40.72 12.05
N SER D 389 3.81 -41.11 13.26
CA SER D 389 3.86 -42.51 13.64
C SER D 389 2.92 -43.35 12.79
N ARG D 390 1.74 -42.81 12.48
CA ARG D 390 0.81 -43.53 11.61
C ARG D 390 1.46 -43.86 10.27
N ALA D 391 2.27 -42.94 9.74
CA ALA D 391 2.98 -43.22 8.49
C ALA D 391 4.02 -44.33 8.70
N SER D 392 4.69 -44.33 9.85
CA SER D 392 5.62 -45.40 10.15
C SER D 392 4.89 -46.71 10.39
N CYS D 393 3.75 -46.65 11.09
CA CYS D 393 2.99 -47.85 11.35
C CYS D 393 2.40 -48.43 10.08
N GLU D 394 2.17 -47.59 9.06
CA GLU D 394 1.64 -48.06 7.79
C GLU D 394 2.71 -48.60 6.85
N GLY D 395 3.97 -48.65 7.27
CA GLY D 395 5.00 -49.28 6.47
C GLY D 395 5.80 -48.36 5.59
N TYR D 396 5.59 -47.06 5.67
CA TYR D 396 6.35 -46.14 4.84
C TYR D 396 7.78 -46.03 5.36
N ASP D 397 8.72 -45.88 4.43
CA ASP D 397 10.15 -45.92 4.77
C ASP D 397 10.59 -44.57 5.33
N ILE D 398 10.09 -44.29 6.54
CA ILE D 398 10.48 -43.10 7.28
C ILE D 398 11.60 -43.49 8.23
N ARG D 399 12.59 -42.61 8.36
CA ARG D 399 13.80 -42.95 9.10
C ARG D 399 14.04 -42.10 10.34
N GLY D 400 13.47 -40.90 10.41
CA GLY D 400 13.76 -40.06 11.55
C GLY D 400 12.93 -38.79 11.55
N TYR D 401 13.23 -37.94 12.52
CA TYR D 401 12.48 -36.71 12.76
C TYR D 401 13.41 -35.72 13.43
N PHE D 402 13.54 -34.53 12.86
CA PHE D 402 14.36 -33.46 13.40
C PHE D 402 13.46 -32.29 13.79
N GLN D 403 13.40 -32.01 15.08
CA GLN D 403 12.54 -30.95 15.60
C GLN D 403 13.23 -29.60 15.43
N TRP D 404 12.59 -28.69 14.72
CA TRP D 404 13.07 -27.32 14.64
C TRP D 404 12.47 -26.51 15.78
N SER D 405 13.29 -25.70 16.45
CA SER D 405 14.74 -25.80 16.38
C SER D 405 15.26 -26.30 17.74
N LEU D 406 16.57 -26.43 17.86
CA LEU D 406 17.14 -26.77 19.17
C LEU D 406 16.97 -25.62 20.16
N MET D 407 17.25 -24.40 19.70
CA MET D 407 17.16 -23.22 20.55
C MET D 407 16.57 -22.08 19.74
N ASP D 408 15.99 -21.12 20.44
CA ASP D 408 15.48 -19.92 19.78
C ASP D 408 16.61 -19.21 19.05
N ASN D 409 16.31 -18.65 17.88
CA ASN D 409 17.34 -18.10 17.02
C ASN D 409 16.72 -17.01 16.14
N PHE D 410 17.49 -16.57 15.15
CA PHE D 410 17.09 -15.49 14.25
C PHE D 410 16.08 -16.05 13.25
N GLU D 411 14.84 -15.58 13.32
CA GLU D 411 13.78 -16.06 12.44
C GLU D 411 13.61 -15.14 11.23
N TRP D 412 14.73 -14.88 10.55
CA TRP D 412 14.76 -14.19 9.26
C TRP D 412 14.03 -12.86 9.29
N ARG D 413 12.99 -12.69 8.46
CA ARG D 413 12.27 -11.44 8.41
C ARG D 413 11.69 -11.07 9.78
N GLU D 414 11.41 -12.08 10.60
CA GLU D 414 10.78 -11.90 11.90
C GLU D 414 11.77 -11.54 13.00
N GLY D 415 13.06 -11.53 12.70
CA GLY D 415 14.07 -11.23 13.71
C GLY D 415 14.01 -12.22 14.86
N TYR D 416 14.18 -11.71 16.08
CA TYR D 416 14.10 -12.52 17.28
C TYR D 416 12.74 -12.41 17.95
N SER D 417 11.71 -12.01 17.20
CA SER D 417 10.36 -11.93 17.74
C SER D 417 9.62 -13.27 17.73
N LYS D 418 10.23 -14.31 17.16
CA LYS D 418 9.60 -15.63 17.10
C LYS D 418 10.57 -16.68 17.62
N ARG D 419 10.10 -17.50 18.56
CA ARG D 419 10.94 -18.46 19.27
C ARG D 419 10.51 -19.87 18.88
N PHE D 420 11.40 -20.60 18.19
CA PHE D 420 11.12 -21.94 17.70
C PHE D 420 11.82 -23.04 18.49
N GLY D 421 12.73 -22.70 19.40
CA GLY D 421 13.55 -23.71 20.02
C GLY D 421 12.90 -24.42 21.19
N MET D 422 13.46 -25.59 21.51
CA MET D 422 13.17 -26.27 22.77
C MET D 422 14.10 -25.81 23.88
N VAL D 423 15.05 -24.93 23.57
CA VAL D 423 15.91 -24.28 24.54
C VAL D 423 15.69 -22.78 24.44
N TYR D 424 15.39 -22.14 25.56
CA TYR D 424 15.21 -20.69 25.58
C TYR D 424 16.56 -20.00 25.57
N VAL D 425 16.64 -18.91 24.82
CA VAL D 425 17.87 -18.14 24.68
C VAL D 425 17.55 -16.68 24.94
N ASP D 426 18.12 -16.13 26.02
CA ASP D 426 18.09 -14.69 26.26
C ASP D 426 19.20 -14.07 25.42
N PHE D 427 18.84 -13.30 24.40
CA PHE D 427 19.80 -12.84 23.40
C PHE D 427 20.70 -11.71 23.88
N GLU D 428 20.54 -11.25 25.12
CA GLU D 428 21.46 -10.30 25.75
C GLU D 428 22.50 -11.01 26.62
N THR D 429 22.06 -11.84 27.57
CA THR D 429 22.99 -12.58 28.41
C THR D 429 23.51 -13.85 27.74
N GLN D 430 22.89 -14.29 26.63
CA GLN D 430 23.20 -15.54 25.95
C GLN D 430 22.98 -16.76 26.85
N LYS D 431 22.25 -16.59 27.94
CA LYS D 431 21.92 -17.70 28.82
C LYS D 431 20.90 -18.62 28.15
N ARG D 432 21.21 -19.91 28.10
CA ARG D 432 20.29 -20.91 27.58
C ARG D 432 19.56 -21.61 28.72
N THR D 433 18.28 -21.89 28.49
CA THR D 433 17.44 -22.59 29.46
C THR D 433 16.61 -23.63 28.72
N ILE D 434 16.75 -24.89 29.13
CA ILE D 434 15.96 -25.96 28.51
C ILE D 434 14.50 -25.78 28.89
N LYS D 435 13.63 -25.81 27.88
CA LYS D 435 12.20 -25.69 28.12
C LYS D 435 11.60 -27.02 28.55
N ASP D 436 10.38 -26.97 29.08
CA ASP D 436 9.66 -28.18 29.45
C ASP D 436 9.54 -29.13 28.27
N SER D 437 9.42 -28.60 27.05
CA SER D 437 9.37 -29.47 25.87
C SER D 437 10.71 -30.16 25.66
N GLY D 438 11.81 -29.53 26.05
CA GLY D 438 13.12 -30.16 25.89
C GLY D 438 13.28 -31.37 26.79
N TYR D 439 12.91 -31.25 28.06
CA TYR D 439 12.97 -32.40 28.95
C TYR D 439 11.92 -33.44 28.56
N TRP D 440 10.77 -32.98 28.07
CA TRP D 440 9.75 -33.90 27.56
C TRP D 440 10.25 -34.62 26.31
N TYR D 441 10.97 -33.91 25.42
CA TYR D 441 11.51 -34.55 24.23
C TYR D 441 12.60 -35.55 24.57
N LYS D 442 13.32 -35.33 25.68
CA LYS D 442 14.33 -36.28 26.13
C LYS D 442 13.69 -37.63 26.46
N LYS D 443 12.54 -37.61 27.13
CA LYS D 443 11.85 -38.86 27.45
C LYS D 443 11.33 -39.54 26.19
N VAL D 444 10.90 -38.76 25.18
CA VAL D 444 10.42 -39.34 23.93
C VAL D 444 11.52 -40.14 23.25
N ILE D 445 12.73 -39.59 23.23
CA ILE D 445 13.86 -40.30 22.65
C ILE D 445 14.16 -41.56 23.45
N GLU D 446 14.12 -41.45 24.78
CA GLU D 446 14.39 -42.60 25.63
C GLU D 446 13.33 -43.68 25.46
N GLU D 447 12.11 -43.29 25.14
CA GLU D 447 11.03 -44.24 24.88
C GLU D 447 10.84 -44.52 23.39
N ASN D 448 11.62 -43.88 22.52
CA ASN D 448 11.48 -44.02 21.07
C ASN D 448 10.04 -43.76 20.65
N GLY D 449 9.42 -42.77 21.28
CA GLY D 449 8.06 -42.42 20.94
C GLY D 449 6.99 -43.33 21.51
N GLU D 450 7.34 -44.23 22.42
CA GLU D 450 6.36 -45.11 23.03
C GLU D 450 5.63 -44.46 24.22
N ASN D 451 5.95 -43.20 24.55
CA ASN D 451 5.25 -42.48 25.61
C ASN D 451 4.23 -41.50 25.06
N LEU D 452 4.02 -41.48 23.74
CA LEU D 452 3.14 -40.50 23.12
C LEU D 452 1.66 -40.77 23.38
N LEU D 453 1.34 -41.52 24.43
CA LEU D 453 -0.05 -41.82 24.76
C LEU D 453 -0.37 -41.35 26.17
CA CA E . -40.41 20.97 6.24
CA CA F . 36.45 -26.97 -10.01
#